data_3BLZ
#
_entry.id   3BLZ
#
_cell.length_a   57.085
_cell.length_b   58.121
_cell.length_c   140.462
_cell.angle_alpha   80.930
_cell.angle_beta   78.430
_cell.angle_gamma   60.600
#
_symmetry.space_group_name_H-M   'P 1'
#
loop_
_entity.id
_entity.type
_entity.pdbx_description
1 polymer 'NTF2-like protein of unknown function'
2 non-polymer 1,2-ETHANEDIOL
3 non-polymer DI(HYDROXYETHYL)ETHER
4 water water
#
_entity_poly.entity_id   1
_entity_poly.type   'polypeptide(L)'
_entity_poly.pdbx_seq_one_letter_code
;G(MSE)TNTTYVQEYHAIVEVLSKYNEGGKKADSTI(MSE)RPAFSSQATIFGVDVDNKLTGGPIQGLFDVIDNVFHPSP
EAKAAIARIDIVGTAASARIDTDDISGFRFTDFFNLLKVEGKWTVVSKIYHTHPSA
;
_entity_poly.pdbx_strand_id   A,B,C,D,E,F,G,H,I,J,K,L
#
loop_
_chem_comp.id
_chem_comp.type
_chem_comp.name
_chem_comp.formula
EDO non-polymer 1,2-ETHANEDIOL 'C2 H6 O2'
PEG non-polymer DI(HYDROXYETHYL)ETHER 'C4 H10 O3'
#
# COMPACT_ATOMS: atom_id res chain seq x y z
N ASN A 4 38.85 3.88 20.35
CA ASN A 4 38.47 5.19 20.97
C ASN A 4 37.28 5.86 20.25
N THR A 5 36.38 6.46 21.04
CA THR A 5 35.14 7.04 20.53
C THR A 5 35.07 8.51 20.87
N THR A 6 34.22 9.24 20.16
CA THR A 6 34.05 10.67 20.41
C THR A 6 32.90 10.95 21.39
N TYR A 7 32.91 12.15 21.98
CA TYR A 7 31.78 12.63 22.81
C TYR A 7 30.48 12.42 22.01
N VAL A 8 30.49 12.86 20.76
CA VAL A 8 29.27 12.82 19.92
C VAL A 8 28.75 11.38 19.71
N GLN A 9 29.65 10.44 19.45
CA GLN A 9 29.28 9.03 19.32
C GLN A 9 28.66 8.45 20.58
N GLU A 10 29.26 8.75 21.73
CA GLU A 10 28.70 8.26 23.00
C GLU A 10 27.39 8.91 23.35
N TYR A 11 27.28 10.21 23.07
CA TYR A 11 26.04 10.94 23.25
C TYR A 11 24.91 10.28 22.48
N HIS A 12 25.10 10.02 21.19
N HIS A 12 25.14 10.03 21.19
CA HIS A 12 24.01 9.42 20.43
CA HIS A 12 24.17 9.32 20.34
C HIS A 12 23.69 7.99 20.92
C HIS A 12 23.71 8.04 21.02
N ALA A 13 24.67 7.23 21.44
CA ALA A 13 24.40 5.91 22.03
C ALA A 13 23.58 6.03 23.30
N ILE A 14 23.91 7.02 24.14
CA ILE A 14 23.19 7.23 25.38
C ILE A 14 21.74 7.72 25.09
N VAL A 15 21.56 8.63 24.14
CA VAL A 15 20.23 9.11 23.79
C VAL A 15 19.35 7.94 23.28
N GLU A 16 19.93 7.02 22.54
CA GLU A 16 19.17 5.85 22.11
C GLU A 16 18.63 5.05 23.33
N VAL A 17 19.41 4.97 24.40
CA VAL A 17 19.03 4.21 25.58
C VAL A 17 17.95 5.01 26.34
N LEU A 18 18.21 6.30 26.57
CA LEU A 18 17.26 7.17 27.29
C LEU A 18 15.95 7.42 26.55
N SER A 19 16.02 7.39 25.22
N SER A 19 15.97 7.38 25.22
CA SER A 19 14.85 7.37 24.33
CA SER A 19 14.74 7.46 24.43
C SER A 19 13.81 6.30 24.71
C SER A 19 13.76 6.28 24.69
N LYS A 20 14.30 5.11 25.04
CA LYS A 20 13.44 3.99 25.42
C LYS A 20 12.71 4.27 26.74
N TYR A 21 13.45 4.88 27.67
CA TYR A 21 12.89 5.36 28.93
C TYR A 21 11.77 6.36 28.68
N ASN A 22 12.05 7.36 27.85
CA ASN A 22 11.05 8.39 27.55
C ASN A 22 9.82 7.82 26.82
N GLU A 23 10.05 6.97 25.83
CA GLU A 23 8.95 6.24 25.15
C GLU A 23 8.11 5.32 26.08
N GLY A 24 8.76 4.50 26.91
CA GLY A 24 8.06 3.68 27.92
C GLY A 24 7.21 4.50 28.87
N GLY A 25 7.73 5.65 29.28
CA GLY A 25 7.01 6.58 30.17
C GLY A 25 5.75 7.12 29.51
N LYS A 26 5.92 7.63 28.29
CA LYS A 26 4.82 8.23 27.54
C LYS A 26 3.73 7.20 27.16
N LYS A 27 4.14 5.97 26.84
CA LYS A 27 3.21 4.92 26.44
C LYS A 27 2.67 4.15 27.67
N ALA A 28 3.23 4.44 28.85
CA ALA A 28 2.96 3.71 30.08
C ALA A 28 3.10 2.22 29.86
N ASP A 29 4.24 1.84 29.31
CA ASP A 29 4.58 0.45 29.02
C ASP A 29 6.02 0.19 29.46
N SER A 30 6.17 -0.54 30.55
CA SER A 30 7.48 -0.78 31.13
C SER A 30 8.36 -1.64 30.26
N THR A 31 7.74 -2.46 29.40
N THR A 31 7.78 -2.46 29.38
CA THR A 31 8.46 -3.35 28.47
CA THR A 31 8.62 -3.33 28.56
C THR A 31 9.40 -2.55 27.58
C THR A 31 9.42 -2.56 27.53
N ILE A 32 8.99 -1.34 27.19
CA ILE A 32 9.76 -0.50 26.27
C ILE A 32 11.00 0.05 26.97
N MSE A 33 10.85 0.44 28.25
CA MSE A 33 11.96 1.04 29.04
C MSE A 33 12.88 0.06 29.72
O MSE A 33 14.01 0.42 30.06
CB MSE A 33 11.48 2.04 30.09
CG MSE A 33 10.48 1.51 31.07
SE MSE A 33 10.37 2.68 32.62
CE MSE A 33 9.63 4.32 31.88
N ARG A 34 12.38 -1.15 29.98
CA ARG A 34 13.16 -2.14 30.70
C ARG A 34 14.60 -2.32 30.18
N PRO A 35 14.78 -2.46 28.86
CA PRO A 35 16.15 -2.61 28.32
C PRO A 35 17.16 -1.48 28.63
N ALA A 36 16.68 -0.30 28.99
CA ALA A 36 17.53 0.82 29.37
C ALA A 36 18.23 0.61 30.72
N PHE A 37 17.68 -0.29 31.53
CA PHE A 37 18.11 -0.44 32.92
C PHE A 37 18.86 -1.74 33.17
N SER A 38 19.94 -1.62 33.91
CA SER A 38 20.59 -2.76 34.52
C SER A 38 19.64 -3.51 35.43
N SER A 39 19.82 -4.84 35.53
CA SER A 39 19.07 -5.58 36.54
C SER A 39 19.35 -5.09 37.97
N GLN A 40 20.51 -4.44 38.15
CA GLN A 40 20.99 -3.95 39.43
C GLN A 40 20.55 -2.51 39.70
N ALA A 41 19.76 -1.96 38.80
CA ALA A 41 19.37 -0.54 38.93
C ALA A 41 18.43 -0.30 40.14
N THR A 42 18.51 0.93 40.64
CA THR A 42 17.64 1.38 41.70
C THR A 42 16.91 2.64 41.24
N ILE A 43 15.78 2.90 41.89
CA ILE A 43 15.00 4.15 41.69
C ILE A 43 14.70 4.69 43.07
N PHE A 44 14.95 5.97 43.28
CA PHE A 44 14.64 6.66 44.51
C PHE A 44 14.14 8.07 44.31
N GLY A 45 13.26 8.47 45.21
CA GLY A 45 12.81 9.82 45.37
C GLY A 45 12.46 10.02 46.85
N VAL A 46 11.82 11.16 47.11
CA VAL A 46 11.36 11.55 48.42
C VAL A 46 9.84 11.70 48.35
N ASP A 47 9.15 11.14 49.34
CA ASP A 47 7.69 11.16 49.37
C ASP A 47 7.20 12.47 50.01
N VAL A 48 5.87 12.59 50.13
CA VAL A 48 5.21 13.79 50.66
C VAL A 48 5.63 14.10 52.11
N ASP A 49 6.04 13.09 52.85
CA ASP A 49 6.61 13.26 54.22
C ASP A 49 8.12 13.43 54.25
N ASN A 50 8.72 13.66 53.08
CA ASN A 50 10.17 13.86 52.95
C ASN A 50 11.03 12.64 53.26
N LYS A 51 10.40 11.46 53.20
CA LYS A 51 11.08 10.21 53.46
C LYS A 51 11.56 9.58 52.17
N LEU A 52 12.66 8.84 52.25
CA LEU A 52 13.21 8.14 51.09
C LEU A 52 12.21 7.10 50.63
N THR A 53 11.96 7.08 49.34
CA THR A 53 11.03 6.10 48.78
C THR A 53 11.61 5.48 47.52
N GLY A 54 11.53 4.16 47.44
CA GLY A 54 11.97 3.45 46.25
C GLY A 54 12.71 2.19 46.60
N GLY A 55 13.65 1.83 45.73
CA GLY A 55 14.31 0.54 45.86
C GLY A 55 14.65 -0.04 44.52
N PRO A 56 14.46 -1.36 44.38
CA PRO A 56 14.69 -2.02 43.08
C PRO A 56 13.93 -1.36 41.91
N ILE A 57 14.59 -1.34 40.75
CA ILE A 57 13.99 -0.76 39.56
C ILE A 57 12.61 -1.36 39.19
N GLN A 58 12.36 -2.63 39.54
CA GLN A 58 11.03 -3.20 39.30
C GLN A 58 9.90 -2.33 39.87
N GLY A 59 10.15 -1.65 40.99
CA GLY A 59 9.23 -0.63 41.52
C GLY A 59 8.81 0.47 40.57
N LEU A 60 9.75 0.94 39.75
CA LEU A 60 9.44 1.86 38.65
C LEU A 60 8.51 1.18 37.58
N PHE A 61 8.88 -0.01 37.14
CA PHE A 61 8.11 -0.73 36.13
C PHE A 61 6.68 -1.01 36.62
N ASP A 62 6.54 -1.32 37.90
CA ASP A 62 5.24 -1.48 38.58
C ASP A 62 4.38 -0.21 38.52
N VAL A 63 4.97 0.95 38.85
CA VAL A 63 4.24 2.22 38.80
C VAL A 63 3.84 2.58 37.37
N ILE A 64 4.76 2.38 36.45
CA ILE A 64 4.51 2.64 35.04
C ILE A 64 3.36 1.76 34.52
N ASP A 65 3.37 0.49 34.87
CA ASP A 65 2.41 -0.45 34.34
C ASP A 65 1.03 -0.37 35.01
N ASN A 66 1.03 -0.09 36.30
CA ASN A 66 -0.18 -0.14 37.11
C ASN A 66 -0.82 1.20 37.46
N VAL A 67 -0.03 2.27 37.45
CA VAL A 67 -0.49 3.58 37.93
C VAL A 67 -0.57 4.61 36.80
N PHE A 68 0.41 4.64 35.92
CA PHE A 68 0.43 5.62 34.86
C PHE A 68 -0.60 5.24 33.78
N HIS A 69 -0.95 6.28 33.03
CA HIS A 69 -1.81 6.21 31.86
C HIS A 69 -0.99 6.67 30.70
N PRO A 70 -1.29 6.14 29.49
CA PRO A 70 -0.61 6.70 28.30
C PRO A 70 -0.79 8.21 28.19
N SER A 71 0.29 8.91 27.84
CA SER A 71 0.30 10.36 27.90
C SER A 71 0.72 10.93 26.56
N PRO A 72 -0.22 11.00 25.61
CA PRO A 72 0.15 11.48 24.28
C PRO A 72 0.78 12.87 24.24
N GLU A 73 0.49 13.73 25.21
CA GLU A 73 1.02 15.10 25.21
C GLU A 73 2.30 15.27 26.05
N ALA A 74 2.88 14.17 26.54
CA ALA A 74 4.11 14.25 27.34
C ALA A 74 5.23 14.70 26.47
N LYS A 75 6.07 15.56 27.01
CA LYS A 75 7.21 16.12 26.29
C LYS A 75 8.42 16.07 27.23
N ALA A 76 9.51 15.49 26.74
CA ALA A 76 10.73 15.27 27.52
C ALA A 76 11.87 16.08 26.92
N ALA A 77 12.80 16.53 27.76
CA ALA A 77 13.97 17.23 27.29
C ALA A 77 15.14 16.52 27.95
N ILE A 78 16.11 16.07 27.16
CA ILE A 78 17.34 15.56 27.71
C ILE A 78 18.27 16.78 27.90
N ALA A 79 18.17 17.35 29.10
CA ALA A 79 18.77 18.64 29.45
C ALA A 79 20.30 18.60 29.39
N ARG A 80 20.86 17.45 29.78
CA ARG A 80 22.32 17.32 29.95
C ARG A 80 22.71 15.85 29.93
N ILE A 81 23.80 15.59 29.21
CA ILE A 81 24.55 14.33 29.35
C ILE A 81 25.99 14.65 29.55
N ASP A 82 26.53 14.34 30.74
CA ASP A 82 27.96 14.38 31.02
C ASP A 82 28.56 12.99 30.79
N ILE A 83 29.62 12.90 29.98
CA ILE A 83 30.24 11.62 29.70
C ILE A 83 31.72 11.66 29.97
N VAL A 84 32.18 10.75 30.83
CA VAL A 84 33.60 10.58 31.09
C VAL A 84 33.95 9.09 31.05
N GLY A 85 34.63 8.68 29.98
CA GLY A 85 34.94 7.29 29.70
C GLY A 85 33.74 6.35 29.73
N THR A 86 33.73 5.46 30.73
CA THR A 86 32.73 4.43 30.89
C THR A 86 31.55 4.85 31.75
N ALA A 87 31.58 6.11 32.26
CA ALA A 87 30.59 6.67 33.15
C ALA A 87 29.88 7.89 32.53
N ALA A 88 28.62 8.06 32.85
CA ALA A 88 27.86 9.18 32.35
C ALA A 88 26.75 9.54 33.31
N SER A 89 26.39 10.80 33.33
N SER A 89 26.35 10.80 33.27
CA SER A 89 25.21 11.20 34.00
CA SER A 89 25.27 11.30 34.10
C SER A 89 24.32 11.98 33.04
C SER A 89 24.34 12.18 33.26
N ALA A 90 23.03 11.90 33.30
CA ALA A 90 22.07 12.54 32.46
C ALA A 90 20.97 13.14 33.32
N ARG A 91 20.45 14.25 32.84
CA ARG A 91 19.25 14.92 33.35
C ARG A 91 18.14 14.89 32.28
N ILE A 92 16.96 14.40 32.69
CA ILE A 92 15.76 14.47 31.86
C ILE A 92 14.63 15.18 32.57
N ASP A 93 14.08 16.21 31.92
CA ASP A 93 12.90 16.92 32.37
C ASP A 93 11.69 16.50 31.50
N THR A 94 10.55 16.22 32.13
CA THR A 94 9.33 15.74 31.43
C THR A 94 8.15 16.52 31.99
N ASP A 95 7.37 17.08 31.07
CA ASP A 95 6.09 17.70 31.34
C ASP A 95 4.95 16.76 30.92
N ASP A 96 3.88 16.82 31.70
CA ASP A 96 2.57 16.26 31.33
C ASP A 96 2.63 14.75 31.12
N ILE A 97 3.27 14.08 32.07
CA ILE A 97 3.37 12.64 32.01
C ILE A 97 2.46 12.10 33.10
N SER A 98 1.32 11.56 32.67
N SER A 98 1.35 11.51 32.69
CA SER A 98 0.30 11.04 33.58
CA SER A 98 0.31 11.02 33.62
C SER A 98 -0.05 12.04 34.69
C SER A 98 -0.05 12.05 34.71
N GLY A 99 -0.17 13.31 34.32
CA GLY A 99 -0.52 14.38 35.25
C GLY A 99 0.66 14.96 36.04
N PHE A 100 1.86 14.42 35.80
CA PHE A 100 3.05 14.83 36.54
C PHE A 100 4.06 15.65 35.69
N ARG A 101 4.88 16.45 36.40
CA ARG A 101 6.07 17.07 35.82
C ARG A 101 7.24 16.57 36.66
N PHE A 102 8.26 16.01 36.03
CA PHE A 102 9.43 15.48 36.72
C PHE A 102 10.75 16.09 36.26
N THR A 103 11.74 16.06 37.17
CA THR A 103 13.14 16.13 36.78
C THR A 103 13.77 14.85 37.27
N ASP A 104 14.44 14.16 36.33
CA ASP A 104 15.10 12.89 36.63
C ASP A 104 16.62 13.04 36.45
N PHE A 105 17.37 12.37 37.31
CA PHE A 105 18.83 12.28 37.21
C PHE A 105 19.20 10.80 37.13
N PHE A 106 20.00 10.47 36.11
CA PHE A 106 20.45 9.13 35.83
C PHE A 106 21.95 8.98 35.91
N ASN A 107 22.40 7.88 36.52
CA ASN A 107 23.78 7.43 36.45
C ASN A 107 23.78 6.24 35.51
N LEU A 108 24.67 6.30 34.53
CA LEU A 108 24.83 5.29 33.50
C LEU A 108 26.27 4.83 33.41
N LEU A 109 26.45 3.57 33.00
CA LEU A 109 27.78 2.99 32.78
C LEU A 109 27.77 2.23 31.46
N LYS A 110 28.92 2.18 30.82
CA LYS A 110 29.04 1.51 29.55
C LYS A 110 29.53 0.09 29.85
N VAL A 111 28.58 -0.83 29.88
CA VAL A 111 28.86 -2.23 30.29
C VAL A 111 28.90 -3.10 29.06
N GLU A 112 30.02 -3.80 28.86
N GLU A 112 30.02 -3.82 28.91
CA GLU A 112 30.17 -4.69 27.70
CA GLU A 112 30.33 -4.61 27.70
C GLU A 112 29.80 -3.96 26.38
C GLU A 112 29.81 -3.96 26.42
N GLY A 113 30.22 -2.70 26.24
CA GLY A 113 29.97 -1.95 25.02
C GLY A 113 28.64 -1.25 24.88
N LYS A 114 27.75 -1.38 25.87
CA LYS A 114 26.42 -0.80 25.83
C LYS A 114 26.14 -0.03 27.12
N TRP A 115 25.62 1.17 26.95
CA TRP A 115 25.26 2.04 28.05
C TRP A 115 24.00 1.51 28.77
N THR A 116 24.05 1.56 30.09
CA THR A 116 22.96 1.04 30.92
C THR A 116 22.76 1.94 32.15
N VAL A 117 21.49 2.17 32.50
CA VAL A 117 21.15 2.93 33.69
C VAL A 117 21.32 2.08 34.93
N VAL A 118 22.10 2.56 35.88
CA VAL A 118 22.22 1.86 37.18
C VAL A 118 21.51 2.59 38.33
N SER A 119 21.21 3.87 38.14
CA SER A 119 20.44 4.63 39.15
C SER A 119 19.61 5.72 38.51
N LYS A 120 18.33 5.76 38.86
CA LYS A 120 17.48 6.91 38.55
C LYS A 120 17.02 7.54 39.87
N ILE A 121 17.10 8.85 39.96
CA ILE A 121 16.37 9.58 41.03
C ILE A 121 15.51 10.65 40.39
N TYR A 122 14.53 11.15 41.12
CA TYR A 122 13.62 12.13 40.57
C TYR A 122 13.14 13.08 41.64
N HIS A 123 12.74 14.25 41.14
CA HIS A 123 11.93 15.19 41.86
C HIS A 123 10.62 15.40 41.12
N THR A 124 9.52 15.37 41.87
CA THR A 124 8.17 15.60 41.35
C THR A 124 7.86 17.09 41.63
N HIS A 125 7.61 17.83 40.56
CA HIS A 125 7.36 19.27 40.68
C HIS A 125 5.91 19.48 41.17
N PRO A 126 5.67 20.59 41.88
CA PRO A 126 4.31 20.81 42.38
C PRO A 126 3.34 20.97 41.23
N SER A 127 2.10 20.52 41.43
CA SER A 127 1.10 20.48 40.34
C SER A 127 0.70 21.87 39.87
N ASN B 4 11.48 27.56 49.70
CA ASN B 4 12.09 28.59 50.57
C ASN B 4 13.57 28.33 50.90
N THR B 5 14.27 27.65 49.99
N THR B 5 14.29 27.69 49.98
CA THR B 5 15.73 27.58 50.03
CA THR B 5 15.75 27.61 50.07
C THR B 5 16.22 28.16 48.71
C THR B 5 16.33 27.96 48.70
N THR B 6 17.42 28.72 48.70
CA THR B 6 18.01 29.20 47.47
C THR B 6 18.93 28.13 46.92
N TYR B 7 19.33 28.25 45.65
N TYR B 7 19.33 28.29 45.67
CA TYR B 7 20.34 27.34 45.05
CA TYR B 7 20.30 27.43 45.04
C TYR B 7 21.63 27.39 45.88
C TYR B 7 21.61 27.40 45.85
N VAL B 8 22.08 28.58 46.22
CA VAL B 8 23.32 28.73 47.03
C VAL B 8 23.22 27.99 48.38
N GLN B 9 22.12 28.19 49.08
CA GLN B 9 21.92 27.44 50.34
C GLN B 9 21.99 25.93 50.17
N GLU B 10 21.31 25.40 49.14
CA GLU B 10 21.33 23.95 48.92
C GLU B 10 22.70 23.42 48.48
N TYR B 11 23.35 24.21 47.62
CA TYR B 11 24.68 23.89 47.16
C TYR B 11 25.61 23.71 48.36
N HIS B 12 25.58 24.65 49.27
CA HIS B 12 26.49 24.58 50.42
C HIS B 12 26.17 23.41 51.32
N ALA B 13 24.89 23.08 51.43
CA ALA B 13 24.48 21.89 52.16
C ALA B 13 25.02 20.60 51.52
N ILE B 14 24.86 20.46 50.20
CA ILE B 14 25.38 19.33 49.47
C ILE B 14 26.92 19.24 49.52
N VAL B 15 27.59 20.38 49.40
CA VAL B 15 29.06 20.38 49.55
C VAL B 15 29.52 19.87 50.93
N GLU B 16 28.81 20.23 52.00
CA GLU B 16 29.08 19.69 53.35
C GLU B 16 29.02 18.16 53.35
N VAL B 17 28.03 17.59 52.66
CA VAL B 17 27.90 16.15 52.52
C VAL B 17 29.01 15.55 51.68
N LEU B 18 29.24 16.08 50.48
CA LEU B 18 30.27 15.60 49.57
C LEU B 18 31.69 15.76 50.13
N SER B 19 31.88 16.77 50.96
CA SER B 19 33.15 16.99 51.67
C SER B 19 33.54 15.77 52.52
N LYS B 20 32.55 15.15 53.18
CA LYS B 20 32.82 13.97 54.02
C LYS B 20 33.33 12.80 53.18
N TYR B 21 32.75 12.62 52.00
CA TYR B 21 33.24 11.65 51.04
C TYR B 21 34.71 11.95 50.59
N ASN B 22 34.99 13.19 50.23
CA ASN B 22 36.34 13.59 49.81
C ASN B 22 37.34 13.41 50.94
N GLU B 23 36.95 13.88 52.14
CA GLU B 23 37.78 13.77 53.35
C GLU B 23 38.03 12.30 53.72
N GLY B 24 36.95 11.50 53.76
CA GLY B 24 37.03 10.06 54.07
C GLY B 24 37.92 9.30 53.09
N GLY B 25 37.90 9.69 51.83
CA GLY B 25 38.76 9.04 50.84
C GLY B 25 40.23 9.42 50.99
N LYS B 26 40.49 10.70 51.26
CA LYS B 26 41.87 11.20 51.43
C LYS B 26 42.50 10.70 52.73
N LYS B 27 41.68 10.52 53.76
CA LYS B 27 42.13 9.95 55.02
C LYS B 27 42.06 8.44 55.07
N ALA B 28 41.56 7.79 54.01
CA ALA B 28 41.34 6.35 53.94
C ALA B 28 40.63 5.85 55.18
N ASP B 29 39.52 6.50 55.48
CA ASP B 29 38.75 6.27 56.71
C ASP B 29 37.26 6.27 56.35
N SER B 30 36.67 5.07 56.24
CA SER B 30 35.25 4.94 55.88
C SER B 30 34.29 5.60 56.90
N THR B 31 34.73 5.73 58.15
N THR B 31 34.71 5.76 58.14
CA THR B 31 33.91 6.31 59.23
CA THR B 31 33.84 6.29 59.18
C THR B 31 33.53 7.76 58.94
C THR B 31 33.53 7.77 58.96
N ILE B 32 34.45 8.48 58.30
CA ILE B 32 34.23 9.89 57.96
C ILE B 32 33.21 10.05 56.84
N MSE B 33 33.28 9.19 55.83
CA MSE B 33 32.36 9.26 54.67
C MSE B 33 31.02 8.59 54.87
O MSE B 33 30.08 8.91 54.17
CB MSE B 33 32.99 8.74 53.39
CG MSE B 33 33.34 7.28 53.39
SE MSE B 33 33.69 6.67 51.60
CE MSE B 33 35.42 7.58 51.28
N ARG B 34 30.93 7.65 55.81
CA ARG B 34 29.70 6.90 56.01
C ARG B 34 28.44 7.77 56.16
N PRO B 35 28.47 8.84 56.96
CA PRO B 35 27.29 9.72 57.10
C PRO B 35 26.74 10.34 55.80
N ALA B 36 27.53 10.35 54.74
CA ALA B 36 27.15 10.96 53.46
C ALA B 36 26.18 10.09 52.64
N PHE B 37 26.07 8.80 52.98
CA PHE B 37 25.42 7.84 52.16
C PHE B 37 24.21 7.28 52.87
N SER B 38 23.13 7.11 52.11
CA SER B 38 22.02 6.34 52.55
C SER B 38 22.43 4.84 52.78
N SER B 39 21.78 4.13 53.71
CA SER B 39 22.07 2.71 53.91
C SER B 39 21.78 1.91 52.63
N GLN B 40 20.89 2.44 51.81
CA GLN B 40 20.46 1.79 50.57
C GLN B 40 21.27 2.22 49.34
N ALA B 41 22.33 2.99 49.55
CA ALA B 41 23.22 3.47 48.44
C ALA B 41 23.92 2.29 47.77
N THR B 42 24.19 2.48 46.48
CA THR B 42 24.99 1.58 45.70
C THR B 42 26.21 2.30 45.10
N ILE B 43 27.23 1.49 44.78
CA ILE B 43 28.40 1.95 44.04
C ILE B 43 28.62 1.03 42.86
N PHE B 44 28.78 1.60 41.66
CA PHE B 44 29.08 0.82 40.47
C PHE B 44 30.13 1.47 39.57
N GLY B 45 30.89 0.60 38.94
CA GLY B 45 31.74 0.97 37.85
C GLY B 45 31.88 -0.23 36.93
N VAL B 46 32.87 -0.15 36.05
CA VAL B 46 33.11 -1.16 35.00
C VAL B 46 34.54 -1.68 35.24
N ASP B 47 34.72 -3.00 35.24
CA ASP B 47 36.04 -3.59 35.46
C ASP B 47 36.83 -3.68 34.13
N VAL B 48 38.07 -4.18 34.21
CA VAL B 48 38.94 -4.30 33.03
C VAL B 48 38.36 -5.14 31.87
N ASP B 49 37.41 -6.03 32.18
CA ASP B 49 36.69 -6.81 31.16
C ASP B 49 35.38 -6.16 30.71
N ASN B 50 35.23 -4.89 31.06
CA ASN B 50 34.05 -4.08 30.74
C ASN B 50 32.77 -4.59 31.43
N LYS B 51 32.92 -5.31 32.53
CA LYS B 51 31.77 -5.84 33.21
C LYS B 51 31.40 -4.96 34.39
N LEU B 52 30.11 -4.93 34.70
CA LEU B 52 29.61 -4.18 35.83
C LEU B 52 30.20 -4.73 37.11
N THR B 53 30.70 -3.83 37.95
CA THR B 53 31.32 -4.19 39.20
C THR B 53 30.86 -3.27 40.29
N GLY B 54 30.41 -3.85 41.38
CA GLY B 54 30.00 -3.09 42.54
C GLY B 54 28.82 -3.74 43.23
N GLY B 55 27.98 -2.91 43.85
CA GLY B 55 26.88 -3.38 44.68
C GLY B 55 26.59 -2.41 45.82
N PRO B 56 26.18 -2.95 46.99
CA PRO B 56 25.86 -2.17 48.20
C PRO B 56 27.04 -1.26 48.56
N ILE B 57 26.75 -0.04 49.00
CA ILE B 57 27.83 0.93 49.36
C ILE B 57 28.87 0.43 50.41
N GLN B 58 28.47 -0.53 51.24
CA GLN B 58 29.44 -1.17 52.16
C GLN B 58 30.72 -1.62 51.44
N GLY B 59 30.59 -2.05 50.19
CA GLY B 59 31.74 -2.41 49.40
C GLY B 59 32.75 -1.29 49.20
N LEU B 60 32.25 -0.06 49.05
CA LEU B 60 33.10 1.11 48.99
C LEU B 60 33.88 1.30 50.29
N PHE B 61 33.17 1.22 51.40
CA PHE B 61 33.76 1.39 52.72
C PHE B 61 34.85 0.35 52.97
N ASP B 62 34.62 -0.89 52.52
CA ASP B 62 35.63 -1.95 52.63
C ASP B 62 36.92 -1.65 51.84
N VAL B 63 36.78 -1.19 50.61
CA VAL B 63 37.90 -0.75 49.79
C VAL B 63 38.65 0.44 50.43
N ILE B 64 37.94 1.45 50.93
CA ILE B 64 38.58 2.56 51.64
C ILE B 64 39.37 2.04 52.83
N ASP B 65 38.82 1.10 53.60
CA ASP B 65 39.41 0.70 54.87
C ASP B 65 40.52 -0.34 54.70
N ASN B 66 40.42 -1.13 53.65
CA ASN B 66 41.30 -2.28 53.43
C ASN B 66 42.24 -2.13 52.23
N VAL B 67 41.99 -1.19 51.32
CA VAL B 67 42.84 -1.06 50.13
C VAL B 67 43.57 0.29 50.08
N PHE B 68 42.84 1.37 50.34
CA PHE B 68 43.39 2.73 50.27
C PHE B 68 44.24 3.03 51.51
N HIS B 69 45.15 3.99 51.35
N HIS B 69 45.14 4.01 51.34
CA HIS B 69 45.95 4.52 52.45
CA HIS B 69 45.98 4.55 52.40
C HIS B 69 45.82 6.05 52.43
C HIS B 69 45.78 6.06 52.42
N PRO B 70 46.12 6.72 53.55
CA PRO B 70 46.02 8.20 53.56
C PRO B 70 46.83 8.82 52.41
N SER B 71 46.19 9.73 51.68
CA SER B 71 46.77 10.34 50.49
C SER B 71 46.77 11.83 50.68
N PRO B 72 47.73 12.37 51.45
CA PRO B 72 47.74 13.81 51.66
C PRO B 72 47.82 14.66 50.38
N GLU B 73 48.38 14.12 49.29
CA GLU B 73 48.45 14.84 48.02
C GLU B 73 47.13 14.81 47.19
N ALA B 74 46.14 14.03 47.63
CA ALA B 74 44.87 13.89 46.91
C ALA B 74 44.20 15.25 46.74
N LYS B 75 43.78 15.52 45.51
CA LYS B 75 43.12 16.78 45.17
C LYS B 75 41.76 16.47 44.52
N ALA B 76 40.68 16.98 45.12
CA ALA B 76 39.31 16.79 44.63
C ALA B 76 38.69 18.09 44.13
N ALA B 77 37.90 17.98 43.06
CA ALA B 77 37.17 19.11 42.49
C ALA B 77 35.70 18.70 42.33
N ILE B 78 34.81 19.44 43.00
CA ILE B 78 33.41 19.24 42.83
C ILE B 78 33.06 20.05 41.59
N ALA B 79 33.15 19.36 40.45
CA ALA B 79 33.03 19.97 39.13
C ALA B 79 31.64 20.58 38.85
N ARG B 80 30.62 19.95 39.37
CA ARG B 80 29.24 20.36 39.07
C ARG B 80 28.30 19.85 40.16
N ILE B 81 27.34 20.68 40.55
CA ILE B 81 26.18 20.18 41.33
C ILE B 81 24.95 20.76 40.66
N ASP B 82 24.06 19.89 40.18
CA ASP B 82 22.80 20.30 39.57
C ASP B 82 21.77 20.05 40.61
N ILE B 83 20.92 21.01 40.94
CA ILE B 83 19.96 20.86 42.05
C ILE B 83 18.57 21.23 41.53
N VAL B 84 17.61 20.31 41.71
CA VAL B 84 16.20 20.58 41.38
C VAL B 84 15.35 20.03 42.50
N GLY B 85 14.83 20.94 43.32
CA GLY B 85 13.99 20.52 44.45
C GLY B 85 14.71 19.62 45.42
N THR B 86 14.17 18.42 45.61
CA THR B 86 14.67 17.37 46.49
C THR B 86 15.73 16.46 45.85
N ALA B 87 16.09 16.71 44.61
CA ALA B 87 17.03 15.86 43.88
C ALA B 87 18.26 16.65 43.41
N ALA B 88 19.42 16.00 43.39
CA ALA B 88 20.64 16.61 42.93
C ALA B 88 21.56 15.59 42.30
N SER B 89 22.36 16.11 41.38
N SER B 89 22.38 16.08 41.37
CA SER B 89 23.40 15.33 40.77
CA SER B 89 23.41 15.24 40.78
C SER B 89 24.69 16.07 41.02
C SER B 89 24.73 15.99 40.77
N ALA B 90 25.77 15.32 41.24
CA ALA B 90 27.09 15.93 41.38
C ALA B 90 28.15 15.13 40.59
N ARG B 91 29.16 15.84 40.17
CA ARG B 91 30.37 15.24 39.57
C ARG B 91 31.55 15.68 40.42
N ILE B 92 32.40 14.73 40.78
CA ILE B 92 33.62 14.98 41.55
C ILE B 92 34.75 14.29 40.80
N ASP B 93 35.80 15.03 40.51
CA ASP B 93 37.07 14.51 39.96
C ASP B 93 38.15 14.52 41.02
N THR B 94 38.84 13.41 41.19
CA THR B 94 39.88 13.29 42.20
C THR B 94 41.20 12.82 41.56
N ASP B 95 42.28 13.53 41.85
CA ASP B 95 43.63 13.21 41.38
C ASP B 95 44.41 12.60 42.56
N ASP B 96 45.24 11.58 42.29
CA ASP B 96 46.26 11.10 43.23
C ASP B 96 45.68 10.63 44.55
N ILE B 97 44.66 9.80 44.42
CA ILE B 97 44.02 9.22 45.59
C ILE B 97 44.39 7.74 45.62
N SER B 98 45.27 7.40 46.57
CA SER B 98 45.85 6.03 46.67
C SER B 98 46.30 5.48 45.31
N GLY B 99 46.96 6.34 44.52
CA GLY B 99 47.51 5.98 43.20
C GLY B 99 46.53 6.05 42.05
N PHE B 100 45.32 6.53 42.32
CA PHE B 100 44.25 6.57 41.32
C PHE B 100 43.82 8.00 40.97
N ARG B 101 43.22 8.11 39.80
CA ARG B 101 42.54 9.26 39.26
C ARG B 101 41.12 8.82 38.88
N PHE B 102 40.10 9.45 39.45
CA PHE B 102 38.70 9.08 39.20
C PHE B 102 37.85 10.23 38.75
N THR B 103 36.77 9.94 38.01
CA THR B 103 35.63 10.83 37.86
C THR B 103 34.44 10.07 38.45
N ASP B 104 33.75 10.71 39.39
CA ASP B 104 32.60 10.14 40.14
C ASP B 104 31.36 10.96 39.78
N PHE B 105 30.25 10.27 39.59
CA PHE B 105 28.96 10.89 39.49
C PHE B 105 28.09 10.38 40.62
N PHE B 106 27.40 11.32 41.27
CA PHE B 106 26.57 11.03 42.41
C PHE B 106 25.12 11.46 42.19
N ASN B 107 24.19 10.61 42.61
CA ASN B 107 22.78 10.98 42.76
C ASN B 107 22.49 11.20 44.24
N LEU B 108 21.94 12.36 44.57
CA LEU B 108 21.56 12.69 45.94
C LEU B 108 20.09 13.08 46.05
N LEU B 109 19.49 12.76 47.21
CA LEU B 109 18.15 13.19 47.62
C LEU B 109 18.16 13.92 48.97
N LYS B 110 17.27 14.91 49.11
CA LYS B 110 17.12 15.67 50.36
C LYS B 110 16.04 14.95 51.18
N VAL B 111 16.50 14.12 52.10
CA VAL B 111 15.65 13.21 52.87
C VAL B 111 15.56 13.78 54.27
N GLU B 112 14.34 14.06 54.71
CA GLU B 112 14.06 14.58 56.05
C GLU B 112 14.97 15.79 56.37
N GLY B 113 15.10 16.65 55.37
CA GLY B 113 15.83 17.90 55.45
C GLY B 113 17.33 17.78 55.28
N LYS B 114 17.84 16.60 54.99
CA LYS B 114 19.26 16.41 54.86
C LYS B 114 19.61 15.67 53.57
N TRP B 115 20.58 16.20 52.85
CA TRP B 115 21.03 15.62 51.59
C TRP B 115 21.77 14.33 51.85
N THR B 116 21.54 13.30 51.04
CA THR B 116 22.18 12.00 51.19
C THR B 116 22.42 11.38 49.80
N VAL B 117 23.53 10.68 49.68
CA VAL B 117 23.87 9.98 48.42
C VAL B 117 23.18 8.62 48.36
N VAL B 118 22.48 8.37 47.26
CA VAL B 118 21.86 7.08 46.99
C VAL B 118 22.58 6.29 45.88
N SER B 119 23.41 6.96 45.06
CA SER B 119 24.21 6.24 44.06
C SER B 119 25.49 6.98 43.73
N LYS B 120 26.58 6.22 43.71
CA LYS B 120 27.85 6.67 43.17
C LYS B 120 28.23 5.74 42.03
N ILE B 121 28.63 6.33 40.91
CA ILE B 121 29.34 5.59 39.87
C ILE B 121 30.66 6.29 39.59
N TYR B 122 31.57 5.59 38.94
CA TYR B 122 32.89 6.15 38.69
C TYR B 122 33.46 5.61 37.42
N HIS B 123 34.41 6.39 36.89
CA HIS B 123 35.34 5.96 35.89
C HIS B 123 36.74 6.14 36.46
N THR B 124 37.54 5.09 36.32
CA THR B 124 38.96 5.10 36.67
C THR B 124 39.78 5.51 35.43
N HIS B 125 40.53 6.60 35.53
CA HIS B 125 41.34 7.08 34.44
C HIS B 125 42.63 6.28 34.42
N PRO B 126 43.22 6.09 33.22
CA PRO B 126 44.44 5.27 33.08
C PRO B 126 45.68 5.85 33.77
N SER B 127 46.73 5.03 33.81
CA SER B 127 48.12 5.47 34.13
C SER B 127 48.24 6.13 35.51
N ASN C 4 50.86 17.56 29.92
CA ASN C 4 49.39 17.79 29.80
C ASN C 4 48.69 17.86 31.18
N THR C 5 47.59 18.60 31.25
CA THR C 5 46.96 18.96 32.52
C THR C 5 45.69 18.15 32.79
N THR C 6 45.34 17.99 34.05
CA THR C 6 44.16 17.25 34.39
C THR C 6 42.99 18.18 34.55
N TYR C 7 41.82 17.58 34.66
N TYR C 7 41.78 17.60 34.63
CA TYR C 7 40.60 18.31 34.92
CA TYR C 7 40.58 18.39 34.91
C TYR C 7 40.70 19.07 36.25
C TYR C 7 40.74 19.11 36.24
N VAL C 8 41.19 18.39 37.28
CA VAL C 8 41.32 19.00 38.65
C VAL C 8 42.25 20.22 38.62
N GLN C 9 43.34 20.08 37.90
CA GLN C 9 44.31 21.18 37.77
C GLN C 9 43.69 22.37 37.07
N GLU C 10 43.01 22.14 35.94
CA GLU C 10 42.35 23.25 35.23
C GLU C 10 41.20 23.84 36.04
N TYR C 11 40.46 22.98 36.73
CA TYR C 11 39.41 23.41 37.65
C TYR C 11 39.93 24.39 38.71
N HIS C 12 41.00 24.00 39.37
CA HIS C 12 41.65 24.84 40.38
C HIS C 12 42.06 26.19 39.78
N ALA C 13 42.62 26.19 38.58
CA ALA C 13 43.04 27.43 37.94
C ALA C 13 41.86 28.37 37.65
N ILE C 14 40.76 27.81 37.14
CA ILE C 14 39.56 28.55 36.86
C ILE C 14 38.91 29.08 38.14
N VAL C 15 38.87 28.30 39.20
CA VAL C 15 38.31 28.76 40.48
C VAL C 15 39.12 29.96 41.03
N GLU C 16 40.44 29.92 40.89
CA GLU C 16 41.28 31.07 41.28
C GLU C 16 40.86 32.35 40.55
N VAL C 17 40.58 32.24 39.26
CA VAL C 17 40.08 33.35 38.48
C VAL C 17 38.67 33.76 38.92
N LEU C 18 37.75 32.82 38.96
CA LEU C 18 36.37 33.14 39.33
C LEU C 18 36.24 33.67 40.79
N SER C 19 37.16 33.24 41.66
N SER C 19 37.15 33.26 41.67
CA SER C 19 37.23 33.71 43.05
CA SER C 19 37.16 33.76 43.05
C SER C 19 37.44 35.24 43.13
C SER C 19 37.43 35.26 43.14
N LYS C 20 38.19 35.78 42.19
CA LYS C 20 38.48 37.22 42.12
C LYS C 20 37.20 37.96 41.81
N TYR C 21 36.43 37.39 40.88
CA TYR C 21 35.10 37.88 40.56
C TYR C 21 34.19 37.92 41.80
N ASN C 22 34.12 36.81 42.54
CA ASN C 22 33.25 36.74 43.72
C ASN C 22 33.73 37.73 44.82
N GLU C 23 35.04 37.85 45.01
CA GLU C 23 35.57 38.77 46.02
C GLU C 23 35.31 40.23 45.61
N GLY C 24 35.55 40.54 44.34
CA GLY C 24 35.30 41.90 43.85
C GLY C 24 33.85 42.29 44.03
N GLY C 25 32.94 41.36 43.77
CA GLY C 25 31.51 41.65 43.95
C GLY C 25 31.13 41.91 45.40
N LYS C 26 31.60 41.04 46.27
CA LYS C 26 31.34 41.10 47.70
C LYS C 26 31.95 42.36 48.35
N LYS C 27 33.09 42.80 47.86
CA LYS C 27 33.75 43.95 48.45
C LYS C 27 33.34 45.24 47.72
N ALA C 28 32.55 45.09 46.66
CA ALA C 28 32.18 46.15 45.73
C ALA C 28 33.43 46.95 45.25
N ASP C 29 34.42 46.22 44.76
CA ASP C 29 35.67 46.78 44.32
C ASP C 29 36.05 46.17 42.96
N SER C 30 35.83 46.90 41.90
CA SER C 30 36.09 46.33 40.55
C SER C 30 37.56 46.01 40.29
N THR C 31 38.49 46.58 41.05
CA THR C 31 39.91 46.32 40.83
C THR C 31 40.28 44.89 41.18
N ILE C 32 39.52 44.26 42.06
CA ILE C 32 39.84 42.90 42.50
C ILE C 32 39.47 41.94 41.37
N MSE C 33 38.32 42.20 40.74
CA MSE C 33 37.82 41.34 39.64
C MSE C 33 38.38 41.59 38.25
O MSE C 33 38.29 40.72 37.36
CB MSE C 33 36.29 41.39 39.57
CG MSE C 33 35.65 42.71 39.30
SE MSE C 33 33.77 42.51 38.77
CE MSE C 33 32.99 41.99 40.50
N ARG C 34 38.87 42.81 38.02
CA ARG C 34 39.33 43.20 36.70
C ARG C 34 40.30 42.14 36.07
N PRO C 35 41.25 41.59 36.86
CA PRO C 35 42.17 40.62 36.26
C PRO C 35 41.53 39.34 35.71
N ALA C 36 40.29 39.02 36.08
CA ALA C 36 39.61 37.79 35.57
C ALA C 36 39.09 37.92 34.14
N PHE C 37 39.03 39.16 33.61
CA PHE C 37 38.38 39.46 32.35
C PHE C 37 39.35 39.88 31.25
N SER C 38 39.15 39.33 30.06
CA SER C 38 39.79 39.80 28.87
C SER C 38 39.42 41.29 28.65
N SER C 39 40.33 42.05 28.04
CA SER C 39 40.01 43.42 27.57
C SER C 39 38.84 43.40 26.57
N GLN C 40 38.66 42.26 25.90
N GLN C 40 38.65 42.28 25.89
CA GLN C 40 37.57 42.03 24.91
CA GLN C 40 37.57 42.16 24.90
C GLN C 40 36.26 41.59 25.52
C GLN C 40 36.33 41.44 25.49
N ALA C 41 36.25 41.36 26.82
CA ALA C 41 35.09 40.72 27.48
C ALA C 41 33.83 41.58 27.38
N THR C 42 32.67 40.92 27.33
CA THR C 42 31.40 41.59 27.36
C THR C 42 30.52 41.11 28.51
N ILE C 43 29.54 41.94 28.82
CA ILE C 43 28.50 41.59 29.79
C ILE C 43 27.14 41.88 29.14
N PHE C 44 26.23 40.93 29.30
CA PHE C 44 24.86 41.13 28.89
C PHE C 44 23.85 40.49 29.81
N GLY C 45 22.68 41.11 29.90
CA GLY C 45 21.51 40.48 30.51
C GLY C 45 20.31 41.14 29.85
N VAL C 46 19.15 40.99 30.46
CA VAL C 46 17.90 41.47 29.91
C VAL C 46 17.34 42.42 30.96
N ASP C 47 16.87 43.61 30.53
CA ASP C 47 16.35 44.60 31.48
C ASP C 47 14.87 44.34 31.84
N VAL C 48 14.28 45.24 32.60
CA VAL C 48 12.89 45.14 32.99
C VAL C 48 11.89 45.11 31.81
N ASP C 49 12.29 45.65 30.66
CA ASP C 49 11.45 45.63 29.45
C ASP C 49 11.80 44.48 28.48
N ASN C 50 12.54 43.48 28.97
CA ASN C 50 12.94 42.32 28.19
C ASN C 50 13.93 42.63 27.06
N LYS C 51 14.60 43.77 27.16
CA LYS C 51 15.54 44.18 26.15
C LYS C 51 16.98 43.86 26.53
N LEU C 52 17.78 43.54 25.52
CA LEU C 52 19.19 43.27 25.75
C LEU C 52 19.82 44.53 26.35
N THR C 53 20.60 44.34 27.41
CA THR C 53 21.36 45.43 28.01
C THR C 53 22.78 44.93 28.31
N GLY C 54 23.75 45.78 28.01
CA GLY C 54 25.15 45.52 28.34
C GLY C 54 26.05 46.00 27.21
N GLY C 55 27.15 45.30 27.02
CA GLY C 55 28.23 45.74 26.13
C GLY C 55 29.57 45.41 26.78
N PRO C 56 30.57 46.27 26.63
CA PRO C 56 31.90 46.06 27.17
C PRO C 56 31.85 45.75 28.65
N ILE C 57 32.77 44.90 29.12
CA ILE C 57 32.79 44.51 30.53
C ILE C 57 32.96 45.68 31.50
N GLN C 58 33.48 46.82 31.02
CA GLN C 58 33.60 47.96 31.90
C GLN C 58 32.24 48.35 32.50
N GLY C 59 31.15 47.99 31.84
CA GLY C 59 29.82 48.29 32.37
C GLY C 59 29.55 47.53 33.67
N LEU C 60 30.10 46.33 33.78
CA LEU C 60 30.05 45.58 35.04
C LEU C 60 30.83 46.31 36.11
N PHE C 61 32.05 46.71 35.79
CA PHE C 61 32.96 47.40 36.74
C PHE C 61 32.32 48.72 37.23
N ASP C 62 31.65 49.44 36.33
CA ASP C 62 30.92 50.67 36.71
C ASP C 62 29.76 50.44 37.71
N VAL C 63 28.99 49.39 37.49
CA VAL C 63 27.92 49.01 38.44
C VAL C 63 28.54 48.65 39.80
N ILE C 64 29.55 47.81 39.78
CA ILE C 64 30.22 47.38 41.02
C ILE C 64 30.78 48.59 41.78
N ASP C 65 31.48 49.46 41.08
CA ASP C 65 32.06 50.64 41.73
C ASP C 65 31.09 51.75 42.11
N ASN C 66 30.04 51.97 41.32
CA ASN C 66 29.22 53.16 41.50
C ASN C 66 27.85 52.91 42.12
N VAL C 67 27.35 51.67 42.01
CA VAL C 67 26.02 51.31 42.42
C VAL C 67 26.04 50.35 43.61
N PHE C 68 26.87 49.31 43.53
CA PHE C 68 26.92 48.29 44.59
C PHE C 68 27.55 48.86 45.86
N HIS C 69 27.22 48.25 47.00
CA HIS C 69 27.89 48.50 48.28
C HIS C 69 28.51 47.19 48.76
N PRO C 70 29.55 47.29 49.61
CA PRO C 70 30.12 46.07 50.17
C PRO C 70 29.03 45.23 50.83
N SER C 71 29.09 43.92 50.61
CA SER C 71 28.06 42.97 51.03
C SER C 71 28.72 41.86 51.83
N PRO C 72 29.01 42.13 53.11
CA PRO C 72 29.69 41.08 53.89
C PRO C 72 28.92 39.78 54.00
N GLU C 73 27.58 39.82 53.90
CA GLU C 73 26.80 38.58 53.98
C GLU C 73 26.56 37.90 52.61
N ALA C 74 27.14 38.43 51.53
CA ALA C 74 27.02 37.79 50.19
C ALA C 74 27.60 36.37 50.21
N LYS C 75 26.94 35.45 49.52
CA LYS C 75 27.37 34.04 49.47
C LYS C 75 27.26 33.58 48.03
N ALA C 76 28.37 33.06 47.50
CA ALA C 76 28.45 32.65 46.11
C ALA C 76 28.68 31.14 46.05
N ALA C 77 28.14 30.51 45.02
CA ALA C 77 28.37 29.11 44.73
C ALA C 77 28.78 28.99 43.27
N ILE C 78 29.95 28.42 43.03
CA ILE C 78 30.39 28.06 41.71
C ILE C 78 29.77 26.68 41.41
N ALA C 79 28.55 26.74 40.88
CA ALA C 79 27.65 25.60 40.67
C ALA C 79 28.24 24.55 39.70
N ARG C 80 28.97 25.00 38.68
CA ARG C 80 29.43 24.14 37.59
C ARG C 80 30.59 24.80 36.84
N ILE C 81 31.63 24.01 36.54
CA ILE C 81 32.65 24.39 35.57
C ILE C 81 32.84 23.22 34.62
N ASP C 82 32.52 23.46 33.35
CA ASP C 82 32.71 22.47 32.26
C ASP C 82 34.01 22.86 31.56
N ILE C 83 34.94 21.92 31.36
CA ILE C 83 36.25 22.27 30.77
C ILE C 83 36.51 21.35 29.60
N VAL C 84 36.74 21.94 28.43
CA VAL C 84 37.16 21.15 27.26
C VAL C 84 38.31 21.84 26.58
N GLY C 85 39.49 21.25 26.77
CA GLY C 85 40.72 21.82 26.28
C GLY C 85 40.95 23.28 26.68
N THR C 86 40.95 24.16 25.69
CA THR C 86 41.19 25.60 25.89
C THR C 86 39.95 26.43 26.23
N ALA C 87 38.80 25.79 26.25
CA ALA C 87 37.52 26.47 26.48
C ALA C 87 36.83 25.93 27.72
N ALA C 88 36.06 26.79 28.37
CA ALA C 88 35.33 26.40 29.58
C ALA C 88 34.12 27.24 29.79
N SER C 89 33.14 26.65 30.46
N SER C 89 33.15 26.67 30.48
CA SER C 89 31.92 27.34 30.83
CA SER C 89 31.94 27.40 30.83
C SER C 89 31.77 27.21 32.35
C SER C 89 31.57 27.17 32.29
N ALA C 90 31.24 28.26 32.97
CA ALA C 90 30.98 28.25 34.39
C ALA C 90 29.64 28.91 34.73
N ARG C 91 29.01 28.40 35.78
CA ARG C 91 27.81 28.96 36.35
C ARG C 91 28.15 29.36 37.81
N ILE C 92 27.82 30.58 38.15
CA ILE C 92 27.93 31.06 39.52
C ILE C 92 26.60 31.62 40.00
N ASP C 93 26.13 31.11 41.14
CA ASP C 93 24.97 31.68 41.82
C ASP C 93 25.41 32.52 43.05
N THR C 94 24.84 33.70 43.23
CA THR C 94 25.17 34.58 44.35
C THR C 94 23.90 35.08 45.04
N ASP C 95 23.84 34.94 46.37
CA ASP C 95 22.77 35.49 47.22
C ASP C 95 23.26 36.75 47.94
N ASP C 96 22.37 37.74 48.09
CA ASP C 96 22.56 38.85 49.01
C ASP C 96 23.79 39.71 48.68
N ILE C 97 23.93 40.04 47.41
CA ILE C 97 24.97 40.93 46.94
C ILE C 97 24.25 42.26 46.62
N SER C 98 24.47 43.24 47.48
N SER C 98 24.48 43.26 47.46
CA SER C 98 23.87 44.57 47.34
CA SER C 98 23.85 44.59 47.30
C SER C 98 22.36 44.51 47.11
C SER C 98 22.34 44.50 47.09
N GLY C 99 21.69 43.56 47.78
CA GLY C 99 20.25 43.43 47.73
C GLY C 99 19.73 42.56 46.61
N PHE C 100 20.65 42.00 45.80
CA PHE C 100 20.29 41.15 44.65
C PHE C 100 20.64 39.66 44.84
N ARG C 101 20.01 38.82 44.00
N ARG C 101 19.95 38.80 44.06
CA ARG C 101 20.37 37.42 43.86
CA ARG C 101 20.31 37.40 43.85
C ARG C 101 20.48 37.13 42.36
C ARG C 101 20.55 37.29 42.34
N PHE C 102 21.64 36.66 41.94
CA PHE C 102 21.97 36.46 40.54
C PHE C 102 22.32 34.99 40.25
N THR C 103 22.06 34.59 39.01
CA THR C 103 22.75 33.49 38.38
C THR C 103 23.56 34.06 37.19
N ASP C 104 24.84 33.71 37.15
CA ASP C 104 25.80 34.19 36.15
C ASP C 104 26.30 33.01 35.36
N PHE C 105 26.39 33.20 34.04
CA PHE C 105 27.10 32.24 33.22
C PHE C 105 28.30 32.87 32.49
N PHE C 106 29.45 32.18 32.58
CA PHE C 106 30.72 32.63 32.06
C PHE C 106 31.24 31.72 30.95
N ASN C 107 31.77 32.32 29.91
CA ASN C 107 32.57 31.63 28.90
C ASN C 107 34.00 32.08 29.09
N LEU C 108 34.90 31.11 29.24
CA LEU C 108 36.31 31.35 29.50
C LEU C 108 37.19 30.64 28.47
N LEU C 109 38.34 31.25 28.19
CA LEU C 109 39.34 30.62 27.34
C LEU C 109 40.70 30.64 27.97
N LYS C 110 41.54 29.65 27.62
CA LYS C 110 42.86 29.56 28.22
C LYS C 110 43.84 30.21 27.25
N VAL C 111 44.16 31.46 27.56
CA VAL C 111 44.89 32.32 26.65
C VAL C 111 46.30 32.45 27.19
N GLU C 112 47.26 32.08 26.37
CA GLU C 112 48.67 32.14 26.76
C GLU C 112 48.88 31.56 28.17
N GLY C 113 48.29 30.40 28.41
CA GLY C 113 48.49 29.66 29.65
C GLY C 113 47.56 30.03 30.78
N LYS C 114 46.76 31.08 30.61
CA LYS C 114 45.92 31.62 31.68
C LYS C 114 44.42 31.74 31.30
N TRP C 115 43.55 31.21 32.17
CA TRP C 115 42.11 31.33 31.98
C TRP C 115 41.64 32.75 32.15
N THR C 116 40.78 33.14 31.24
CA THR C 116 40.23 34.51 31.20
C THR C 116 38.79 34.46 30.75
N VAL C 117 37.97 35.33 31.34
CA VAL C 117 36.59 35.45 30.94
C VAL C 117 36.43 36.34 29.68
N VAL C 118 35.73 35.84 28.67
CA VAL C 118 35.43 36.67 27.50
C VAL C 118 33.94 37.07 27.44
N SER C 119 33.08 36.41 28.22
CA SER C 119 31.67 36.76 28.22
C SER C 119 31.04 36.33 29.55
N LYS C 120 30.34 37.28 30.17
CA LYS C 120 29.42 37.00 31.28
C LYS C 120 28.01 37.43 30.89
N ILE C 121 27.08 36.54 31.16
CA ILE C 121 25.66 36.89 31.19
C ILE C 121 25.07 36.58 32.53
N TYR C 122 23.88 37.09 32.77
CA TYR C 122 23.27 36.95 34.08
C TYR C 122 21.75 37.02 34.01
N HIS C 123 21.14 36.39 35.01
CA HIS C 123 19.72 36.56 35.31
C HIS C 123 19.61 37.10 36.73
N THR C 124 18.82 38.16 36.90
CA THR C 124 18.55 38.76 38.21
C THR C 124 17.26 38.13 38.71
N HIS C 125 17.35 37.48 39.85
CA HIS C 125 16.19 36.85 40.45
C HIS C 125 15.32 37.87 41.20
N PRO C 126 14.03 37.54 41.44
CA PRO C 126 13.16 38.44 42.25
C PRO C 126 13.69 38.66 43.65
N SER C 127 13.46 39.87 44.19
CA SER C 127 14.03 40.30 45.49
C SER C 127 13.43 39.53 46.67
N ASN D 4 6.07 31.24 34.51
CA ASN D 4 4.97 30.61 33.74
C ASN D 4 5.41 29.74 32.52
N THR D 5 6.72 29.52 32.36
CA THR D 5 7.21 28.54 31.37
C THR D 5 7.98 27.45 32.08
N THR D 6 7.94 26.24 31.53
CA THR D 6 8.65 25.15 32.12
C THR D 6 10.06 25.01 31.50
N TYR D 7 10.89 24.19 32.14
N TYR D 7 10.86 24.17 32.12
CA TYR D 7 12.22 23.93 31.60
CA TYR D 7 12.19 23.90 31.65
C TYR D 7 12.11 23.32 30.22
C TYR D 7 12.14 23.27 30.26
N VAL D 8 11.20 22.34 30.07
CA VAL D 8 11.01 21.62 28.78
C VAL D 8 10.64 22.62 27.65
N GLN D 9 9.71 23.52 27.95
CA GLN D 9 9.33 24.58 27.01
C GLN D 9 10.50 25.47 26.58
N GLU D 10 11.30 25.94 27.53
CA GLU D 10 12.47 26.75 27.20
C GLU D 10 13.53 25.95 26.50
N TYR D 11 13.76 24.72 26.93
CA TYR D 11 14.68 23.86 26.28
C TYR D 11 14.36 23.76 24.79
N HIS D 12 13.13 23.44 24.45
CA HIS D 12 12.76 23.28 23.03
C HIS D 12 12.89 24.59 22.22
N ALA D 13 12.59 25.71 22.86
CA ALA D 13 12.79 27.04 22.23
C ALA D 13 14.27 27.24 21.90
N ILE D 14 15.14 26.96 22.89
CA ILE D 14 16.57 27.10 22.71
C ILE D 14 17.13 26.15 21.64
N VAL D 15 16.68 24.89 21.63
CA VAL D 15 17.12 23.94 20.59
C VAL D 15 16.77 24.38 19.17
N GLU D 16 15.59 24.98 19.00
CA GLU D 16 15.17 25.55 17.72
C GLU D 16 16.22 26.60 17.23
N VAL D 17 16.72 27.40 18.15
CA VAL D 17 17.71 28.42 17.84
C VAL D 17 19.07 27.75 17.53
N LEU D 18 19.48 26.84 18.39
CA LEU D 18 20.78 26.16 18.19
C LEU D 18 20.80 25.24 16.95
N SER D 19 19.64 24.66 16.62
CA SER D 19 19.46 23.90 15.37
C SER D 19 19.90 24.69 14.13
N LYS D 20 19.57 25.96 14.06
CA LYS D 20 19.97 26.83 12.97
C LYS D 20 21.49 26.93 12.85
N TYR D 21 22.15 26.98 14.01
CA TYR D 21 23.60 27.01 14.05
C TYR D 21 24.20 25.72 13.50
N ASN D 22 23.66 24.58 13.97
CA ASN D 22 24.16 23.27 13.50
C ASN D 22 23.83 23.07 12.01
N GLU D 23 22.64 23.48 11.59
CA GLU D 23 22.24 23.41 10.18
C GLU D 23 23.10 24.31 9.25
N GLY D 24 23.29 25.57 9.63
CA GLY D 24 24.12 26.55 8.85
C GLY D 24 25.56 26.06 8.74
N GLY D 25 26.03 25.46 9.82
CA GLY D 25 27.36 24.87 9.84
C GLY D 25 27.48 23.70 8.88
N LYS D 26 26.58 22.72 8.98
CA LYS D 26 26.62 21.52 8.14
C LYS D 26 26.45 21.82 6.63
N LYS D 27 25.56 22.75 6.31
CA LYS D 27 25.32 23.15 4.93
C LYS D 27 26.32 24.22 4.45
N ALA D 28 27.21 24.66 5.34
CA ALA D 28 28.18 25.73 5.07
C ALA D 28 27.46 26.95 4.50
N ASP D 29 26.42 27.41 5.19
CA ASP D 29 25.56 28.52 4.73
C ASP D 29 25.26 29.41 5.93
N SER D 30 25.92 30.56 6.00
CA SER D 30 25.77 31.44 7.17
C SER D 30 24.40 32.11 7.24
N THR D 31 23.65 32.14 6.14
CA THR D 31 22.30 32.74 6.15
C THR D 31 21.35 31.91 7.03
N ILE D 32 21.63 30.61 7.15
CA ILE D 32 20.79 29.73 7.95
C ILE D 32 21.02 30.01 9.44
N MSE D 33 22.29 30.22 9.82
CA MSE D 33 22.67 30.46 11.22
C MSE D 33 22.48 31.84 11.73
O MSE D 33 22.31 32.04 12.93
CB MSE D 33 24.09 29.98 11.51
CG MSE D 33 25.22 30.46 10.67
SE MSE D 33 26.87 30.16 11.61
CE MSE D 33 27.26 28.22 11.31
N ARG D 34 22.56 32.84 10.83
CA ARG D 34 22.52 34.23 11.25
C ARG D 34 21.39 34.61 12.26
N PRO D 35 20.15 34.14 12.03
CA PRO D 35 19.08 34.46 13.01
C PRO D 35 19.33 33.99 14.44
N ALA D 36 20.25 33.03 14.64
CA ALA D 36 20.52 32.51 15.97
C ALA D 36 21.34 33.48 16.85
N PHE D 37 21.98 34.46 16.25
CA PHE D 37 22.92 35.35 16.94
C PHE D 37 22.42 36.75 17.01
N SER D 38 22.60 37.35 18.18
CA SER D 38 22.42 38.77 18.37
C SER D 38 23.37 39.50 17.46
N SER D 39 23.00 40.70 17.03
CA SER D 39 23.91 41.55 16.27
C SER D 39 25.20 41.92 17.04
N GLN D 40 25.12 41.95 18.36
CA GLN D 40 26.24 42.21 19.25
C GLN D 40 26.97 40.94 19.73
N ALA D 41 26.67 39.78 19.14
CA ALA D 41 27.37 38.55 19.55
C ALA D 41 28.86 38.56 19.15
N THR D 42 29.64 37.86 19.97
CA THR D 42 31.04 37.63 19.75
C THR D 42 31.38 36.15 19.65
N ILE D 43 32.48 35.87 18.98
CA ILE D 43 33.03 34.52 18.87
C ILE D 43 34.51 34.63 19.20
N PHE D 44 34.99 33.74 20.07
CA PHE D 44 36.40 33.67 20.39
C PHE D 44 36.81 32.25 20.58
N GLY D 45 38.05 32.01 20.20
CA GLY D 45 38.81 30.81 20.52
C GLY D 45 40.26 31.21 20.71
N VAL D 46 41.12 30.20 20.78
N VAL D 46 41.13 30.23 20.84
CA VAL D 46 42.55 30.36 20.97
CA VAL D 46 42.58 30.52 20.92
C VAL D 46 43.22 29.84 19.68
C VAL D 46 43.28 29.83 19.75
N ASP D 47 44.20 30.55 19.14
CA ASP D 47 44.84 30.10 17.89
C ASP D 47 45.94 29.11 18.21
N VAL D 48 46.70 28.67 17.20
CA VAL D 48 47.79 27.69 17.42
C VAL D 48 48.92 28.21 18.34
N ASP D 49 49.04 29.54 18.47
CA ASP D 49 50.02 30.18 19.36
C ASP D 49 49.43 30.49 20.74
N ASN D 50 48.29 29.87 21.04
CA ASN D 50 47.58 30.09 22.30
C ASN D 50 47.12 31.53 22.53
N LYS D 51 46.99 32.31 21.47
CA LYS D 51 46.50 33.68 21.56
C LYS D 51 45.00 33.81 21.27
N LEU D 52 44.36 34.76 21.94
CA LEU D 52 42.95 35.03 21.71
C LEU D 52 42.68 35.35 20.24
N THR D 53 41.68 34.71 19.66
CA THR D 53 41.32 34.98 18.29
C THR D 53 39.83 35.08 18.11
N GLY D 54 39.38 36.11 17.40
CA GLY D 54 37.97 36.26 17.12
C GLY D 54 37.48 37.67 17.26
N GLY D 55 36.23 37.85 17.66
CA GLY D 55 35.63 39.18 17.65
C GLY D 55 34.17 39.12 17.24
N PRO D 56 33.73 40.05 16.37
CA PRO D 56 32.32 40.06 16.01
C PRO D 56 31.93 38.80 15.30
N ILE D 57 30.68 38.42 15.52
CA ILE D 57 30.14 37.18 14.99
C ILE D 57 30.17 37.17 13.43
N GLN D 58 30.25 38.33 12.76
CA GLN D 58 30.40 38.34 11.32
C GLN D 58 31.62 37.51 10.87
N GLY D 59 32.67 37.50 11.69
CA GLY D 59 33.84 36.65 11.47
C GLY D 59 33.56 35.16 11.36
N LEU D 60 32.64 34.66 12.20
CA LEU D 60 32.08 33.32 12.08
C LEU D 60 31.44 33.08 10.72
N PHE D 61 30.61 34.02 10.29
CA PHE D 61 29.86 33.87 9.05
C PHE D 61 30.79 33.82 7.84
N ASP D 62 31.86 34.61 7.90
CA ASP D 62 32.93 34.60 6.89
C ASP D 62 33.60 33.24 6.70
N VAL D 63 33.97 32.61 7.82
CA VAL D 63 34.57 31.28 7.80
C VAL D 63 33.59 30.23 7.26
N ILE D 64 32.34 30.30 7.67
CA ILE D 64 31.30 29.39 7.19
C ILE D 64 31.12 29.49 5.68
N ASP D 65 31.14 30.70 5.15
CA ASP D 65 30.91 30.89 3.71
C ASP D 65 32.15 30.70 2.83
N ASN D 66 33.31 31.08 3.36
CA ASN D 66 34.54 31.15 2.57
C ASN D 66 35.53 30.01 2.82
N VAL D 67 35.40 29.32 3.95
CA VAL D 67 36.31 28.21 4.27
C VAL D 67 35.58 26.86 4.24
N PHE D 68 34.43 26.80 4.90
CA PHE D 68 33.71 25.55 5.06
C PHE D 68 33.02 25.11 3.75
N HIS D 69 32.86 23.80 3.60
N HIS D 69 32.89 23.79 3.62
CA HIS D 69 32.10 23.23 2.50
CA HIS D 69 32.15 23.14 2.52
C HIS D 69 31.04 22.34 3.11
C HIS D 69 31.02 22.34 3.15
N PRO D 70 29.95 22.07 2.38
CA PRO D 70 28.88 21.24 2.93
C PRO D 70 29.44 19.89 3.40
N SER D 71 29.03 19.45 4.58
CA SER D 71 29.62 18.29 5.27
C SER D 71 28.52 17.31 5.59
N PRO D 72 28.21 16.44 4.62
CA PRO D 72 27.12 15.49 4.88
C PRO D 72 27.38 14.59 6.10
N GLU D 73 28.65 14.27 6.38
CA GLU D 73 29.01 13.41 7.52
C GLU D 73 28.82 14.08 8.91
N ALA D 74 28.72 15.42 8.96
CA ALA D 74 28.70 16.19 10.23
C ALA D 74 27.64 15.75 11.21
N LYS D 75 28.06 15.55 12.46
CA LYS D 75 27.13 15.14 13.51
C LYS D 75 27.36 16.05 14.71
N ALA D 76 26.29 16.71 15.14
CA ALA D 76 26.30 17.57 16.31
C ALA D 76 25.53 16.94 17.47
N ALA D 77 26.00 17.15 18.70
CA ALA D 77 25.29 16.81 19.94
C ALA D 77 25.14 18.06 20.82
N ILE D 78 23.90 18.45 21.11
CA ILE D 78 23.64 19.42 22.16
C ILE D 78 23.77 18.74 23.53
N ALA D 79 25.02 18.76 24.02
CA ALA D 79 25.47 18.09 25.24
C ALA D 79 24.74 18.56 26.52
N ARG D 80 24.44 19.85 26.62
CA ARG D 80 23.91 20.43 27.84
C ARG D 80 23.25 21.76 27.48
N ILE D 81 22.10 22.01 28.11
CA ILE D 81 21.48 23.37 28.14
C ILE D 81 21.06 23.62 29.59
N ASP D 82 21.74 24.58 30.23
CA ASP D 82 21.42 25.05 31.58
C ASP D 82 20.54 26.27 31.41
N ILE D 83 19.37 26.31 32.05
CA ILE D 83 18.44 27.43 31.87
C ILE D 83 18.01 27.99 33.21
N VAL D 84 18.24 29.29 33.39
CA VAL D 84 17.84 30.02 34.60
C VAL D 84 17.19 31.34 34.22
N GLY D 85 15.87 31.39 34.31
CA GLY D 85 15.13 32.59 33.90
C GLY D 85 15.42 33.01 32.46
N THR D 86 15.99 34.20 32.30
CA THR D 86 16.22 34.84 31.00
C THR D 86 17.59 34.50 30.43
N ALA D 87 18.35 33.68 31.16
CA ALA D 87 19.73 33.32 30.82
C ALA D 87 19.90 31.82 30.63
N ALA D 88 20.77 31.43 29.72
CA ALA D 88 21.02 30.02 29.47
C ALA D 88 22.42 29.84 28.96
N SER D 89 22.99 28.68 29.27
N SER D 89 22.95 28.64 29.21
CA SER D 89 24.22 28.27 28.64
CA SER D 89 24.28 28.24 28.76
C SER D 89 24.03 26.93 27.96
C SER D 89 24.22 26.87 28.09
N ALA D 90 24.75 26.77 26.86
CA ALA D 90 24.69 25.51 26.10
C ALA D 90 26.09 25.08 25.70
N ARG D 91 26.24 23.76 25.60
CA ARG D 91 27.41 23.10 25.05
C ARG D 91 26.97 22.27 23.83
N ILE D 92 27.68 22.44 22.73
CA ILE D 92 27.46 21.65 21.52
C ILE D 92 28.78 21.04 21.05
N ASP D 93 28.77 19.73 20.81
CA ASP D 93 29.92 19.07 20.27
C ASP D 93 29.60 18.63 18.83
N THR D 94 30.54 18.88 17.93
CA THR D 94 30.35 18.54 16.49
C THR D 94 31.55 17.77 15.94
N ASP D 95 31.26 16.64 15.28
CA ASP D 95 32.26 15.80 14.64
C ASP D 95 32.17 16.04 13.12
N ASP D 96 33.33 16.02 12.45
CA ASP D 96 33.37 15.86 10.99
C ASP D 96 32.65 16.99 10.24
N ILE D 97 32.95 18.22 10.65
CA ILE D 97 32.40 19.43 10.02
C ILE D 97 33.56 20.15 9.31
N SER D 98 33.50 20.12 7.97
CA SER D 98 34.57 20.63 7.11
C SER D 98 35.95 20.20 7.63
N GLY D 99 36.08 18.92 8.00
CA GLY D 99 37.34 18.36 8.49
C GLY D 99 37.67 18.53 9.96
N PHE D 100 36.83 19.26 10.71
CA PHE D 100 37.11 19.62 12.10
C PHE D 100 36.22 18.89 13.10
N ARG D 101 36.69 18.83 14.35
CA ARG D 101 35.91 18.39 15.50
C ARG D 101 35.96 19.55 16.50
N PHE D 102 34.81 20.05 16.93
CA PHE D 102 34.70 21.17 17.88
C PHE D 102 33.91 20.83 19.12
N THR D 103 34.23 21.53 20.20
CA THR D 103 33.29 21.74 21.30
C THR D 103 33.07 23.26 21.44
N ASP D 104 31.80 23.66 21.39
CA ASP D 104 31.32 25.04 21.49
C ASP D 104 30.59 25.27 22.79
N PHE D 105 30.79 26.46 23.38
CA PHE D 105 30.03 26.91 24.54
C PHE D 105 29.31 28.21 24.17
N PHE D 106 28.02 28.23 24.44
CA PHE D 106 27.17 29.35 24.12
C PHE D 106 26.58 30.00 25.37
N ASN D 107 26.60 31.32 25.41
CA ASN D 107 25.76 32.10 26.31
C ASN D 107 24.58 32.65 25.56
N LEU D 108 23.35 32.41 26.05
CA LEU D 108 22.13 32.90 25.44
C LEU D 108 21.30 33.67 26.45
N LEU D 109 20.53 34.59 25.93
CA LEU D 109 19.60 35.43 26.68
C LEU D 109 18.27 35.42 25.99
N LYS D 110 17.20 35.48 26.78
CA LYS D 110 15.85 35.52 26.21
C LYS D 110 15.43 36.98 26.09
N VAL D 111 15.61 37.51 24.88
CA VAL D 111 15.43 38.90 24.56
C VAL D 111 14.09 39.08 23.86
N GLU D 112 13.20 39.87 24.47
CA GLU D 112 11.89 40.12 23.94
C GLU D 112 11.16 38.84 23.54
N GLY D 113 11.23 37.83 24.41
CA GLY D 113 10.53 36.59 24.21
C GLY D 113 11.23 35.54 23.39
N LYS D 114 12.37 35.88 22.81
CA LYS D 114 13.13 35.01 21.91
C LYS D 114 14.57 34.83 22.34
N TRP D 115 15.00 33.58 22.42
CA TRP D 115 16.35 33.26 22.79
C TRP D 115 17.32 33.66 21.69
N THR D 116 18.45 34.21 22.11
CA THR D 116 19.50 34.70 21.19
C THR D 116 20.90 34.43 21.76
N VAL D 117 21.86 34.02 20.92
CA VAL D 117 23.26 33.85 21.32
C VAL D 117 23.95 35.21 21.38
N VAL D 118 24.59 35.50 22.51
CA VAL D 118 25.43 36.69 22.65
C VAL D 118 26.92 36.36 22.67
N SER D 119 27.27 35.12 22.96
CA SER D 119 28.66 34.69 22.93
C SER D 119 28.77 33.24 22.59
N LYS D 120 29.70 32.95 21.69
CA LYS D 120 30.17 31.60 21.43
C LYS D 120 31.68 31.58 21.63
N ILE D 121 32.14 30.54 22.25
CA ILE D 121 33.53 30.17 22.28
C ILE D 121 33.65 28.71 21.86
N TYR D 122 34.85 28.29 21.49
CA TYR D 122 35.08 26.96 20.98
C TYR D 122 36.49 26.48 21.33
N HIS D 123 36.62 25.15 21.36
CA HIS D 123 37.88 24.45 21.30
C HIS D 123 37.87 23.55 20.06
N THR D 124 38.96 23.63 19.30
CA THR D 124 39.17 22.77 18.14
C THR D 124 39.99 21.57 18.58
N HIS D 125 39.41 20.38 18.39
CA HIS D 125 40.05 19.12 18.79
C HIS D 125 41.10 18.74 17.77
N PRO D 126 42.13 18.01 18.21
CA PRO D 126 43.19 17.60 17.28
C PRO D 126 42.73 16.59 16.22
N SER D 127 43.53 16.46 15.17
CA SER D 127 43.27 15.55 14.08
C SER D 127 43.67 14.12 14.48
N ASN E 4 -9.15 -23.26 5.83
CA ASN E 4 -10.08 -24.01 4.93
C ASN E 4 -10.60 -23.14 3.75
N THR E 5 -10.54 -21.81 3.88
CA THR E 5 -10.92 -20.90 2.77
C THR E 5 -9.82 -19.87 2.55
N THR E 6 -9.69 -19.39 1.32
CA THR E 6 -8.70 -18.37 0.98
C THR E 6 -9.30 -16.96 1.11
N TYR E 7 -8.42 -15.95 1.13
N TYR E 7 -8.41 -15.98 1.10
CA TYR E 7 -8.86 -14.56 1.16
CA TYR E 7 -8.79 -14.59 1.13
C TYR E 7 -9.77 -14.28 -0.05
C TYR E 7 -9.71 -14.25 -0.04
N VAL E 8 -9.38 -14.78 -1.21
CA VAL E 8 -10.14 -14.51 -2.46
C VAL E 8 -11.55 -15.08 -2.37
N GLN E 9 -11.65 -16.30 -1.84
CA GLN E 9 -12.96 -16.91 -1.62
C GLN E 9 -13.84 -16.09 -0.68
N GLU E 10 -13.28 -15.66 0.44
CA GLU E 10 -14.08 -14.90 1.40
C GLU E 10 -14.42 -13.53 0.85
N TYR E 11 -13.45 -12.94 0.15
CA TYR E 11 -13.66 -11.66 -0.50
C TYR E 11 -14.87 -11.71 -1.42
N HIS E 12 -14.92 -12.74 -2.27
CA HIS E 12 -16.01 -12.82 -3.21
C HIS E 12 -17.38 -13.07 -2.52
N ALA E 13 -17.37 -13.84 -1.44
CA ALA E 13 -18.56 -14.07 -0.61
C ALA E 13 -19.08 -12.76 0.05
N ILE E 14 -18.17 -11.97 0.62
CA ILE E 14 -18.52 -10.64 1.15
C ILE E 14 -19.03 -9.71 0.06
N VAL E 15 -18.37 -9.69 -1.09
CA VAL E 15 -18.84 -8.84 -2.20
C VAL E 15 -20.27 -9.19 -2.62
N GLU E 16 -20.60 -10.48 -2.62
CA GLU E 16 -21.98 -10.91 -2.90
C GLU E 16 -23.03 -10.29 -1.91
N VAL E 17 -22.69 -10.20 -0.64
CA VAL E 17 -23.50 -9.58 0.39
C VAL E 17 -23.55 -8.07 0.21
N LEU E 18 -22.38 -7.44 0.05
CA LEU E 18 -22.32 -6.01 -0.10
C LEU E 18 -22.99 -5.53 -1.40
N SER E 19 -22.94 -6.35 -2.45
CA SER E 19 -23.59 -6.04 -3.72
C SER E 19 -25.10 -5.79 -3.54
N LYS E 20 -25.72 -6.63 -2.74
CA LYS E 20 -27.13 -6.46 -2.37
C LYS E 20 -27.42 -5.12 -1.72
N TYR E 21 -26.50 -4.68 -0.85
CA TYR E 21 -26.61 -3.34 -0.29
C TYR E 21 -26.55 -2.26 -1.39
N ASN E 22 -25.55 -2.35 -2.27
CA ASN E 22 -25.39 -1.38 -3.37
C ASN E 22 -26.59 -1.41 -4.33
N GLU E 23 -27.02 -2.62 -4.69
CA GLU E 23 -28.14 -2.78 -5.61
C GLU E 23 -29.44 -2.21 -4.98
N GLY E 24 -29.72 -2.58 -3.75
CA GLY E 24 -30.91 -2.09 -3.03
C GLY E 24 -30.98 -0.59 -2.90
N GLY E 25 -29.83 0.04 -2.67
CA GLY E 25 -29.72 1.49 -2.62
C GLY E 25 -29.93 2.15 -3.97
N LYS E 26 -29.33 1.58 -5.01
CA LYS E 26 -29.43 2.11 -6.36
C LYS E 26 -30.88 1.98 -6.86
N LYS E 27 -31.51 0.86 -6.55
CA LYS E 27 -32.86 0.62 -7.00
C LYS E 27 -33.91 1.22 -6.06
N ALA E 28 -33.47 1.77 -4.94
CA ALA E 28 -34.33 2.32 -3.90
C ALA E 28 -35.35 1.27 -3.45
N ASP E 29 -34.87 0.07 -3.11
CA ASP E 29 -35.71 -1.08 -2.76
C ASP E 29 -35.05 -1.80 -1.60
N SER E 30 -35.52 -1.56 -0.38
CA SER E 30 -34.91 -2.14 0.82
C SER E 30 -35.00 -3.65 0.87
N THR E 31 -35.96 -4.26 0.15
CA THR E 31 -36.09 -5.73 0.18
C THR E 31 -34.84 -6.41 -0.44
N ILE E 32 -34.18 -5.72 -1.37
CA ILE E 32 -32.97 -6.25 -2.01
C ILE E 32 -31.80 -6.24 -1.03
N MSE E 33 -31.71 -5.18 -0.22
CA MSE E 33 -30.58 -5.06 0.74
C MSE E 33 -30.79 -5.76 2.07
O MSE E 33 -29.83 -6.04 2.79
CB MSE E 33 -30.23 -3.61 1.01
CG MSE E 33 -31.32 -2.70 1.54
SE MSE E 33 -30.47 -1.13 2.33
CE MSE E 33 -29.77 -0.25 0.73
N ARG E 34 -32.05 -6.00 2.41
CA ARG E 34 -32.40 -6.56 3.73
C ARG E 34 -31.61 -7.85 4.08
N PRO E 35 -31.49 -8.78 3.14
CA PRO E 35 -30.71 -9.97 3.45
C PRO E 35 -29.24 -9.77 3.87
N ALA E 36 -28.63 -8.62 3.54
CA ALA E 36 -27.21 -8.36 3.89
C ALA E 36 -27.02 -8.16 5.40
N PHE E 37 -28.10 -7.80 6.11
CA PHE E 37 -28.03 -7.34 7.48
C PHE E 37 -28.56 -8.31 8.48
N SER E 38 -27.81 -8.48 9.56
CA SER E 38 -28.32 -9.13 10.74
C SER E 38 -29.52 -8.34 11.32
N SER E 39 -30.47 -9.03 11.99
CA SER E 39 -31.63 -8.33 12.60
C SER E 39 -31.17 -7.41 13.77
N GLN E 40 -30.01 -7.74 14.35
CA GLN E 40 -29.36 -6.96 15.41
C GLN E 40 -28.48 -5.80 14.87
N ALA E 41 -28.40 -5.66 13.55
CA ALA E 41 -27.51 -4.64 12.99
C ALA E 41 -27.91 -3.24 13.41
N THR E 42 -26.94 -2.35 13.56
CA THR E 42 -27.24 -0.93 13.76
C THR E 42 -26.73 -0.09 12.61
N ILE E 43 -27.32 1.09 12.46
CA ILE E 43 -26.87 2.08 11.51
C ILE E 43 -26.73 3.40 12.27
N PHE E 44 -25.54 4.01 12.21
CA PHE E 44 -25.29 5.31 12.82
C PHE E 44 -24.54 6.26 11.91
N GLY E 45 -24.88 7.52 12.09
CA GLY E 45 -24.08 8.63 11.58
C GLY E 45 -24.23 9.82 12.50
N VAL E 46 -23.82 10.97 12.01
CA VAL E 46 -23.85 12.22 12.79
C VAL E 46 -24.71 13.21 12.03
N ASP E 47 -25.63 13.89 12.73
CA ASP E 47 -26.57 14.79 12.08
C ASP E 47 -25.97 16.18 11.93
N VAL E 48 -26.78 17.11 11.40
CA VAL E 48 -26.35 18.49 11.16
C VAL E 48 -25.85 19.20 12.44
N ASP E 49 -26.39 18.82 13.60
CA ASP E 49 -25.95 19.35 14.89
C ASP E 49 -24.83 18.52 15.54
N ASN E 50 -24.15 17.71 14.73
CA ASN E 50 -23.08 16.80 15.16
C ASN E 50 -23.47 15.79 16.24
N LYS E 51 -24.75 15.48 16.32
CA LYS E 51 -25.27 14.57 17.32
C LYS E 51 -25.40 13.18 16.70
N LEU E 52 -25.24 12.15 17.51
CA LEU E 52 -25.41 10.78 17.03
C LEU E 52 -26.84 10.57 16.55
N THR E 53 -26.99 9.99 15.36
CA THR E 53 -28.30 9.67 14.81
C THR E 53 -28.37 8.26 14.20
N GLY E 54 -29.49 7.60 14.43
CA GLY E 54 -29.71 6.26 13.89
C GLY E 54 -30.15 5.24 14.93
N GLY E 55 -29.68 4.02 14.79
CA GLY E 55 -30.03 2.92 15.66
C GLY E 55 -30.39 1.71 14.82
N PRO E 56 -31.67 1.35 14.80
CA PRO E 56 -32.13 0.14 14.10
C PRO E 56 -31.98 0.21 12.58
N ILE E 57 -31.51 -0.88 12.01
CA ILE E 57 -31.28 -0.97 10.56
C ILE E 57 -32.59 -0.77 9.81
N GLN E 58 -33.75 -1.04 10.44
CA GLN E 58 -35.01 -0.73 9.82
C GLN E 58 -35.15 0.78 9.47
N GLY E 59 -34.49 1.65 10.23
CA GLY E 59 -34.46 3.07 9.90
C GLY E 59 -33.80 3.36 8.56
N LEU E 60 -32.76 2.59 8.22
CA LEU E 60 -32.14 2.65 6.93
C LEU E 60 -33.13 2.22 5.85
N PHE E 61 -33.78 1.09 6.08
CA PHE E 61 -34.72 0.56 5.11
C PHE E 61 -35.83 1.58 4.81
N ASP E 62 -36.23 2.30 5.84
CA ASP E 62 -37.28 3.30 5.72
C ASP E 62 -36.83 4.45 4.85
N VAL E 63 -35.58 4.89 5.00
CA VAL E 63 -35.02 5.96 4.16
C VAL E 63 -34.93 5.50 2.69
N ILE E 64 -34.44 4.30 2.48
CA ILE E 64 -34.35 3.73 1.13
C ILE E 64 -35.73 3.66 0.45
N ASP E 65 -36.72 3.18 1.19
CA ASP E 65 -38.08 2.99 0.64
C ASP E 65 -38.89 4.28 0.53
N ASN E 66 -38.77 5.17 1.53
CA ASN E 66 -39.60 6.37 1.61
C ASN E 66 -38.93 7.72 1.25
N VAL E 67 -37.62 7.75 1.08
CA VAL E 67 -36.91 8.99 0.71
C VAL E 67 -36.20 8.87 -0.66
N PHE E 68 -35.50 7.76 -0.83
CA PHE E 68 -34.71 7.55 -2.03
C PHE E 68 -35.64 7.21 -3.20
N HIS E 69 -35.10 7.46 -4.39
CA HIS E 69 -35.69 7.04 -5.64
C HIS E 69 -34.65 6.31 -6.46
N PRO E 70 -35.11 5.48 -7.41
CA PRO E 70 -34.12 4.81 -8.22
C PRO E 70 -33.09 5.76 -8.86
N SER E 71 -31.81 5.39 -8.80
CA SER E 71 -30.72 6.26 -9.20
C SER E 71 -29.88 5.60 -10.27
N PRO E 72 -30.23 5.85 -11.54
CA PRO E 72 -29.48 5.23 -12.63
C PRO E 72 -28.00 5.65 -12.72
N GLU E 73 -27.69 6.87 -12.26
CA GLU E 73 -26.32 7.40 -12.30
C GLU E 73 -25.47 6.94 -11.11
N ALA E 74 -26.07 6.22 -10.13
CA ALA E 74 -25.38 5.86 -8.87
C ALA E 74 -24.21 4.93 -9.16
N LYS E 75 -23.05 5.27 -8.60
CA LYS E 75 -21.84 4.51 -8.81
C LYS E 75 -21.23 4.24 -7.45
N ALA E 76 -21.00 2.95 -7.16
CA ALA E 76 -20.44 2.51 -5.89
C ALA E 76 -19.05 1.91 -6.09
N ALA E 77 -18.18 2.08 -5.11
CA ALA E 77 -16.87 1.46 -5.13
C ALA E 77 -16.69 0.76 -3.81
N ILE E 78 -16.46 -0.55 -3.84
CA ILE E 78 -16.06 -1.27 -2.64
C ILE E 78 -14.53 -1.05 -2.44
N ALA E 79 -14.22 0.02 -1.70
CA ALA E 79 -12.85 0.56 -1.59
C ALA E 79 -11.90 -0.44 -0.91
N ARG E 80 -12.37 -1.16 0.11
CA ARG E 80 -11.54 -2.04 0.88
C ARG E 80 -12.41 -3.10 1.58
N ILE E 81 -11.93 -4.33 1.58
CA ILE E 81 -12.43 -5.37 2.48
C ILE E 81 -11.25 -5.99 3.20
N ASP E 82 -11.22 -5.86 4.54
CA ASP E 82 -10.18 -6.49 5.38
C ASP E 82 -10.87 -7.71 5.96
N ILE E 83 -10.22 -8.87 5.92
CA ILE E 83 -10.84 -10.09 6.40
C ILE E 83 -9.85 -10.80 7.33
N VAL E 84 -10.30 -11.09 8.54
CA VAL E 84 -9.51 -11.88 9.46
C VAL E 84 -10.43 -12.90 10.09
N GLY E 85 -10.28 -14.17 9.70
CA GLY E 85 -11.13 -15.25 10.19
C GLY E 85 -12.63 -15.00 9.96
N THR E 86 -13.40 -14.94 11.05
CA THR E 86 -14.85 -14.75 11.04
C THR E 86 -15.29 -13.28 11.04
N ALA E 87 -14.32 -12.36 11.05
CA ALA E 87 -14.59 -10.91 11.10
C ALA E 87 -14.07 -10.22 9.83
N ALA E 88 -14.76 -9.16 9.42
CA ALA E 88 -14.34 -8.36 8.31
C ALA E 88 -14.86 -6.93 8.46
N SER E 89 -14.12 -6.02 7.85
N SER E 89 -14.16 -6.03 7.78
CA SER E 89 -14.49 -4.62 7.77
CA SER E 89 -14.53 -4.63 7.76
C SER E 89 -14.52 -4.30 6.26
C SER E 89 -14.39 -4.07 6.32
N ALA E 90 -15.42 -3.39 5.87
CA ALA E 90 -15.47 -2.93 4.49
C ALA E 90 -15.75 -1.43 4.43
N ARG E 91 -15.25 -0.81 3.39
CA ARG E 91 -15.54 0.58 3.10
C ARG E 91 -16.20 0.58 1.73
N ILE E 92 -17.31 1.31 1.61
CA ILE E 92 -17.93 1.53 0.31
C ILE E 92 -18.18 3.02 0.09
N ASP E 93 -17.77 3.55 -1.04
CA ASP E 93 -18.05 4.94 -1.43
C ASP E 93 -19.10 4.94 -2.54
N THR E 94 -20.09 5.80 -2.43
CA THR E 94 -21.17 5.86 -3.42
C THR E 94 -21.40 7.32 -3.83
N ASP E 95 -21.36 7.58 -5.15
CA ASP E 95 -21.65 8.92 -5.73
C ASP E 95 -23.06 8.89 -6.33
N ASP E 96 -23.77 10.01 -6.30
CA ASP E 96 -25.01 10.20 -7.09
C ASP E 96 -26.10 9.19 -6.79
N ILE E 97 -26.34 8.98 -5.51
CA ILE E 97 -27.39 8.13 -5.03
C ILE E 97 -28.42 9.01 -4.32
N SER E 98 -29.56 9.16 -4.99
CA SER E 98 -30.61 10.08 -4.57
C SER E 98 -30.09 11.47 -4.19
N GLY E 99 -29.15 11.95 -5.00
CA GLY E 99 -28.54 13.28 -4.82
C GLY E 99 -27.51 13.37 -3.72
N PHE E 100 -27.10 12.21 -3.17
CA PHE E 100 -26.11 12.15 -2.10
C PHE E 100 -24.82 11.51 -2.54
N ARG E 101 -23.72 11.87 -1.86
N ARG E 101 -23.75 11.90 -1.84
CA ARG E 101 -22.56 11.00 -1.89
CA ARG E 101 -22.52 11.13 -1.82
C ARG E 101 -22.06 10.62 -0.48
C ARG E 101 -22.29 10.59 -0.40
N PHE E 102 -21.93 9.31 -0.28
CA PHE E 102 -21.60 8.75 1.04
C PHE E 102 -20.26 8.07 1.06
N THR E 103 -19.68 8.00 2.25
CA THR E 103 -18.72 6.93 2.54
C THR E 103 -19.29 6.12 3.68
N ASP E 104 -19.34 4.80 3.48
CA ASP E 104 -19.87 3.85 4.47
C ASP E 104 -18.76 2.94 4.97
N PHE E 105 -18.78 2.64 6.27
CA PHE E 105 -17.97 1.58 6.88
C PHE E 105 -18.87 0.51 7.47
N PHE E 106 -18.52 -0.73 7.16
CA PHE E 106 -19.23 -1.89 7.60
C PHE E 106 -18.40 -2.83 8.47
N ASN E 107 -19.04 -3.36 9.50
CA ASN E 107 -18.50 -4.49 10.27
C ASN E 107 -19.34 -5.73 9.96
N LEU E 108 -18.69 -6.79 9.52
CA LEU E 108 -19.35 -8.01 9.12
C LEU E 108 -18.78 -9.20 9.87
N LEU E 109 -19.62 -10.18 10.14
CA LEU E 109 -19.23 -11.45 10.78
C LEU E 109 -19.73 -12.63 9.97
N LYS E 110 -18.93 -13.70 9.96
CA LYS E 110 -19.28 -14.90 9.25
C LYS E 110 -20.10 -15.78 10.18
N VAL E 111 -21.42 -15.69 10.03
CA VAL E 111 -22.35 -16.34 10.98
C VAL E 111 -22.94 -17.56 10.31
N GLU E 112 -22.70 -18.74 10.90
CA GLU E 112 -23.18 -20.01 10.36
C GLU E 112 -22.89 -20.13 8.87
N GLY E 113 -21.67 -19.81 8.50
CA GLY E 113 -21.20 -19.92 7.13
C GLY E 113 -21.50 -18.80 6.15
N LYS E 114 -22.20 -17.78 6.60
CA LYS E 114 -22.65 -16.69 5.72
C LYS E 114 -22.31 -15.36 6.34
N TRP E 115 -21.72 -14.46 5.54
CA TRP E 115 -21.32 -13.13 5.98
C TRP E 115 -22.56 -12.26 6.14
N THR E 116 -22.57 -11.48 7.20
CA THR E 116 -23.68 -10.62 7.60
C THR E 116 -23.15 -9.33 8.17
N VAL E 117 -23.81 -8.23 7.82
CA VAL E 117 -23.47 -6.91 8.38
C VAL E 117 -24.11 -6.73 9.78
N VAL E 118 -23.29 -6.40 10.77
CA VAL E 118 -23.79 -6.08 12.14
C VAL E 118 -23.72 -4.60 12.52
N SER E 119 -22.97 -3.81 11.75
CA SER E 119 -22.93 -2.39 11.95
C SER E 119 -22.60 -1.69 10.65
N LYS E 120 -23.33 -0.62 10.35
CA LYS E 120 -22.94 0.30 9.29
C LYS E 120 -22.90 1.71 9.90
N ILE E 121 -21.87 2.45 9.53
CA ILE E 121 -21.79 3.86 9.78
C ILE E 121 -21.50 4.55 8.47
N TYR E 122 -21.77 5.85 8.44
CA TYR E 122 -21.64 6.62 7.21
C TYR E 122 -21.25 8.05 7.53
N HIS E 123 -20.60 8.65 6.54
CA HIS E 123 -20.40 10.07 6.45
C HIS E 123 -21.05 10.57 5.17
N THR E 124 -21.82 11.64 5.31
CA THR E 124 -22.45 12.30 4.17
C THR E 124 -21.56 13.48 3.71
N HIS E 125 -21.10 13.38 2.47
CA HIS E 125 -20.27 14.43 1.89
C HIS E 125 -21.15 15.62 1.47
N PRO E 126 -20.56 16.84 1.41
CA PRO E 126 -21.29 17.95 0.78
C PRO E 126 -21.68 17.66 -0.68
N SER E 127 -22.89 18.10 -1.07
CA SER E 127 -23.40 17.85 -2.42
C SER E 127 -23.07 19.03 -3.35
N ASN F 4 -11.85 22.79 10.30
CA ASN F 4 -11.18 21.94 9.28
C ASN F 4 -9.88 21.29 9.80
N THR F 5 -9.77 19.97 9.66
CA THR F 5 -8.77 19.19 10.38
C THR F 5 -8.01 18.29 9.40
N THR F 6 -6.77 17.94 9.74
CA THR F 6 -5.97 17.11 8.87
C THR F 6 -6.15 15.65 9.29
N TYR F 7 -5.72 14.74 8.42
N TYR F 7 -5.75 14.72 8.42
CA TYR F 7 -5.73 13.31 8.74
CA TYR F 7 -5.75 13.28 8.76
C TYR F 7 -4.96 13.02 10.03
C TYR F 7 -4.97 13.04 10.05
N VAL F 8 -3.78 13.64 10.16
CA VAL F 8 -2.86 13.40 11.28
C VAL F 8 -3.55 13.81 12.59
N GLN F 9 -4.20 14.96 12.58
CA GLN F 9 -4.90 15.44 13.77
C GLN F 9 -6.02 14.50 14.19
N GLU F 10 -6.81 13.99 13.24
CA GLU F 10 -7.94 13.13 13.60
C GLU F 10 -7.42 11.75 14.02
N TYR F 11 -6.37 11.30 13.36
CA TYR F 11 -5.68 10.05 13.74
C TYR F 11 -5.29 10.09 15.19
N HIS F 12 -4.65 11.18 15.59
CA HIS F 12 -4.20 11.24 16.95
C HIS F 12 -5.35 11.33 18.00
N ALA F 13 -6.44 12.01 17.65
CA ALA F 13 -7.64 12.02 18.48
C ALA F 13 -8.23 10.61 18.62
N ILE F 14 -8.33 9.89 17.51
CA ILE F 14 -8.88 8.53 17.53
C ILE F 14 -7.97 7.58 18.30
N VAL F 15 -6.66 7.67 18.10
CA VAL F 15 -5.73 6.83 18.92
C VAL F 15 -5.90 7.08 20.43
N GLU F 16 -6.09 8.34 20.83
CA GLU F 16 -6.33 8.65 22.25
C GLU F 16 -7.56 7.88 22.80
N VAL F 17 -8.61 7.77 21.99
CA VAL F 17 -9.81 7.00 22.35
C VAL F 17 -9.53 5.49 22.36
N LEU F 18 -8.92 4.97 21.31
CA LEU F 18 -8.59 3.57 21.21
C LEU F 18 -7.54 3.13 22.25
N SER F 19 -6.63 4.04 22.65
CA SER F 19 -5.68 3.77 23.71
C SER F 19 -6.40 3.35 25.03
N LYS F 20 -7.49 4.02 25.36
CA LYS F 20 -8.33 3.70 26.54
C LYS F 20 -8.84 2.28 26.52
N TYR F 21 -9.27 1.84 25.33
CA TYR F 21 -9.73 0.48 25.13
C TYR F 21 -8.60 -0.50 25.39
N ASN F 22 -7.45 -0.23 24.79
CA ASN F 22 -6.26 -1.09 24.92
C ASN F 22 -5.78 -1.14 26.39
N GLU F 23 -5.76 0.02 27.04
CA GLU F 23 -5.31 0.14 28.44
C GLU F 23 -6.33 -0.55 29.36
N GLY F 24 -7.62 -0.29 29.16
CA GLY F 24 -8.66 -0.99 29.91
C GLY F 24 -8.59 -2.50 29.76
N GLY F 25 -8.32 -2.99 28.56
CA GLY F 25 -8.22 -4.45 28.37
C GLY F 25 -6.98 -5.04 29.04
N LYS F 26 -5.86 -4.33 28.94
CA LYS F 26 -4.61 -4.76 29.52
C LYS F 26 -4.68 -4.78 31.04
N LYS F 27 -5.34 -3.77 31.59
CA LYS F 27 -5.50 -3.66 33.04
C LYS F 27 -6.70 -4.45 33.62
N ALA F 28 -7.51 -5.08 32.75
CA ALA F 28 -8.74 -5.76 33.12
C ALA F 28 -9.64 -4.85 33.98
N ASP F 29 -9.84 -3.62 33.50
CA ASP F 29 -10.59 -2.59 34.19
C ASP F 29 -11.47 -1.90 33.18
N SER F 30 -12.76 -2.26 33.18
CA SER F 30 -13.73 -1.67 32.27
C SER F 30 -13.89 -0.17 32.43
N THR F 31 -13.67 0.39 33.62
CA THR F 31 -13.87 1.82 33.81
C THR F 31 -12.86 2.64 33.01
N ILE F 32 -11.71 2.06 32.73
CA ILE F 32 -10.72 2.74 31.88
C ILE F 32 -11.15 2.82 30.41
N MSE F 33 -11.82 1.78 29.91
CA MSE F 33 -12.24 1.76 28.52
C MSE F 33 -13.59 2.36 28.25
O MSE F 33 -13.89 2.70 27.12
CB MSE F 33 -12.19 0.35 27.96
CG MSE F 33 -13.05 -0.70 28.67
SE MSE F 33 -13.32 -2.23 27.49
CE MSE F 33 -11.51 -3.06 27.64
N ARG F 34 -14.43 2.42 29.27
CA ARG F 34 -15.77 2.93 29.13
C ARG F 34 -15.90 4.27 28.34
N PRO F 35 -15.03 5.27 28.60
CA PRO F 35 -15.17 6.55 27.84
C PRO F 35 -14.97 6.49 26.31
N ALA F 36 -14.41 5.40 25.81
CA ALA F 36 -14.20 5.18 24.37
C ALA F 36 -15.50 4.81 23.66
N PHE F 37 -16.51 4.37 24.41
CA PHE F 37 -17.73 3.80 23.82
C PHE F 37 -18.97 4.66 24.02
N SER F 38 -19.77 4.73 22.97
CA SER F 38 -21.12 5.29 23.01
C SER F 38 -21.99 4.45 23.97
N SER F 39 -22.92 5.11 24.64
CA SER F 39 -24.00 4.40 25.33
C SER F 39 -24.80 3.46 24.41
N GLN F 40 -24.74 3.71 23.10
CA GLN F 40 -25.46 2.92 22.09
C GLN F 40 -24.61 1.82 21.42
N ALA F 41 -23.36 1.65 21.90
CA ALA F 41 -22.37 0.79 21.24
C ALA F 41 -22.74 -0.68 21.44
N THR F 42 -22.39 -1.49 20.44
CA THR F 42 -22.55 -2.92 20.50
C THR F 42 -21.23 -3.60 20.30
N ILE F 43 -21.22 -4.87 20.73
CA ILE F 43 -20.12 -5.78 20.56
C ILE F 43 -20.68 -7.08 19.98
N PHE F 44 -20.04 -7.60 18.94
CA PHE F 44 -20.41 -8.90 18.40
C PHE F 44 -19.20 -9.70 17.97
N GLY F 45 -19.34 -11.01 18.07
CA GLY F 45 -18.40 -11.96 17.56
C GLY F 45 -19.18 -13.21 17.20
N VAL F 46 -18.45 -14.26 16.87
CA VAL F 46 -19.05 -15.53 16.56
C VAL F 46 -18.57 -16.55 17.58
N ASP F 47 -19.47 -17.38 18.07
CA ASP F 47 -19.12 -18.32 19.13
C ASP F 47 -18.61 -19.63 18.53
N VAL F 48 -18.36 -20.61 19.39
CA VAL F 48 -17.80 -21.88 18.97
C VAL F 48 -18.73 -22.68 18.02
N ASP F 49 -20.03 -22.37 18.05
CA ASP F 49 -21.00 -22.99 17.15
C ASP F 49 -21.29 -22.17 15.87
N ASN F 50 -20.42 -21.19 15.61
CA ASN F 50 -20.56 -20.25 14.50
C ASN F 50 -21.79 -19.35 14.56
N LYS F 51 -22.30 -19.15 15.77
CA LYS F 51 -23.48 -18.33 15.98
C LYS F 51 -23.08 -16.95 16.49
N LEU F 52 -23.85 -15.96 16.08
CA LEU F 52 -23.65 -14.57 16.53
C LEU F 52 -23.82 -14.47 18.03
N THR F 53 -22.84 -13.86 18.67
CA THR F 53 -22.89 -13.59 20.08
C THR F 53 -22.48 -12.14 20.38
N GLY F 54 -23.22 -11.52 21.29
CA GLY F 54 -22.96 -10.17 21.73
C GLY F 54 -24.24 -9.41 21.96
N GLY F 55 -24.15 -8.09 21.83
CA GLY F 55 -25.23 -7.16 22.19
C GLY F 55 -24.67 -5.83 22.66
N PRO F 56 -25.38 -5.16 23.59
CA PRO F 56 -24.89 -3.91 24.22
C PRO F 56 -23.49 -4.11 24.77
N ILE F 57 -22.72 -3.05 24.62
CA ILE F 57 -21.30 -3.02 25.06
C ILE F 57 -21.11 -3.28 26.56
N GLN F 58 -22.14 -3.05 27.39
CA GLN F 58 -22.07 -3.49 28.76
C GLN F 58 -21.56 -4.95 28.89
N GLY F 59 -21.94 -5.80 27.96
CA GLY F 59 -21.53 -7.19 27.97
C GLY F 59 -20.01 -7.32 27.88
N LEU F 60 -19.37 -6.44 27.12
CA LEU F 60 -17.92 -6.42 27.06
C LEU F 60 -17.33 -6.03 28.41
N PHE F 61 -17.88 -4.98 29.01
CA PHE F 61 -17.35 -4.46 30.28
C PHE F 61 -17.40 -5.56 31.37
N ASP F 62 -18.48 -6.36 31.35
CA ASP F 62 -18.63 -7.48 32.26
C ASP F 62 -17.60 -8.60 32.08
N VAL F 63 -17.28 -8.96 30.84
CA VAL F 63 -16.19 -9.91 30.56
C VAL F 63 -14.81 -9.37 31.05
N ILE F 64 -14.53 -8.12 30.74
CA ILE F 64 -13.31 -7.45 31.15
C ILE F 64 -13.17 -7.46 32.66
N ASP F 65 -14.25 -7.14 33.35
CA ASP F 65 -14.23 -7.07 34.81
C ASP F 65 -14.27 -8.42 35.52
N ASN F 66 -15.01 -9.37 34.96
CA ASN F 66 -15.34 -10.64 35.66
C ASN F 66 -14.66 -11.87 35.08
N VAL F 67 -14.05 -11.74 33.91
CA VAL F 67 -13.35 -12.86 33.27
C VAL F 67 -11.84 -12.57 33.12
N PHE F 68 -11.50 -11.39 32.61
CA PHE F 68 -10.14 -11.01 32.31
C PHE F 68 -9.37 -10.73 33.60
N HIS F 69 -8.05 -10.85 33.55
N HIS F 69 -8.05 -10.87 33.52
CA HIS F 69 -7.15 -10.40 34.62
CA HIS F 69 -7.08 -10.47 34.55
C HIS F 69 -6.05 -9.53 34.01
C HIS F 69 -6.06 -9.50 33.97
N PRO F 70 -5.37 -8.69 34.83
CA PRO F 70 -4.30 -7.85 34.31
C PRO F 70 -3.26 -8.66 33.56
N SER F 71 -2.91 -8.16 32.38
CA SER F 71 -2.03 -8.84 31.44
C SER F 71 -0.91 -7.89 31.04
N PRO F 72 0.14 -7.85 31.86
CA PRO F 72 1.25 -6.95 31.59
C PRO F 72 2.01 -7.22 30.28
N GLU F 73 2.00 -8.47 29.81
CA GLU F 73 2.66 -8.80 28.55
C GLU F 73 1.75 -8.58 27.31
N ALA F 74 0.52 -8.11 27.51
CA ALA F 74 -0.39 -7.84 26.38
C ALA F 74 0.23 -6.79 25.45
N LYS F 75 0.16 -7.07 24.15
CA LYS F 75 0.71 -6.18 23.13
C LYS F 75 -0.36 -5.91 22.06
N ALA F 76 -0.63 -4.62 21.82
CA ALA F 76 -1.66 -4.21 20.85
C ALA F 76 -0.99 -3.45 19.72
N ALA F 77 -1.54 -3.61 18.53
CA ALA F 77 -1.13 -2.89 17.35
C ALA F 77 -2.40 -2.28 16.77
N ILE F 78 -2.45 -0.95 16.65
CA ILE F 78 -3.49 -0.31 15.84
C ILE F 78 -3.06 -0.40 14.34
N ALA F 79 -3.54 -1.47 13.69
CA ALA F 79 -3.14 -1.82 12.32
C ALA F 79 -3.53 -0.80 11.28
N ARG F 80 -4.72 -0.21 11.43
CA ARG F 80 -5.28 0.68 10.44
C ARG F 80 -6.32 1.59 11.07
N ILE F 81 -6.29 2.87 10.68
CA ILE F 81 -7.39 3.80 10.93
C ILE F 81 -7.74 4.47 9.62
N ASP F 82 -8.95 4.20 9.13
CA ASP F 82 -9.47 4.85 7.91
C ASP F 82 -10.34 5.98 8.40
N ILE F 83 -10.19 7.20 7.89
CA ILE F 83 -10.95 8.36 8.42
C ILE F 83 -11.54 9.13 7.24
N VAL F 84 -12.86 9.27 7.21
CA VAL F 84 -13.55 10.09 6.23
C VAL F 84 -14.60 10.97 6.92
N GLY F 85 -14.27 12.26 7.04
CA GLY F 85 -15.11 13.24 7.72
C GLY F 85 -15.41 12.87 9.17
N THR F 86 -16.68 12.59 9.43
CA THR F 86 -17.19 12.28 10.77
C THR F 86 -17.17 10.79 11.08
N ALA F 87 -16.67 9.97 10.16
CA ALA F 87 -16.71 8.52 10.30
C ALA F 87 -15.31 7.95 10.19
N ALA F 88 -15.07 6.86 10.92
CA ALA F 88 -13.79 6.15 10.91
C ALA F 88 -13.95 4.67 11.20
N SER F 89 -13.01 3.90 10.65
N SER F 89 -12.99 3.90 10.70
CA SER F 89 -12.89 2.47 10.87
CA SER F 89 -12.94 2.50 11.00
C SER F 89 -11.49 2.25 11.44
C SER F 89 -11.50 2.13 11.33
N ALA F 90 -11.35 1.33 12.39
CA ALA F 90 -10.04 0.97 12.91
C ALA F 90 -9.96 -0.55 13.01
N ARG F 91 -8.75 -1.04 12.88
CA ARG F 91 -8.41 -2.46 13.15
C ARG F 91 -7.37 -2.46 14.25
N ILE F 92 -7.60 -3.25 15.32
CA ILE F 92 -6.59 -3.42 16.36
C ILE F 92 -6.36 -4.91 16.57
N ASP F 93 -5.09 -5.29 16.55
CA ASP F 93 -4.71 -6.67 16.87
C ASP F 93 -4.03 -6.73 18.23
N THR F 94 -4.38 -7.76 19.02
CA THR F 94 -3.87 -7.84 20.37
C THR F 94 -3.41 -9.28 20.64
N ASP F 95 -2.16 -9.42 21.08
CA ASP F 95 -1.58 -10.69 21.51
C ASP F 95 -1.54 -10.76 23.06
N ASP F 96 -1.81 -11.95 23.62
CA ASP F 96 -1.50 -12.27 25.03
C ASP F 96 -2.28 -11.41 26.00
N ILE F 97 -3.57 -11.28 25.73
CA ILE F 97 -4.47 -10.55 26.62
C ILE F 97 -5.37 -11.60 27.29
N SER F 98 -5.16 -11.80 28.60
CA SER F 98 -5.82 -12.86 29.37
C SER F 98 -5.85 -14.23 28.65
N GLY F 99 -4.72 -14.59 28.04
CA GLY F 99 -4.55 -15.85 27.31
C GLY F 99 -5.12 -15.87 25.90
N PHE F 100 -5.60 -14.73 25.41
CA PHE F 100 -6.20 -14.61 24.08
C PHE F 100 -5.40 -13.79 23.06
N ARG F 101 -5.67 -14.06 21.79
N ARG F 101 -5.59 -14.12 21.78
CA ARG F 101 -5.19 -13.28 20.66
CA ARG F 101 -5.18 -13.29 20.63
C ARG F 101 -6.41 -12.86 19.83
C ARG F 101 -6.46 -12.86 19.93
N PHE F 102 -6.63 -11.56 19.69
CA PHE F 102 -7.84 -11.01 18.98
C PHE F 102 -7.43 -10.16 17.81
N THR F 103 -8.29 -10.12 16.79
CA THR F 103 -8.32 -9.02 15.84
C THR F 103 -9.69 -8.35 16.04
N ASP F 104 -9.68 -7.05 16.27
CA ASP F 104 -10.91 -6.27 16.49
C ASP F 104 -11.09 -5.29 15.34
N PHE F 105 -12.34 -5.08 14.93
CA PHE F 105 -12.70 -4.03 14.00
C PHE F 105 -13.68 -3.06 14.69
N PHE F 106 -13.43 -1.77 14.52
CA PHE F 106 -14.22 -0.74 15.19
C PHE F 106 -14.81 0.25 14.19
N ASN F 107 -16.06 0.60 14.39
CA ASN F 107 -16.67 1.75 13.72
C ASN F 107 -16.77 2.89 14.73
N LEU F 108 -16.27 4.08 14.35
CA LEU F 108 -16.31 5.27 15.18
C LEU F 108 -16.97 6.44 14.45
N LEU F 109 -17.63 7.28 15.23
CA LEU F 109 -18.14 8.54 14.75
C LEU F 109 -17.67 9.69 15.58
N LYS F 110 -17.53 10.85 14.92
CA LYS F 110 -17.13 12.08 15.58
C LYS F 110 -18.39 12.82 16.03
N VAL F 111 -18.76 12.58 17.27
CA VAL F 111 -20.03 13.04 17.87
C VAL F 111 -19.73 14.23 18.79
N GLU F 112 -20.29 15.38 18.43
CA GLU F 112 -20.12 16.62 19.20
C GLU F 112 -18.66 16.95 19.40
N GLY F 113 -17.89 16.73 18.33
CA GLY F 113 -16.49 17.09 18.34
C GLY F 113 -15.57 16.05 18.91
N LYS F 114 -16.10 14.94 19.44
CA LYS F 114 -15.33 13.83 20.03
C LYS F 114 -15.62 12.45 19.40
N TRP F 115 -14.58 11.69 19.12
CA TRP F 115 -14.67 10.36 18.48
C TRP F 115 -15.17 9.37 19.51
N THR F 116 -16.06 8.50 19.08
CA THR F 116 -16.67 7.51 19.95
C THR F 116 -16.87 6.25 19.17
N VAL F 117 -16.64 5.11 19.81
CA VAL F 117 -16.92 3.83 19.20
C VAL F 117 -18.42 3.48 19.28
N VAL F 118 -19.02 3.12 18.15
CA VAL F 118 -20.42 2.63 18.14
C VAL F 118 -20.53 1.11 17.90
N SER F 119 -19.47 0.48 17.37
CA SER F 119 -19.50 -0.96 17.15
C SER F 119 -18.09 -1.55 17.22
N LYS F 120 -17.95 -2.61 17.98
CA LYS F 120 -16.77 -3.46 17.93
C LYS F 120 -17.19 -4.85 17.55
N ILE F 121 -16.46 -5.42 16.61
CA ILE F 121 -16.51 -6.83 16.35
C ILE F 121 -15.10 -7.41 16.52
N TYR F 122 -15.05 -8.72 16.72
CA TYR F 122 -13.76 -9.38 16.92
C TYR F 122 -13.74 -10.78 16.37
N HIS F 123 -12.51 -11.21 16.09
CA HIS F 123 -12.21 -12.60 15.79
C HIS F 123 -11.21 -13.10 16.81
N THR F 124 -11.50 -14.26 17.39
CA THR F 124 -10.62 -14.88 18.41
C THR F 124 -9.76 -15.88 17.69
N HIS F 125 -8.44 -15.71 17.78
CA HIS F 125 -7.53 -16.58 17.05
C HIS F 125 -7.29 -17.83 17.88
N PRO F 126 -7.03 -18.96 17.22
CA PRO F 126 -6.62 -20.20 17.90
C PRO F 126 -5.15 -20.10 18.33
N ASN G 4 7.16 -18.84 13.51
CA ASN G 4 5.75 -18.49 13.21
C ASN G 4 5.31 -17.20 13.92
N THR G 5 5.66 -16.06 13.32
CA THR G 5 5.37 -14.73 13.91
C THR G 5 3.91 -14.26 13.77
N THR G 6 3.48 -13.39 14.69
CA THR G 6 2.12 -12.86 14.72
C THR G 6 2.03 -11.55 13.94
N TYR G 7 0.81 -11.12 13.59
CA TYR G 7 0.62 -9.81 13.01
C TYR G 7 1.26 -8.69 13.90
N VAL G 8 1.03 -8.78 15.21
CA VAL G 8 1.50 -7.74 16.14
C VAL G 8 3.02 -7.68 16.16
N GLN G 9 3.66 -8.85 16.22
CA GLN G 9 5.13 -8.92 16.10
C GLN G 9 5.67 -8.23 14.85
N GLU G 10 5.06 -8.51 13.69
CA GLU G 10 5.57 -7.93 12.46
C GLU G 10 5.27 -6.46 12.38
N TYR G 11 4.09 -6.08 12.84
CA TYR G 11 3.73 -4.65 12.92
C TYR G 11 4.77 -3.81 13.69
N HIS G 12 5.15 -4.27 14.84
N HIS G 12 5.12 -4.31 14.86
CA HIS G 12 6.11 -3.52 15.64
CA HIS G 12 6.16 -3.76 15.74
C HIS G 12 7.52 -3.52 15.01
C HIS G 12 7.45 -3.53 14.95
N ALA G 13 7.90 -4.60 14.32
CA ALA G 13 9.12 -4.61 13.52
C ALA G 13 9.10 -3.53 12.43
N ILE G 14 7.99 -3.45 11.71
CA ILE G 14 7.83 -2.50 10.63
C ILE G 14 7.76 -1.07 11.14
N VAL G 15 7.08 -0.86 12.25
CA VAL G 15 7.02 0.48 12.87
C VAL G 15 8.43 0.93 13.30
N GLU G 16 9.24 0.02 13.79
CA GLU G 16 10.64 0.35 14.11
C GLU G 16 11.39 0.90 12.91
N VAL G 17 11.21 0.26 11.75
CA VAL G 17 11.81 0.70 10.52
C VAL G 17 11.22 2.06 10.07
N LEU G 18 9.90 2.14 10.01
CA LEU G 18 9.24 3.36 9.59
C LEU G 18 9.53 4.55 10.51
N SER G 19 9.72 4.27 11.80
N SER G 19 9.73 4.29 11.80
CA SER G 19 10.09 5.29 12.79
CA SER G 19 10.05 5.37 12.76
C SER G 19 11.35 6.04 12.34
C SER G 19 11.43 6.03 12.48
N LYS G 20 12.35 5.30 11.85
CA LYS G 20 13.62 5.87 11.37
C LYS G 20 13.37 6.81 10.21
N TYR G 21 12.46 6.44 9.30
CA TYR G 21 12.06 7.32 8.22
C TYR G 21 11.46 8.63 8.77
N ASN G 22 10.53 8.50 9.70
CA ASN G 22 9.84 9.67 10.24
C ASN G 22 10.88 10.60 10.96
N GLU G 23 11.76 10.00 11.76
CA GLU G 23 12.77 10.74 12.52
C GLU G 23 13.79 11.43 11.56
N GLY G 24 14.23 10.73 10.51
CA GLY G 24 15.15 11.31 9.52
C GLY G 24 14.48 12.47 8.83
N GLY G 25 13.18 12.36 8.58
CA GLY G 25 12.42 13.46 7.98
C GLY G 25 12.36 14.70 8.83
N LYS G 26 12.03 14.50 10.10
CA LYS G 26 11.81 15.58 11.05
C LYS G 26 13.13 16.27 11.36
N LYS G 27 14.20 15.48 11.46
CA LYS G 27 15.52 16.01 11.75
C LYS G 27 16.26 16.49 10.49
N ALA G 28 15.68 16.23 9.30
CA ALA G 28 16.28 16.56 8.00
C ALA G 28 17.68 15.97 7.96
N ASP G 29 17.76 14.67 8.25
CA ASP G 29 19.03 13.95 8.30
C ASP G 29 18.83 12.61 7.61
N SER G 30 19.34 12.47 6.40
CA SER G 30 19.10 11.26 5.64
C SER G 30 19.78 10.06 6.28
N THR G 31 20.83 10.27 7.07
CA THR G 31 21.56 9.13 7.64
C THR G 31 20.68 8.37 8.61
N ILE G 32 19.71 9.05 9.24
CA ILE G 32 18.76 8.41 10.17
C ILE G 32 17.78 7.49 9.43
N MSE G 33 17.25 7.96 8.31
CA MSE G 33 16.30 7.19 7.50
C MSE G 33 16.91 6.11 6.58
O MSE G 33 16.23 5.09 6.22
CB MSE G 33 15.39 8.14 6.73
CG MSE G 33 16.06 9.12 5.78
SE MSE G 33 14.79 9.67 4.41
CE MSE G 33 13.61 10.80 5.51
N ARG G 34 18.17 6.32 6.17
CA ARG G 34 18.81 5.42 5.23
C ARG G 34 18.65 3.91 5.57
N PRO G 35 18.84 3.51 6.84
CA PRO G 35 18.71 2.07 7.19
C PRO G 35 17.36 1.45 6.85
N ALA G 36 16.33 2.27 6.69
CA ALA G 36 14.98 1.77 6.38
C ALA G 36 14.83 1.30 4.92
N PHE G 37 15.76 1.68 4.06
CA PHE G 37 15.64 1.43 2.64
C PHE G 37 16.67 0.44 2.03
N SER G 38 16.17 -0.37 1.11
CA SER G 38 17.01 -1.21 0.30
C SER G 38 17.86 -0.33 -0.60
N SER G 39 19.04 -0.83 -0.91
CA SER G 39 19.88 -0.26 -1.97
C SER G 39 19.19 -0.16 -3.34
N GLN G 40 18.12 -0.97 -3.55
CA GLN G 40 17.37 -1.00 -4.79
C GLN G 40 16.11 -0.14 -4.73
N ALA G 41 15.92 0.54 -3.58
CA ALA G 41 14.66 1.25 -3.33
C ALA G 41 14.55 2.41 -4.30
N THR G 42 13.30 2.74 -4.67
CA THR G 42 12.97 3.90 -5.48
C THR G 42 12.00 4.84 -4.80
N ILE G 43 11.98 6.06 -5.33
CA ILE G 43 11.06 7.08 -4.89
C ILE G 43 10.44 7.73 -6.12
N PHE G 44 9.13 7.88 -6.10
CA PHE G 44 8.39 8.55 -7.16
C PHE G 44 7.26 9.36 -6.59
N GLY G 45 7.07 10.51 -7.22
CA GLY G 45 5.83 11.26 -7.13
C GLY G 45 5.53 11.91 -8.48
N VAL G 46 4.56 12.81 -8.47
CA VAL G 46 4.19 13.59 -9.65
C VAL G 46 4.51 15.07 -9.44
N ASP G 47 5.17 15.68 -10.42
CA ASP G 47 5.57 17.09 -10.31
C ASP G 47 4.39 18.02 -10.63
N VAL G 48 4.65 19.33 -10.68
CA VAL G 48 3.59 20.31 -10.86
C VAL G 48 2.99 20.30 -12.28
N ASP G 49 3.74 19.78 -13.26
CA ASP G 49 3.23 19.50 -14.61
C ASP G 49 2.64 18.10 -14.77
N ASN G 50 2.33 17.44 -13.66
CA ASN G 50 1.72 16.11 -13.66
C ASN G 50 2.63 15.02 -14.24
N LYS G 51 3.92 15.27 -14.23
CA LYS G 51 4.88 14.34 -14.80
C LYS G 51 5.55 13.52 -13.69
N LEU G 52 5.87 12.27 -14.02
CA LEU G 52 6.54 11.39 -13.09
C LEU G 52 7.92 11.95 -12.79
N THR G 53 8.24 12.01 -11.50
CA THR G 53 9.51 12.46 -11.03
C THR G 53 10.04 11.52 -9.93
N GLY G 54 11.29 11.14 -10.04
CA GLY G 54 11.97 10.38 -9.01
C GLY G 54 12.97 9.46 -9.65
N GLY G 55 13.21 8.34 -8.99
CA GLY G 55 14.27 7.41 -9.35
C GLY G 55 14.81 6.72 -8.10
N PRO G 56 16.10 6.39 -8.11
CA PRO G 56 16.80 5.75 -6.99
C PRO G 56 16.59 6.57 -5.74
N ILE G 57 16.45 5.88 -4.61
CA ILE G 57 16.15 6.53 -3.32
C ILE G 57 17.23 7.53 -2.88
N GLN G 58 18.46 7.43 -3.41
CA GLN G 58 19.50 8.44 -3.18
C GLN G 58 18.96 9.85 -3.43
N GLY G 59 18.06 9.97 -4.39
CA GLY G 59 17.45 11.26 -4.71
C GLY G 59 16.66 11.87 -3.56
N LEU G 60 15.94 11.02 -2.81
CA LEU G 60 15.21 11.45 -1.64
C LEU G 60 16.24 11.94 -0.61
N PHE G 61 17.27 11.13 -0.38
CA PHE G 61 18.22 11.45 0.68
C PHE G 61 18.87 12.81 0.40
N ASP G 62 19.17 13.07 -0.87
CA ASP G 62 19.76 14.35 -1.28
C ASP G 62 18.84 15.58 -1.03
N VAL G 63 17.55 15.46 -1.34
CA VAL G 63 16.56 16.48 -0.96
C VAL G 63 16.46 16.66 0.57
N ILE G 64 16.41 15.56 1.32
CA ILE G 64 16.31 15.65 2.80
C ILE G 64 17.52 16.42 3.36
N ASP G 65 18.70 16.15 2.83
CA ASP G 65 19.93 16.74 3.34
C ASP G 65 20.21 18.16 2.83
N ASN G 66 19.83 18.44 1.60
CA ASN G 66 20.17 19.70 0.95
C ASN G 66 19.08 20.74 0.94
N VAL G 67 17.82 20.30 0.98
CA VAL G 67 16.66 21.18 0.86
C VAL G 67 15.87 21.28 2.16
N PHE G 68 15.61 20.17 2.83
CA PHE G 68 14.76 20.21 3.99
C PHE G 68 15.44 20.95 5.15
N HIS G 69 14.61 21.43 6.07
CA HIS G 69 15.05 22.08 7.30
C HIS G 69 14.54 21.21 8.44
N PRO G 70 15.29 21.15 9.55
CA PRO G 70 14.77 20.46 10.73
C PRO G 70 13.36 20.98 11.08
N SER G 71 12.44 20.07 11.43
CA SER G 71 11.03 20.42 11.63
C SER G 71 10.55 19.94 12.98
N PRO G 72 10.86 20.71 14.03
CA PRO G 72 10.43 20.29 15.37
C PRO G 72 8.93 20.04 15.49
N GLU G 73 8.09 20.79 14.78
CA GLU G 73 6.64 20.64 14.91
C GLU G 73 6.01 19.55 14.00
N ALA G 74 6.82 18.84 13.21
CA ALA G 74 6.32 17.78 12.31
C ALA G 74 5.62 16.69 13.09
N LYS G 75 4.48 16.27 12.59
CA LYS G 75 3.69 15.20 13.23
C LYS G 75 3.30 14.16 12.21
N ALA G 76 3.63 12.90 12.48
CA ALA G 76 3.42 11.82 11.53
C ALA G 76 2.41 10.83 12.13
N ALA G 77 1.62 10.22 11.27
CA ALA G 77 0.71 9.15 11.63
C ALA G 77 0.91 8.01 10.67
N ILE G 78 1.23 6.82 11.21
CA ILE G 78 1.28 5.57 10.46
C ILE G 78 -0.17 5.06 10.39
N ALA G 79 -0.82 5.48 9.32
CA ALA G 79 -2.25 5.29 9.13
C ALA G 79 -2.64 3.82 8.97
N ARG G 80 -1.78 3.04 8.35
CA ARG G 80 -2.11 1.67 7.99
C ARG G 80 -0.84 0.93 7.69
N ILE G 81 -0.78 -0.29 8.19
CA ILE G 81 0.22 -1.30 7.78
C ILE G 81 -0.53 -2.61 7.46
N ASP G 82 -0.45 -3.03 6.20
CA ASP G 82 -1.00 -4.32 5.73
C ASP G 82 0.16 -5.29 5.67
N ILE G 83 0.02 -6.49 6.21
CA ILE G 83 1.14 -7.42 6.25
C ILE G 83 0.66 -8.77 5.80
N VAL G 84 1.28 -9.25 4.73
CA VAL G 84 1.03 -10.59 4.26
C VAL G 84 2.34 -11.28 3.99
N GLY G 85 2.67 -12.20 4.92
CA GLY G 85 3.91 -12.97 4.87
C GLY G 85 5.17 -12.11 4.87
N THR G 86 5.88 -12.16 3.77
CA THR G 86 7.13 -11.44 3.57
C THR G 86 6.93 -10.05 2.95
N ALA G 87 5.68 -9.69 2.65
CA ALA G 87 5.32 -8.41 1.99
C ALA G 87 4.42 -7.58 2.89
N ALA G 88 4.55 -6.27 2.75
CA ALA G 88 3.78 -5.32 3.52
C ALA G 88 3.64 -4.00 2.78
N SER G 89 2.54 -3.33 3.08
N SER G 89 2.56 -3.30 3.08
CA SER G 89 2.25 -2.01 2.57
CA SER G 89 2.35 -1.97 2.54
C SER G 89 1.99 -1.12 3.80
C SER G 89 1.82 -1.04 3.64
N ALA G 90 2.41 0.14 3.73
CA ALA G 90 2.13 1.11 4.80
C ALA G 90 1.78 2.45 4.19
N ARG G 91 0.95 3.17 4.91
CA ARG G 91 0.63 4.58 4.63
C ARG G 91 1.09 5.41 5.81
N ILE G 92 1.81 6.50 5.53
CA ILE G 92 2.20 7.45 6.59
C ILE G 92 1.77 8.83 6.12
N ASP G 93 1.04 9.54 6.95
CA ASP G 93 0.70 10.95 6.72
C ASP G 93 1.56 11.86 7.64
N THR G 94 2.05 12.99 7.12
CA THR G 94 2.95 13.86 7.87
C THR G 94 2.53 15.32 7.65
N ASP G 95 2.31 16.04 8.75
CA ASP G 95 1.98 17.48 8.73
C ASP G 95 3.21 18.30 9.11
N ASP G 96 3.33 19.49 8.56
CA ASP G 96 4.34 20.48 9.00
C ASP G 96 5.78 19.96 8.98
N ILE G 97 6.12 19.29 7.89
CA ILE G 97 7.49 18.85 7.66
C ILE G 97 8.12 19.78 6.58
N SER G 98 9.04 20.63 7.04
CA SER G 98 9.73 21.60 6.17
C SER G 98 8.72 22.41 5.30
N GLY G 99 7.57 22.76 5.87
CA GLY G 99 6.56 23.54 5.17
C GLY G 99 5.55 22.73 4.38
N PHE G 100 5.70 21.40 4.40
CA PHE G 100 4.92 20.51 3.55
C PHE G 100 3.97 19.60 4.36
N ARG G 101 2.94 19.09 3.69
N ARG G 101 2.88 19.16 3.71
CA ARG G 101 2.08 18.05 4.24
CA ARG G 101 2.03 18.06 4.17
C ARG G 101 1.98 16.96 3.17
C ARG G 101 2.15 16.99 3.10
N PHE G 102 2.40 15.75 3.53
CA PHE G 102 2.49 14.61 2.65
C PHE G 102 1.64 13.43 3.10
N THR G 103 1.27 12.61 2.11
CA THR G 103 0.86 11.24 2.29
C THR G 103 1.83 10.39 1.50
N ASP G 104 2.40 9.41 2.17
CA ASP G 104 3.39 8.47 1.61
C ASP G 104 2.81 7.06 1.60
N PHE G 105 3.04 6.33 0.53
CA PHE G 105 2.81 4.87 0.51
C PHE G 105 4.11 4.11 0.30
N PHE G 106 4.29 3.05 1.07
CA PHE G 106 5.47 2.27 1.09
C PHE G 106 5.16 0.83 0.81
N ASN G 107 6.00 0.22 0.00
CA ASN G 107 6.07 -1.20 -0.18
C ASN G 107 7.32 -1.69 0.54
N LEU G 108 7.12 -2.66 1.41
CA LEU G 108 8.22 -3.29 2.16
C LEU G 108 8.27 -4.80 2.00
N LEU G 109 9.48 -5.32 2.06
CA LEU G 109 9.72 -6.75 2.10
C LEU G 109 10.62 -7.16 3.23
N LYS G 110 10.36 -8.36 3.71
CA LYS G 110 11.12 -8.91 4.80
C LYS G 110 12.31 -9.67 4.20
N VAL G 111 13.44 -8.98 4.10
CA VAL G 111 14.64 -9.54 3.44
C VAL G 111 15.62 -10.02 4.48
N GLU G 112 15.96 -11.30 4.42
CA GLU G 112 16.85 -11.94 5.41
C GLU G 112 16.46 -11.59 6.85
N GLY G 113 15.16 -11.72 7.15
CA GLY G 113 14.65 -11.53 8.51
C GLY G 113 14.39 -10.09 8.96
N LYS G 114 14.63 -9.12 8.08
CA LYS G 114 14.47 -7.69 8.39
C LYS G 114 13.67 -6.91 7.34
N TRP G 115 12.70 -6.12 7.79
CA TRP G 115 11.83 -5.38 6.88
C TRP G 115 12.61 -4.22 6.27
N THR G 116 12.41 -4.00 4.98
CA THR G 116 13.11 -2.96 4.23
C THR G 116 12.15 -2.38 3.20
N VAL G 117 12.23 -1.06 3.02
CA VAL G 117 11.42 -0.36 2.05
C VAL G 117 12.06 -0.55 0.67
N VAL G 118 11.27 -1.03 -0.29
CA VAL G 118 11.74 -1.10 -1.66
C VAL G 118 11.12 -0.02 -2.56
N SER G 119 10.03 0.61 -2.11
CA SER G 119 9.37 1.66 -2.92
C SER G 119 8.67 2.62 -2.01
N LYS G 120 8.89 3.92 -2.22
CA LYS G 120 8.09 4.95 -1.58
C LYS G 120 7.48 5.81 -2.67
N ILE G 121 6.18 6.08 -2.55
CA ILE G 121 5.54 7.11 -3.38
C ILE G 121 4.88 8.11 -2.46
N TYR G 122 4.57 9.30 -2.99
CA TYR G 122 4.02 10.35 -2.15
C TYR G 122 3.09 11.20 -2.94
N HIS G 123 2.16 11.82 -2.21
CA HIS G 123 1.38 12.92 -2.71
C HIS G 123 1.66 14.12 -1.84
N THR G 124 1.92 15.28 -2.46
CA THR G 124 2.14 16.49 -1.70
C THR G 124 0.82 17.24 -1.66
N HIS G 125 0.34 17.52 -0.46
CA HIS G 125 -0.91 18.25 -0.29
C HIS G 125 -0.69 19.76 -0.53
N PRO G 126 -1.74 20.48 -0.96
CA PRO G 126 -1.57 21.92 -1.25
C PRO G 126 -1.30 22.75 0.01
N SER G 127 -0.69 23.93 -0.20
CA SER G 127 -0.52 24.95 0.84
C SER G 127 -1.65 25.99 0.75
N ASN H 4 -12.45 18.54 -10.66
CA ASN H 4 -11.80 17.85 -9.51
C ASN H 4 -12.58 16.58 -9.11
N THR H 5 -11.90 15.44 -9.17
CA THR H 5 -12.56 14.12 -9.23
C THR H 5 -12.87 13.52 -7.85
N THR H 6 -13.76 12.53 -7.85
CA THR H 6 -14.17 11.86 -6.61
C THR H 6 -13.39 10.54 -6.36
N TYR H 7 -13.52 10.03 -5.14
N TYR H 7 -13.48 10.01 -5.12
CA TYR H 7 -12.96 8.76 -4.76
CA TYR H 7 -12.88 8.70 -4.80
C TYR H 7 -13.42 7.64 -5.71
C TYR H 7 -13.40 7.65 -5.77
N VAL H 8 -14.73 7.57 -5.94
CA VAL H 8 -15.30 6.53 -6.81
C VAL H 8 -14.77 6.63 -8.25
N GLN H 9 -14.69 7.84 -8.80
CA GLN H 9 -14.09 8.04 -10.12
C GLN H 9 -12.65 7.53 -10.23
N GLU H 10 -11.82 7.88 -9.25
CA GLU H 10 -10.45 7.43 -9.31
C GLU H 10 -10.36 5.93 -9.12
N TYR H 11 -11.21 5.42 -8.26
CA TYR H 11 -11.27 4.00 -7.97
C TYR H 11 -11.48 3.23 -9.26
N HIS H 12 -12.46 3.65 -10.02
CA HIS H 12 -12.80 2.94 -11.23
C HIS H 12 -11.71 3.06 -12.28
N ALA H 13 -11.02 4.20 -12.32
CA ALA H 13 -9.84 4.42 -13.21
C ALA H 13 -8.72 3.44 -12.87
N ILE H 14 -8.46 3.28 -11.59
CA ILE H 14 -7.41 2.41 -11.12
C ILE H 14 -7.79 0.96 -11.35
N VAL H 15 -9.05 0.62 -11.11
CA VAL H 15 -9.53 -0.74 -11.40
C VAL H 15 -9.34 -1.10 -12.88
N GLU H 16 -9.61 -0.16 -13.79
CA GLU H 16 -9.34 -0.37 -15.21
C GLU H 16 -7.89 -0.77 -15.48
N VAL H 17 -6.97 -0.09 -14.83
CA VAL H 17 -5.56 -0.36 -14.98
C VAL H 17 -5.24 -1.75 -14.40
N LEU H 18 -5.69 -1.99 -13.18
CA LEU H 18 -5.34 -3.21 -12.47
C LEU H 18 -6.00 -4.46 -13.12
N SER H 19 -7.13 -4.26 -13.77
N SER H 19 -7.14 -4.27 -13.76
CA SER H 19 -7.81 -5.33 -14.49
CA SER H 19 -7.80 -5.34 -14.49
C SER H 19 -6.95 -5.84 -15.67
C SER H 19 -6.90 -5.85 -15.64
N LYS H 20 -6.17 -4.96 -16.29
CA LYS H 20 -5.22 -5.35 -17.36
C LYS H 20 -4.12 -6.25 -16.79
N TYR H 21 -3.63 -5.91 -15.59
CA TYR H 21 -2.70 -6.76 -14.87
C TYR H 21 -3.31 -8.14 -14.62
N ASN H 22 -4.50 -8.19 -14.01
CA ASN H 22 -5.12 -9.49 -13.74
C ASN H 22 -5.38 -10.32 -15.02
N GLU H 23 -5.84 -9.67 -16.07
CA GLU H 23 -6.12 -10.33 -17.37
C GLU H 23 -4.82 -10.84 -18.02
N GLY H 24 -3.78 -10.01 -18.01
CA GLY H 24 -2.47 -10.41 -18.48
C GLY H 24 -1.97 -11.67 -17.80
N GLY H 25 -2.10 -11.72 -16.48
CA GLY H 25 -1.68 -12.87 -15.69
C GLY H 25 -2.44 -14.13 -16.03
N LYS H 26 -3.76 -14.02 -16.06
CA LYS H 26 -4.65 -15.15 -16.31
C LYS H 26 -4.44 -15.73 -17.71
N LYS H 27 -4.25 -14.87 -18.70
CA LYS H 27 -4.01 -15.30 -20.05
C LYS H 27 -2.54 -15.69 -20.29
N ALA H 28 -1.65 -15.43 -19.31
CA ALA H 28 -0.20 -15.59 -19.47
C ALA H 28 0.27 -14.82 -20.72
N ASP H 29 -0.10 -13.55 -20.78
CA ASP H 29 0.27 -12.71 -21.91
C ASP H 29 0.69 -11.32 -21.39
N SER H 30 2.01 -11.05 -21.43
CA SER H 30 2.54 -9.81 -20.90
C SER H 30 2.07 -8.56 -21.66
N THR H 31 1.74 -8.72 -22.94
N THR H 31 1.71 -8.73 -22.93
CA THR H 31 1.29 -7.60 -23.77
CA THR H 31 1.30 -7.59 -23.76
C THR H 31 0.04 -6.94 -23.20
C THR H 31 0.01 -6.95 -23.24
N ILE H 32 -0.83 -7.75 -22.59
CA ILE H 32 -2.07 -7.24 -21.98
C ILE H 32 -1.78 -6.39 -20.72
N MSE H 33 -0.88 -6.86 -19.84
CA MSE H 33 -0.56 -6.11 -18.63
C MSE H 33 0.41 -4.97 -18.84
O MSE H 33 0.41 -4.02 -18.05
CB MSE H 33 -0.01 -7.02 -17.52
CG MSE H 33 1.25 -7.75 -17.84
SE MSE H 33 2.05 -8.55 -16.25
CE MSE H 33 0.57 -9.75 -15.67
N ARG H 34 1.28 -5.07 -19.84
CA ARG H 34 2.36 -4.08 -20.04
C ARG H 34 1.90 -2.62 -19.85
N PRO H 35 0.79 -2.20 -20.50
CA PRO H 35 0.32 -0.79 -20.36
C PRO H 35 0.04 -0.31 -18.92
N ALA H 36 -0.18 -1.22 -17.98
CA ALA H 36 -0.46 -0.85 -16.58
C ALA H 36 0.79 -0.32 -15.82
N PHE H 37 1.97 -0.54 -16.39
CA PHE H 37 3.21 -0.25 -15.67
C PHE H 37 4.01 0.85 -16.33
N SER H 38 4.56 1.70 -15.48
N SER H 38 4.54 1.75 -15.50
CA SER H 38 5.57 2.66 -15.92
CA SER H 38 5.56 2.68 -15.99
C SER H 38 6.83 1.93 -16.39
C SER H 38 6.74 1.87 -16.49
N SER H 39 7.51 2.46 -17.41
CA SER H 39 8.77 1.88 -17.89
C SER H 39 9.80 1.76 -16.76
N GLN H 40 9.67 2.62 -15.76
CA GLN H 40 10.57 2.66 -14.62
C GLN H 40 10.10 1.74 -13.46
N ALA H 41 9.02 1.00 -13.63
CA ALA H 41 8.46 0.21 -12.52
C ALA H 41 9.38 -0.93 -12.15
N THR H 42 9.35 -1.28 -10.87
CA THR H 42 10.15 -2.34 -10.32
C THR H 42 9.22 -3.39 -9.80
N ILE H 43 9.75 -4.60 -9.74
CA ILE H 43 9.06 -5.72 -9.19
C ILE H 43 10.02 -6.45 -8.26
N PHE H 44 9.60 -6.66 -7.02
CA PHE H 44 10.38 -7.35 -6.01
C PHE H 44 9.57 -8.28 -5.13
N GLY H 45 10.22 -9.37 -4.77
CA GLY H 45 9.80 -10.26 -3.72
C GLY H 45 11.00 -10.87 -3.05
N VAL H 46 10.74 -11.92 -2.29
CA VAL H 46 11.79 -12.59 -1.55
C VAL H 46 11.83 -14.03 -2.03
N ASP H 47 13.05 -14.56 -2.20
CA ASP H 47 13.21 -15.92 -2.67
C ASP H 47 13.23 -16.90 -1.51
N VAL H 48 13.43 -18.19 -1.82
CA VAL H 48 13.36 -19.24 -0.82
C VAL H 48 14.47 -19.09 0.24
N ASP H 49 15.57 -18.44 -0.15
CA ASP H 49 16.66 -18.08 0.79
C ASP H 49 16.41 -16.78 1.57
N ASN H 50 15.22 -16.20 1.38
CA ASN H 50 14.83 -14.92 1.97
C ASN H 50 15.61 -13.74 1.43
N LYS H 51 16.14 -13.86 0.22
CA LYS H 51 16.86 -12.77 -0.41
C LYS H 51 15.99 -12.00 -1.36
N LEU H 52 16.34 -10.73 -1.53
CA LEU H 52 15.60 -9.87 -2.42
C LEU H 52 15.77 -10.39 -3.84
N THR H 53 14.67 -10.49 -4.58
CA THR H 53 14.73 -10.93 -5.97
C THR H 53 13.80 -10.09 -6.81
N GLY H 54 14.29 -9.67 -7.97
CA GLY H 54 13.49 -8.91 -8.90
C GLY H 54 14.27 -7.77 -9.48
N GLY H 55 13.56 -6.70 -9.81
CA GLY H 55 14.15 -5.53 -10.43
C GLY H 55 13.23 -5.00 -11.49
N PRO H 56 13.66 -5.05 -12.74
CA PRO H 56 12.87 -4.37 -13.76
C PRO H 56 11.63 -5.18 -14.05
N ILE H 57 10.59 -4.44 -14.40
CA ILE H 57 9.25 -5.05 -14.58
C ILE H 57 9.31 -6.01 -15.81
N GLN H 58 10.23 -5.78 -16.72
CA GLN H 58 10.42 -6.70 -17.81
C GLN H 58 10.66 -8.13 -17.29
N GLY H 59 11.32 -8.27 -16.14
CA GLY H 59 11.49 -9.58 -15.51
C GLY H 59 10.14 -10.28 -15.26
N LEU H 60 9.13 -9.51 -14.86
CA LEU H 60 7.77 -10.03 -14.67
C LEU H 60 7.20 -10.51 -16.01
N PHE H 61 7.32 -9.65 -17.02
CA PHE H 61 6.78 -9.94 -18.34
C PHE H 61 7.39 -11.22 -18.89
N ASP H 62 8.68 -11.40 -18.66
CA ASP H 62 9.36 -12.64 -19.11
C ASP H 62 8.82 -13.91 -18.45
N VAL H 63 8.67 -13.87 -17.13
CA VAL H 63 8.05 -14.94 -16.35
C VAL H 63 6.62 -15.23 -16.86
N ILE H 64 5.84 -14.17 -17.10
CA ILE H 64 4.47 -14.32 -17.56
C ILE H 64 4.44 -15.04 -18.93
N ASP H 65 5.38 -14.68 -19.81
CA ASP H 65 5.41 -15.17 -21.19
C ASP H 65 6.10 -16.53 -21.38
N ASN H 66 7.12 -16.76 -20.57
CA ASN H 66 7.97 -17.94 -20.68
C ASN H 66 7.64 -19.04 -19.66
N VAL H 67 7.17 -18.67 -18.49
CA VAL H 67 6.99 -19.65 -17.40
C VAL H 67 5.52 -19.99 -17.14
N PHE H 68 4.65 -18.98 -17.20
CA PHE H 68 3.24 -19.17 -16.85
C PHE H 68 2.52 -19.84 -18.00
N HIS H 69 1.42 -20.47 -17.65
CA HIS H 69 0.49 -21.06 -18.59
C HIS H 69 -0.82 -20.31 -18.43
N PRO H 70 -1.60 -20.21 -19.52
CA PRO H 70 -2.92 -19.65 -19.35
C PRO H 70 -3.68 -20.36 -18.22
N SER H 71 -4.41 -19.58 -17.42
CA SER H 71 -5.02 -20.08 -16.20
C SER H 71 -6.48 -19.65 -16.15
N PRO H 72 -7.34 -20.30 -16.95
CA PRO H 72 -8.73 -19.83 -16.99
C PRO H 72 -9.45 -19.89 -15.62
N GLU H 73 -8.97 -20.75 -14.71
CA GLU H 73 -9.56 -20.87 -13.37
C GLU H 73 -8.99 -19.88 -12.32
N ALA H 74 -8.04 -19.03 -12.74
CA ALA H 74 -7.46 -18.03 -11.81
C ALA H 74 -8.55 -17.07 -11.34
N LYS H 75 -8.54 -16.72 -10.06
CA LYS H 75 -9.51 -15.80 -9.49
C LYS H 75 -8.76 -14.73 -8.68
N ALA H 76 -8.98 -13.46 -9.03
CA ALA H 76 -8.34 -12.33 -8.34
C ALA H 76 -9.35 -11.52 -7.52
N ALA H 77 -8.89 -10.95 -6.41
CA ALA H 77 -9.64 -10.02 -5.59
C ALA H 77 -8.81 -8.74 -5.46
N ILE H 78 -9.34 -7.61 -5.91
CA ILE H 78 -8.71 -6.32 -5.59
C ILE H 78 -9.21 -5.95 -4.18
N ALA H 79 -8.43 -6.33 -3.17
CA ALA H 79 -8.81 -6.28 -1.76
C ALA H 79 -8.99 -4.85 -1.25
N ARG H 80 -8.16 -3.95 -1.73
CA ARG H 80 -8.06 -2.62 -1.19
C ARG H 80 -7.39 -1.71 -2.20
N ILE H 81 -8.00 -0.53 -2.38
CA ILE H 81 -7.36 0.62 -3.06
C ILE H 81 -7.51 1.88 -2.18
N ASP H 82 -6.38 2.42 -1.73
CA ASP H 82 -6.27 3.63 -0.92
C ASP H 82 -5.87 4.72 -1.89
N ILE H 83 -6.56 5.84 -1.94
CA ILE H 83 -6.30 6.88 -2.94
C ILE H 83 -6.20 8.19 -2.22
N VAL H 84 -5.05 8.86 -2.38
CA VAL H 84 -4.86 10.18 -1.84
C VAL H 84 -4.20 11.02 -2.92
N GLY H 85 -5.01 11.88 -3.52
CA GLY H 85 -4.56 12.79 -4.57
C GLY H 85 -4.04 12.05 -5.79
N THR H 86 -2.75 12.25 -6.09
CA THR H 86 -2.07 11.65 -7.21
C THR H 86 -1.43 10.30 -6.91
N ALA H 87 -1.60 9.83 -5.67
CA ALA H 87 -1.00 8.58 -5.20
C ALA H 87 -2.04 7.57 -4.76
N ALA H 88 -1.71 6.28 -4.92
CA ALA H 88 -2.61 5.22 -4.53
C ALA H 88 -1.82 3.99 -4.21
N SER H 89 -2.35 3.16 -3.32
N SER H 89 -2.35 3.19 -3.31
CA SER H 89 -1.77 1.86 -3.00
CA SER H 89 -1.80 1.86 -3.09
C SER H 89 -2.87 0.81 -3.07
C SER H 89 -2.94 0.87 -3.30
N ALA H 90 -2.61 -0.34 -3.72
CA ALA H 90 -3.60 -1.36 -3.95
C ALA H 90 -3.06 -2.69 -3.51
N ARG H 91 -3.96 -3.57 -3.11
CA ARG H 91 -3.68 -4.94 -2.75
C ARG H 91 -4.52 -5.82 -3.67
N ILE H 92 -3.89 -6.82 -4.29
CA ILE H 92 -4.60 -7.86 -5.10
C ILE H 92 -4.13 -9.24 -4.63
N ASP H 93 -5.10 -10.09 -4.34
CA ASP H 93 -4.86 -11.49 -4.02
C ASP H 93 -5.38 -12.34 -5.17
N THR H 94 -4.58 -13.33 -5.56
CA THR H 94 -4.87 -14.17 -6.72
C THR H 94 -4.66 -15.64 -6.33
N ASP H 95 -5.67 -16.47 -6.63
CA ASP H 95 -5.67 -17.91 -6.37
C ASP H 95 -5.52 -18.61 -7.72
N ASP H 96 -4.81 -19.74 -7.76
CA ASP H 96 -4.86 -20.68 -8.91
C ASP H 96 -4.36 -20.04 -10.23
N ILE H 97 -3.26 -19.30 -10.14
CA ILE H 97 -2.65 -18.71 -11.31
C ILE H 97 -1.35 -19.46 -11.60
N SER H 98 -1.36 -20.23 -12.70
N SER H 98 -1.35 -20.24 -12.69
CA SER H 98 -0.26 -21.13 -13.08
CA SER H 98 -0.21 -21.10 -13.06
C SER H 98 0.31 -21.92 -11.90
C SER H 98 0.32 -21.91 -11.88
N GLY H 99 -0.58 -22.44 -11.05
CA GLY H 99 -0.17 -23.26 -9.91
C GLY H 99 0.21 -22.47 -8.66
N PHE H 100 0.01 -21.15 -8.68
CA PHE H 100 0.42 -20.27 -7.58
C PHE H 100 -0.74 -19.52 -6.95
N ARG H 101 -0.51 -19.07 -5.71
CA ARG H 101 -1.33 -18.11 -4.99
C ARG H 101 -0.44 -16.96 -4.53
N PHE H 102 -0.86 -15.74 -4.83
CA PHE H 102 -0.11 -14.52 -4.52
C PHE H 102 -0.92 -13.49 -3.76
N THR H 103 -0.21 -12.62 -3.03
CA THR H 103 -0.73 -11.34 -2.60
C THR H 103 0.29 -10.37 -3.13
N ASP H 104 -0.21 -9.40 -3.90
CA ASP H 104 0.55 -8.33 -4.54
C ASP H 104 0.17 -7.02 -3.87
N PHE H 105 1.19 -6.19 -3.62
CA PHE H 105 0.99 -4.78 -3.27
C PHE H 105 1.53 -3.87 -4.36
N PHE H 106 0.71 -2.93 -4.77
CA PHE H 106 1.01 -1.96 -5.79
C PHE H 106 1.07 -0.53 -5.27
N ASN H 107 2.07 0.21 -5.74
CA ASN H 107 2.11 1.65 -5.65
C ASN H 107 1.85 2.25 -7.02
N LEU H 108 0.84 3.13 -7.10
CA LEU H 108 0.44 3.77 -8.36
C LEU H 108 0.48 5.28 -8.23
N LEU H 109 0.80 5.95 -9.33
CA LEU H 109 0.75 7.42 -9.40
C LEU H 109 -0.08 7.83 -10.59
N LYS H 110 -0.73 8.99 -10.47
CA LYS H 110 -1.55 9.50 -11.58
C LYS H 110 -0.69 10.45 -12.41
N VAL H 111 -0.16 9.91 -13.51
CA VAL H 111 0.82 10.62 -14.36
C VAL H 111 0.11 11.10 -15.61
N GLU H 112 0.12 12.43 -15.78
CA GLU H 112 -0.51 13.06 -16.94
C GLU H 112 -1.91 12.52 -17.15
N GLY H 113 -2.64 12.50 -16.04
CA GLY H 113 -4.04 12.14 -16.03
C GLY H 113 -4.38 10.68 -16.06
N LYS H 114 -3.36 9.80 -16.02
CA LYS H 114 -3.56 8.37 -16.09
C LYS H 114 -2.76 7.62 -15.02
N TRP H 115 -3.41 6.66 -14.39
CA TRP H 115 -2.85 5.92 -13.29
C TRP H 115 -1.89 4.87 -13.83
N THR H 116 -0.74 4.77 -13.18
CA THR H 116 0.32 3.86 -13.61
C THR H 116 1.00 3.22 -12.40
N VAL H 117 1.26 1.93 -12.48
CA VAL H 117 2.05 1.23 -11.47
C VAL H 117 3.57 1.56 -11.53
N VAL H 118 4.13 2.03 -10.43
CA VAL H 118 5.60 2.27 -10.37
C VAL H 118 6.32 1.24 -9.52
N SER H 119 5.54 0.45 -8.77
CA SER H 119 6.12 -0.60 -7.96
C SER H 119 5.11 -1.69 -7.64
N LYS H 120 5.51 -2.93 -7.86
CA LYS H 120 4.77 -4.06 -7.36
C LYS H 120 5.68 -4.93 -6.53
N ILE H 121 5.14 -5.41 -5.42
CA ILE H 121 5.78 -6.43 -4.61
C ILE H 121 4.79 -7.54 -4.39
N TYR H 122 5.28 -8.72 -4.01
CA TYR H 122 4.41 -9.87 -3.89
C TYR H 122 4.93 -10.77 -2.79
N HIS H 123 4.00 -11.52 -2.22
CA HIS H 123 4.33 -12.65 -1.38
C HIS H 123 3.72 -13.86 -2.06
N THR H 124 4.51 -14.93 -2.17
CA THR H 124 4.00 -16.17 -2.72
C THR H 124 3.55 -17.09 -1.59
N HIS H 125 2.28 -17.51 -1.66
CA HIS H 125 1.71 -18.38 -0.64
C HIS H 125 2.09 -19.83 -0.94
N PRO H 126 2.10 -20.67 0.10
CA PRO H 126 2.42 -22.10 -0.08
C PRO H 126 1.35 -22.89 -0.86
N ASN I 4 -38.81 -30.05 -31.09
CA ASN I 4 -39.78 -30.68 -32.04
C ASN I 4 -39.52 -30.40 -33.53
N THR I 5 -38.57 -29.51 -33.82
N THR I 5 -38.56 -29.54 -33.80
CA THR I 5 -38.11 -29.30 -35.20
CA THR I 5 -38.09 -29.31 -35.15
C THR I 5 -36.60 -29.51 -35.28
C THR I 5 -36.62 -29.72 -35.21
N THR I 6 -36.15 -30.11 -36.39
CA THR I 6 -34.74 -30.43 -36.54
C THR I 6 -34.03 -29.25 -37.15
N TYR I 7 -32.69 -29.25 -37.07
N TYR I 7 -32.71 -29.32 -37.06
CA TYR I 7 -31.88 -28.22 -37.73
CA TYR I 7 -31.83 -28.36 -37.70
C TYR I 7 -32.14 -28.20 -39.24
C TYR I 7 -32.16 -28.23 -39.18
N VAL I 8 -32.22 -29.37 -39.86
CA VAL I 8 -32.45 -29.44 -41.34
C VAL I 8 -33.79 -28.78 -41.68
N GLN I 9 -34.82 -29.08 -40.90
CA GLN I 9 -36.14 -28.49 -41.16
C GLN I 9 -36.12 -26.98 -41.03
N GLU I 10 -35.46 -26.47 -39.98
CA GLU I 10 -35.40 -25.01 -39.78
C GLU I 10 -34.53 -24.33 -40.83
N TYR I 11 -33.40 -24.97 -41.13
CA TYR I 11 -32.52 -24.54 -42.23
C TYR I 11 -33.32 -24.32 -43.50
N HIS I 12 -34.10 -25.31 -43.88
CA HIS I 12 -34.79 -25.22 -45.16
C HIS I 12 -35.87 -24.13 -45.08
N ALA I 13 -36.47 -23.93 -43.90
CA ALA I 13 -37.44 -22.86 -43.77
C ALA I 13 -36.77 -21.50 -43.91
N ILE I 14 -35.62 -21.31 -43.26
CA ILE I 14 -34.87 -20.07 -43.39
C ILE I 14 -34.41 -19.81 -44.82
N VAL I 15 -33.92 -20.85 -45.50
CA VAL I 15 -33.51 -20.71 -46.90
C VAL I 15 -34.68 -20.25 -47.80
N GLU I 16 -35.88 -20.74 -47.52
CA GLU I 16 -37.07 -20.32 -48.28
C GLU I 16 -37.27 -18.80 -48.11
N VAL I 17 -37.05 -18.28 -46.90
CA VAL I 17 -37.12 -16.83 -46.63
C VAL I 17 -35.98 -16.08 -47.33
N LEU I 18 -34.73 -16.51 -47.12
CA LEU I 18 -33.57 -15.86 -47.70
C LEU I 18 -33.53 -15.90 -49.26
N SER I 19 -34.12 -16.95 -49.83
CA SER I 19 -34.28 -17.12 -51.27
C SER I 19 -35.00 -15.93 -51.89
N LYS I 20 -36.05 -15.47 -51.22
CA LYS I 20 -36.82 -14.31 -51.65
C LYS I 20 -35.99 -13.05 -51.68
N TYR I 21 -35.12 -12.86 -50.70
CA TYR I 21 -34.21 -11.74 -50.70
C TYR I 21 -33.26 -11.81 -51.92
N ASN I 22 -32.68 -12.99 -52.13
CA ASN I 22 -31.79 -13.23 -53.26
C ASN I 22 -32.48 -13.04 -54.60
N GLU I 23 -33.69 -13.56 -54.72
CA GLU I 23 -34.49 -13.48 -55.97
C GLU I 23 -34.94 -12.03 -56.23
N GLY I 24 -35.39 -11.34 -55.19
CA GLY I 24 -35.76 -9.93 -55.30
C GLY I 24 -34.60 -9.06 -55.76
N GLY I 25 -33.42 -9.34 -55.25
CA GLY I 25 -32.24 -8.56 -55.61
C GLY I 25 -31.79 -8.80 -57.03
N LYS I 26 -31.83 -10.07 -57.45
CA LYS I 26 -31.46 -10.47 -58.80
C LYS I 26 -32.43 -9.96 -59.87
N LYS I 27 -33.72 -9.94 -59.54
CA LYS I 27 -34.74 -9.44 -60.43
C LYS I 27 -34.96 -7.93 -60.28
N ALA I 28 -34.22 -7.30 -59.36
CA ALA I 28 -34.39 -5.88 -59.02
C ALA I 28 -35.86 -5.56 -58.75
N ASP I 29 -36.50 -6.31 -57.86
CA ASP I 29 -37.94 -6.16 -57.59
C ASP I 29 -38.16 -6.33 -56.08
N SER I 30 -38.39 -5.23 -55.36
CA SER I 30 -38.58 -5.27 -53.90
C SER I 30 -39.82 -6.09 -53.48
N THR I 31 -40.80 -6.19 -54.36
CA THR I 31 -42.03 -6.91 -54.08
C THR I 31 -41.73 -8.36 -53.70
N ILE I 32 -40.70 -8.92 -54.32
CA ILE I 32 -40.34 -10.32 -54.12
C ILE I 32 -39.67 -10.55 -52.76
N MSE I 33 -38.83 -9.60 -52.34
CA MSE I 33 -38.04 -9.70 -51.11
C MSE I 33 -38.75 -9.18 -49.88
O MSE I 33 -38.43 -9.61 -48.74
CB MSE I 33 -36.71 -8.98 -51.28
CG MSE I 33 -36.74 -7.52 -51.64
SE MSE I 33 -35.06 -6.77 -51.04
CE MSE I 33 -33.95 -7.61 -52.44
N ARG I 34 -39.72 -8.28 -50.08
CA ARG I 34 -40.46 -7.68 -48.96
C ARG I 34 -40.97 -8.67 -47.89
N PRO I 35 -41.57 -9.79 -48.31
CA PRO I 35 -42.04 -10.78 -47.34
C PRO I 35 -41.02 -11.41 -46.40
N ALA I 36 -39.73 -11.36 -46.77
CA ALA I 36 -38.67 -11.86 -45.91
C ALA I 36 -38.41 -11.00 -44.68
N PHE I 37 -38.83 -9.73 -44.71
CA PHE I 37 -38.48 -8.77 -43.65
C PHE I 37 -39.66 -8.39 -42.74
N SER I 38 -39.37 -8.34 -41.44
CA SER I 38 -40.20 -7.65 -40.48
C SER I 38 -40.42 -6.19 -40.87
N SER I 39 -41.61 -5.68 -40.56
CA SER I 39 -41.88 -4.27 -40.77
C SER I 39 -40.90 -3.38 -39.96
N GLN I 40 -40.31 -3.95 -38.89
CA GLN I 40 -39.42 -3.23 -37.97
C GLN I 40 -37.94 -3.49 -38.28
N ALA I 41 -37.69 -4.21 -39.36
CA ALA I 41 -36.33 -4.52 -39.77
C ALA I 41 -35.56 -3.26 -40.17
N THR I 42 -34.27 -3.27 -39.89
CA THR I 42 -33.34 -2.23 -40.29
C THR I 42 -32.23 -2.77 -41.19
N ILE I 43 -31.64 -1.86 -41.96
CA ILE I 43 -30.51 -2.13 -42.83
C ILE I 43 -29.46 -1.07 -42.51
N PHE I 44 -28.23 -1.53 -42.27
CA PHE I 44 -27.12 -0.65 -42.06
C PHE I 44 -25.85 -1.16 -42.75
N GLY I 45 -25.08 -0.19 -43.25
CA GLY I 45 -23.75 -0.37 -43.77
C GLY I 45 -22.90 0.86 -43.40
N VAL I 46 -21.68 0.90 -43.91
CA VAL I 46 -20.79 2.02 -43.72
C VAL I 46 -20.55 2.65 -45.09
N ASP I 47 -20.56 4.00 -45.14
CA ASP I 47 -20.36 4.71 -46.40
C ASP I 47 -18.86 4.93 -46.66
N VAL I 48 -18.54 5.60 -47.78
CA VAL I 48 -17.14 5.82 -48.17
C VAL I 48 -16.36 6.70 -47.14
N ASP I 49 -17.10 7.51 -46.39
CA ASP I 49 -16.55 8.30 -45.28
C ASP I 49 -16.58 7.55 -43.95
N ASN I 50 -16.76 6.22 -44.01
CA ASN I 50 -16.74 5.36 -42.84
C ASN I 50 -17.83 5.66 -41.80
N LYS I 51 -18.92 6.26 -42.27
CA LYS I 51 -20.02 6.68 -41.42
C LYS I 51 -21.18 5.73 -41.60
N LEU I 52 -21.89 5.49 -40.50
CA LEU I 52 -23.08 4.65 -40.50
C LEU I 52 -24.12 5.17 -41.49
N THR I 53 -24.69 4.25 -42.26
CA THR I 53 -25.73 4.57 -43.23
C THR I 53 -26.82 3.51 -43.33
N GLY I 54 -28.05 3.99 -43.38
CA GLY I 54 -29.22 3.13 -43.48
C GLY I 54 -30.32 3.56 -42.52
N GLY I 55 -31.06 2.60 -42.01
CA GLY I 55 -32.26 2.84 -41.21
C GLY I 55 -33.33 1.82 -41.54
N PRO I 56 -34.58 2.29 -41.70
CA PRO I 56 -35.70 1.40 -42.03
C PRO I 56 -35.49 0.60 -43.30
N ILE I 57 -35.97 -0.65 -43.29
CA ILE I 57 -35.79 -1.55 -44.42
C ILE I 57 -36.41 -1.01 -45.74
N GLN I 58 -37.39 -0.13 -45.62
CA GLN I 58 -37.93 0.48 -46.81
C GLN I 58 -36.78 1.06 -47.65
N GLY I 59 -35.76 1.63 -47.01
CA GLY I 59 -34.58 2.16 -47.72
C GLY I 59 -33.90 1.19 -48.67
N LEU I 60 -33.83 -0.07 -48.28
CA LEU I 60 -33.32 -1.13 -49.15
C LEU I 60 -34.23 -1.28 -50.37
N PHE I 61 -35.54 -1.34 -50.10
CA PHE I 61 -36.53 -1.58 -51.15
C PHE I 61 -36.48 -0.44 -52.21
N ASP I 62 -36.22 0.78 -51.75
CA ASP I 62 -36.00 1.94 -52.63
C ASP I 62 -34.74 1.80 -53.51
N VAL I 63 -33.65 1.31 -52.94
CA VAL I 63 -32.42 1.06 -53.70
C VAL I 63 -32.61 -0.05 -54.77
N ILE I 64 -33.39 -1.09 -54.42
CA ILE I 64 -33.64 -2.21 -55.35
C ILE I 64 -34.47 -1.73 -56.55
N ASP I 65 -35.48 -0.95 -56.24
CA ASP I 65 -36.44 -0.52 -57.24
C ASP I 65 -35.91 0.66 -58.11
N ASN I 66 -35.18 1.58 -57.48
CA ASN I 66 -34.77 2.81 -58.16
C ASN I 66 -33.31 2.86 -58.60
N VAL I 67 -32.48 1.93 -58.12
CA VAL I 67 -31.05 1.91 -58.47
C VAL I 67 -30.65 0.63 -59.23
N PHE I 68 -31.12 -0.51 -58.75
CA PHE I 68 -30.70 -1.77 -59.32
C PHE I 68 -31.46 -2.08 -60.61
N HIS I 69 -30.84 -2.90 -61.46
N HIS I 69 -30.82 -2.91 -61.44
CA HIS I 69 -31.50 -3.48 -62.63
CA HIS I 69 -31.38 -3.49 -62.67
C HIS I 69 -31.33 -5.00 -62.57
C HIS I 69 -31.31 -5.03 -62.57
N PRO I 70 -32.20 -5.74 -63.30
CA PRO I 70 -32.11 -7.20 -63.28
C PRO I 70 -30.72 -7.71 -63.67
N SER I 71 -30.16 -8.62 -62.89
CA SER I 71 -28.78 -9.04 -63.06
C SER I 71 -28.74 -10.53 -63.36
N PRO I 72 -28.81 -10.89 -64.65
CA PRO I 72 -28.83 -12.31 -64.97
C PRO I 72 -27.59 -13.07 -64.47
N GLU I 73 -26.44 -12.41 -64.42
CA GLU I 73 -25.20 -13.08 -63.98
C GLU I 73 -24.99 -13.06 -62.47
N ALA I 74 -25.92 -12.49 -61.72
CA ALA I 74 -25.80 -12.43 -60.25
C ALA I 74 -25.79 -13.87 -59.67
N LYS I 75 -24.87 -14.12 -58.74
CA LYS I 75 -24.78 -15.41 -58.08
C LYS I 75 -24.62 -15.21 -56.57
N ALA I 76 -25.48 -15.86 -55.81
CA ALA I 76 -25.52 -15.72 -54.34
C ALA I 76 -25.11 -17.06 -53.71
N ALA I 77 -24.45 -16.98 -52.56
CA ALA I 77 -24.14 -18.17 -51.77
C ALA I 77 -24.58 -17.92 -50.34
N ILE I 78 -25.48 -18.76 -49.80
CA ILE I 78 -25.83 -18.68 -48.39
C ILE I 78 -24.73 -19.42 -47.65
N ALA I 79 -23.74 -18.64 -47.22
CA ALA I 79 -22.50 -19.16 -46.66
C ALA I 79 -22.67 -19.90 -45.32
N ARG I 80 -23.58 -19.41 -44.50
CA ARG I 80 -23.77 -19.92 -43.17
C ARG I 80 -25.16 -19.60 -42.69
N ILE I 81 -25.79 -20.57 -42.01
CA ILE I 81 -26.99 -20.30 -41.16
C ILE I 81 -26.76 -20.96 -39.82
N ASP I 82 -26.63 -20.15 -38.77
CA ASP I 82 -26.57 -20.62 -37.38
C ASP I 82 -27.98 -20.52 -36.81
N ILE I 83 -28.50 -21.58 -36.22
CA ILE I 83 -29.87 -21.62 -35.71
C ILE I 83 -29.86 -22.11 -34.26
N VAL I 84 -30.42 -21.30 -33.37
CA VAL I 84 -30.63 -21.65 -31.97
C VAL I 84 -32.03 -21.30 -31.53
N GLY I 85 -32.89 -22.30 -31.43
CA GLY I 85 -34.28 -22.06 -31.02
C GLY I 85 -35.00 -21.13 -31.98
N THR I 86 -35.45 -20.01 -31.44
CA THR I 86 -36.20 -19.02 -32.17
C THR I 86 -35.33 -17.95 -32.87
N ALA I 87 -34.00 -18.07 -32.75
CA ALA I 87 -33.06 -17.06 -33.28
C ALA I 87 -32.13 -17.68 -34.30
N ALA I 88 -31.77 -16.90 -35.31
CA ALA I 88 -30.82 -17.38 -36.27
C ALA I 88 -30.00 -16.24 -36.85
N SER I 89 -28.79 -16.58 -37.25
N SER I 89 -28.80 -16.58 -37.29
CA SER I 89 -27.91 -15.67 -37.98
CA SER I 89 -27.96 -15.62 -38.01
C SER I 89 -27.59 -16.32 -39.34
C SER I 89 -27.43 -16.26 -39.29
N ALA I 90 -27.48 -15.48 -40.37
CA ALA I 90 -27.14 -15.96 -41.72
C ALA I 90 -26.15 -15.00 -42.38
N ARG I 91 -25.27 -15.56 -43.21
CA ARG I 91 -24.36 -14.82 -44.06
C ARG I 91 -24.66 -15.18 -45.51
N ILE I 92 -24.80 -14.17 -46.35
CA ILE I 92 -24.99 -14.33 -47.78
C ILE I 92 -23.97 -13.49 -48.53
N ASP I 93 -23.24 -14.13 -49.44
CA ASP I 93 -22.33 -13.42 -50.37
C ASP I 93 -22.92 -13.41 -51.76
N THR I 94 -22.82 -12.28 -52.43
CA THR I 94 -23.40 -12.14 -53.78
C THR I 94 -22.39 -11.42 -54.72
N ASP I 95 -22.19 -11.99 -55.90
CA ASP I 95 -21.32 -11.45 -56.95
C ASP I 95 -22.17 -10.86 -58.08
N ASP I 96 -21.69 -9.79 -58.71
CA ASP I 96 -22.26 -9.31 -59.98
C ASP I 96 -23.77 -9.03 -59.92
N ILE I 97 -24.16 -8.33 -58.86
CA ILE I 97 -25.54 -7.87 -58.69
C ILE I 97 -25.56 -6.34 -58.91
N SER I 98 -26.15 -5.92 -60.03
CA SER I 98 -26.10 -4.52 -60.51
C SER I 98 -24.71 -3.90 -60.34
N GLY I 99 -23.69 -4.66 -60.71
CA GLY I 99 -22.30 -4.20 -60.66
C GLY I 99 -21.60 -4.27 -59.30
N PHE I 100 -22.27 -4.84 -58.29
CA PHE I 100 -21.73 -4.91 -56.93
C PHE I 100 -21.37 -6.34 -56.51
N ARG I 101 -20.40 -6.44 -55.61
N ARG I 101 -20.38 -6.45 -55.61
CA ARG I 101 -20.17 -7.65 -54.83
CA ARG I 101 -20.10 -7.64 -54.81
C ARG I 101 -20.38 -7.29 -53.35
C ARG I 101 -20.38 -7.28 -53.35
N PHE I 102 -21.21 -8.08 -52.66
CA PHE I 102 -21.56 -7.85 -51.24
C PHE I 102 -21.33 -9.07 -50.36
N THR I 103 -21.04 -8.83 -49.07
CA THR I 103 -21.31 -9.81 -48.04
C THR I 103 -22.36 -9.20 -47.09
N ASP I 104 -23.40 -9.99 -46.79
CA ASP I 104 -24.54 -9.59 -45.97
C ASP I 104 -24.61 -10.49 -44.77
N PHE I 105 -24.92 -9.88 -43.61
CA PHE I 105 -25.20 -10.64 -42.39
C PHE I 105 -26.61 -10.32 -41.92
N PHE I 106 -27.37 -11.36 -41.58
CA PHE I 106 -28.75 -11.25 -41.22
C PHE I 106 -28.99 -11.79 -39.84
N ASN I 107 -29.80 -11.08 -39.06
CA ASN I 107 -30.40 -11.63 -37.88
C ASN I 107 -31.87 -11.96 -38.16
N LEU I 108 -32.26 -13.18 -37.85
CA LEU I 108 -33.64 -13.62 -38.06
C LEU I 108 -34.23 -14.15 -36.79
N LEU I 109 -35.53 -13.98 -36.65
CA LEU I 109 -36.31 -14.57 -35.54
C LEU I 109 -37.52 -15.35 -36.05
N LYS I 110 -37.88 -16.41 -35.33
CA LYS I 110 -39.03 -17.24 -35.68
C LYS I 110 -40.26 -16.71 -34.95
N VAL I 111 -41.00 -15.88 -35.66
CA VAL I 111 -42.13 -15.13 -35.12
C VAL I 111 -43.40 -15.77 -35.59
N GLU I 112 -44.21 -16.22 -34.61
CA GLU I 112 -45.48 -16.89 -34.87
C GLU I 112 -45.32 -17.99 -35.92
N GLY I 113 -44.28 -18.78 -35.73
CA GLY I 113 -44.00 -19.94 -36.57
C GLY I 113 -43.27 -19.66 -37.85
N LYS I 114 -42.97 -18.39 -38.15
CA LYS I 114 -42.32 -18.08 -39.43
C LYS I 114 -41.09 -17.22 -39.24
N TRP I 115 -40.01 -17.62 -39.94
CA TRP I 115 -38.74 -16.89 -39.84
C TRP I 115 -38.89 -15.55 -40.55
N THR I 116 -38.36 -14.51 -39.93
CA THR I 116 -38.37 -13.15 -40.49
C THR I 116 -37.03 -12.46 -40.20
N VAL I 117 -36.56 -11.65 -41.13
CA VAL I 117 -35.39 -10.80 -40.94
C VAL I 117 -35.69 -9.56 -40.12
N VAL I 118 -34.90 -9.28 -39.07
CA VAL I 118 -35.05 -8.04 -38.30
C VAL I 118 -33.87 -7.07 -38.49
N SER I 119 -32.75 -7.62 -38.97
CA SER I 119 -31.60 -6.79 -39.24
C SER I 119 -30.82 -7.37 -40.36
N LYS I 120 -30.44 -6.51 -41.29
CA LYS I 120 -29.44 -6.81 -42.28
C LYS I 120 -28.34 -5.75 -42.21
N ILE I 121 -27.10 -6.22 -42.25
CA ILE I 121 -25.94 -5.40 -42.48
C ILE I 121 -25.17 -5.95 -43.67
N TYR I 122 -24.34 -5.11 -44.28
CA TYR I 122 -23.60 -5.50 -45.46
C TYR I 122 -22.27 -4.78 -45.50
N HIS I 123 -21.33 -5.40 -46.19
CA HIS I 123 -20.10 -4.75 -46.60
C HIS I 123 -20.04 -4.84 -48.13
N THR I 124 -19.70 -3.72 -48.76
CA THR I 124 -19.51 -3.67 -50.21
C THR I 124 -18.04 -3.84 -50.52
N HIS I 125 -17.73 -4.91 -51.27
CA HIS I 125 -16.37 -5.19 -51.70
C HIS I 125 -16.00 -4.25 -52.88
N PRO I 126 -14.72 -3.84 -52.93
CA PRO I 126 -14.22 -2.92 -53.99
C PRO I 126 -14.29 -3.49 -55.41
N ASN J 4 -5.27 -3.88 -45.12
CA ASN J 4 -4.68 -2.98 -44.09
C ASN J 4 -4.67 -3.62 -42.71
N THR J 5 -5.76 -4.27 -42.30
CA THR J 5 -5.81 -4.97 -41.00
C THR J 5 -6.06 -6.48 -41.14
N THR J 6 -5.54 -7.25 -40.18
CA THR J 6 -5.68 -8.69 -40.23
C THR J 6 -6.97 -9.14 -39.52
N TYR J 7 -7.38 -10.39 -39.77
CA TYR J 7 -8.55 -10.97 -39.09
C TYR J 7 -8.35 -10.89 -37.56
N VAL J 8 -7.15 -11.25 -37.10
CA VAL J 8 -6.82 -11.25 -35.66
C VAL J 8 -6.95 -9.86 -35.05
N GLN J 9 -6.46 -8.84 -35.74
CA GLN J 9 -6.59 -7.47 -35.22
C GLN J 9 -8.04 -7.03 -35.07
N GLU J 10 -8.88 -7.33 -36.04
CA GLU J 10 -10.28 -6.94 -35.94
C GLU J 10 -11.02 -7.79 -34.91
N TYR J 11 -10.65 -9.07 -34.82
CA TYR J 11 -11.18 -9.95 -33.79
C TYR J 11 -10.99 -9.34 -32.39
N HIS J 12 -9.77 -8.99 -32.03
N HIS J 12 -9.74 -9.01 -32.09
CA HIS J 12 -9.57 -8.51 -30.67
CA HIS J 12 -9.34 -8.38 -30.82
C HIS J 12 -10.21 -7.11 -30.47
C HIS J 12 -10.26 -7.19 -30.53
N ALA J 13 -10.38 -6.32 -31.52
CA ALA J 13 -11.14 -5.08 -31.43
C ALA J 13 -12.63 -5.33 -31.10
N ILE J 14 -13.21 -6.33 -31.76
CA ILE J 14 -14.60 -6.67 -31.57
C ILE J 14 -14.81 -7.33 -30.19
N VAL J 15 -13.88 -8.17 -29.77
CA VAL J 15 -13.95 -8.77 -28.43
C VAL J 15 -13.87 -7.69 -27.34
N GLU J 16 -13.09 -6.66 -27.53
CA GLU J 16 -13.06 -5.57 -26.55
C GLU J 16 -14.45 -4.93 -26.38
N VAL J 17 -15.13 -4.70 -27.50
CA VAL J 17 -16.52 -4.24 -27.53
C VAL J 17 -17.48 -5.24 -26.90
N LEU J 18 -17.46 -6.50 -27.32
CA LEU J 18 -18.37 -7.50 -26.78
C LEU J 18 -18.15 -7.82 -25.30
N SER J 19 -16.91 -7.66 -24.85
N SER J 19 -16.91 -7.66 -24.83
CA SER J 19 -16.56 -7.81 -23.43
CA SER J 19 -16.58 -7.82 -23.43
C SER J 19 -17.34 -6.84 -22.53
C SER J 19 -17.32 -6.83 -22.52
N LYS J 20 -17.58 -5.62 -23.03
CA LYS J 20 -18.35 -4.60 -22.29
C LYS J 20 -19.77 -5.09 -22.10
N TYR J 21 -20.30 -5.70 -23.16
CA TYR J 21 -21.63 -6.24 -23.14
C TYR J 21 -21.71 -7.35 -22.10
N ASN J 22 -20.74 -8.27 -22.11
CA ASN J 22 -20.74 -9.39 -21.13
C ASN J 22 -20.62 -8.88 -19.67
N GLU J 23 -19.69 -7.94 -19.45
CA GLU J 23 -19.50 -7.35 -18.12
C GLU J 23 -20.74 -6.59 -17.65
N GLY J 24 -21.35 -5.78 -18.51
CA GLY J 24 -22.57 -5.04 -18.14
C GLY J 24 -23.69 -6.00 -17.74
N GLY J 25 -23.80 -7.14 -18.42
CA GLY J 25 -24.86 -8.12 -18.12
C GLY J 25 -24.60 -8.82 -16.79
N LYS J 26 -23.37 -9.23 -16.58
CA LYS J 26 -22.97 -9.91 -15.35
C LYS J 26 -23.07 -9.01 -14.09
N LYS J 27 -22.74 -7.74 -14.22
CA LYS J 27 -22.81 -6.78 -13.14
C LYS J 27 -24.18 -6.08 -13.04
N ALA J 28 -25.08 -6.37 -13.99
CA ALA J 28 -26.41 -5.76 -14.11
C ALA J 28 -26.28 -4.25 -14.09
N ASP J 29 -25.37 -3.74 -14.92
CA ASP J 29 -25.09 -2.30 -15.03
C ASP J 29 -25.00 -1.92 -16.50
N SER J 30 -26.05 -1.25 -17.01
CA SER J 30 -26.15 -0.94 -18.43
C SER J 30 -25.11 0.12 -18.83
N THR J 31 -24.60 0.90 -17.86
CA THR J 31 -23.62 1.93 -18.21
C THR J 31 -22.33 1.29 -18.75
N ILE J 32 -22.04 0.06 -18.33
CA ILE J 32 -20.86 -0.63 -18.78
C ILE J 32 -21.02 -1.10 -20.24
N MSE J 33 -22.18 -1.63 -20.59
CA MSE J 33 -22.43 -2.11 -21.97
C MSE J 33 -22.85 -1.04 -22.97
O MSE J 33 -22.63 -1.20 -24.17
CB MSE J 33 -23.49 -3.22 -21.97
CG MSE J 33 -24.79 -2.92 -21.30
SE MSE J 33 -26.20 -4.15 -21.90
CE MSE J 33 -25.56 -5.84 -21.10
N ARG J 34 -23.42 0.07 -22.48
CA ARG J 34 -23.86 1.14 -23.35
C ARG J 34 -22.85 1.51 -24.46
N PRO J 35 -21.55 1.70 -24.13
CA PRO J 35 -20.59 2.06 -25.20
C PRO J 35 -20.50 1.11 -26.41
N ALA J 36 -20.95 -0.14 -26.24
CA ALA J 36 -20.86 -1.16 -27.30
C ALA J 36 -21.88 -0.95 -28.43
N PHE J 37 -22.91 -0.13 -28.14
CA PHE J 37 -24.06 0.01 -29.03
C PHE J 37 -24.18 1.36 -29.70
N SER J 38 -24.53 1.34 -30.99
CA SER J 38 -24.92 2.53 -31.73
C SER J 38 -26.22 3.10 -31.12
N SER J 39 -26.40 4.41 -31.24
CA SER J 39 -27.65 5.08 -30.83
C SER J 39 -28.83 4.53 -31.65
N GLN J 40 -28.51 3.94 -32.80
CA GLN J 40 -29.52 3.41 -33.71
C GLN J 40 -29.76 1.92 -33.50
N ALA J 41 -29.10 1.33 -32.51
CA ALA J 41 -29.19 -0.10 -32.34
C ALA J 41 -30.59 -0.55 -31.85
N THR J 42 -30.93 -1.80 -32.18
CA THR J 42 -32.17 -2.45 -31.79
C THR J 42 -31.91 -3.77 -31.10
N ILE J 43 -32.89 -4.17 -30.30
CA ILE J 43 -32.91 -5.51 -29.66
C ILE J 43 -34.26 -6.14 -30.01
N PHE J 44 -34.25 -7.41 -30.41
CA PHE J 44 -35.45 -8.18 -30.66
C PHE J 44 -35.28 -9.61 -30.19
N GLY J 45 -36.37 -10.15 -29.66
CA GLY J 45 -36.53 -11.57 -29.37
C GLY J 45 -37.99 -11.96 -29.62
N VAL J 46 -38.33 -13.19 -29.24
CA VAL J 46 -39.68 -13.70 -29.35
C VAL J 46 -40.19 -13.90 -27.92
N ASP J 47 -41.41 -13.44 -27.63
CA ASP J 47 -41.98 -13.60 -26.27
C ASP J 47 -42.67 -14.96 -26.10
N VAL J 48 -43.33 -15.13 -24.95
CA VAL J 48 -43.91 -16.42 -24.60
C VAL J 48 -45.04 -16.85 -25.55
N ASP J 49 -45.72 -15.87 -26.15
CA ASP J 49 -46.78 -16.13 -27.16
C ASP J 49 -46.26 -16.12 -28.61
N ASN J 50 -44.95 -16.29 -28.78
CA ASN J 50 -44.26 -16.33 -30.07
C ASN J 50 -44.27 -15.03 -30.86
N LYS J 51 -44.53 -13.92 -30.19
CA LYS J 51 -44.61 -12.65 -30.85
C LYS J 51 -43.30 -11.89 -30.75
N LEU J 52 -43.02 -11.11 -31.78
CA LEU J 52 -41.87 -10.22 -31.78
C LEU J 52 -41.95 -9.24 -30.62
N THR J 53 -40.87 -9.19 -29.87
CA THR J 53 -40.74 -8.26 -28.76
C THR J 53 -39.40 -7.51 -28.83
N GLY J 54 -39.45 -6.20 -28.63
CA GLY J 54 -38.25 -5.38 -28.61
C GLY J 54 -38.44 -4.03 -29.29
N GLY J 55 -37.34 -3.47 -29.77
CA GLY J 55 -37.31 -2.10 -30.30
C GLY J 55 -35.93 -1.50 -30.05
N PRO J 56 -35.85 -0.21 -29.73
CA PRO J 56 -34.56 0.47 -29.45
C PRO J 56 -33.77 -0.23 -28.37
N ILE J 57 -32.46 -0.18 -28.51
CA ILE J 57 -31.58 -0.89 -27.56
C ILE J 57 -31.78 -0.41 -26.10
N GLN J 58 -32.36 0.77 -25.90
CA GLN J 58 -32.63 1.21 -24.54
C GLN J 58 -33.50 0.20 -23.77
N GLY J 59 -34.35 -0.56 -24.47
CA GLY J 59 -35.15 -1.61 -23.84
C GLY J 59 -34.31 -2.70 -23.18
N LEU J 60 -33.16 -3.00 -23.77
CA LEU J 60 -32.19 -3.90 -23.12
C LEU J 60 -31.61 -3.27 -21.86
N PHE J 61 -31.15 -2.02 -21.97
CA PHE J 61 -30.56 -1.34 -20.83
C PHE J 61 -31.56 -1.27 -19.67
N ASP J 62 -32.82 -1.03 -19.97
CA ASP J 62 -33.85 -1.00 -18.93
C ASP J 62 -34.02 -2.35 -18.21
N VAL J 63 -34.07 -3.45 -18.96
CA VAL J 63 -34.14 -4.82 -18.38
C VAL J 63 -32.92 -5.08 -17.49
N ILE J 64 -31.74 -4.70 -17.96
CA ILE J 64 -30.49 -4.95 -17.24
C ILE J 64 -30.55 -4.17 -15.93
N ASP J 65 -30.93 -2.90 -15.99
CA ASP J 65 -30.88 -2.05 -14.80
C ASP J 65 -32.01 -2.25 -13.83
N ASN J 66 -33.21 -2.59 -14.31
CA ASN J 66 -34.39 -2.63 -13.46
C ASN J 66 -34.84 -4.04 -13.06
N VAL J 67 -34.52 -5.04 -13.87
CA VAL J 67 -35.01 -6.40 -13.68
C VAL J 67 -33.90 -7.35 -13.23
N PHE J 68 -32.77 -7.29 -13.92
CA PHE J 68 -31.67 -8.18 -13.64
C PHE J 68 -31.01 -7.85 -12.29
N HIS J 69 -30.37 -8.88 -11.73
CA HIS J 69 -29.52 -8.77 -10.54
C HIS J 69 -28.09 -9.09 -10.88
N PRO J 70 -27.12 -8.52 -10.14
CA PRO J 70 -25.74 -8.91 -10.32
C PRO J 70 -25.55 -10.43 -10.21
N SER J 71 -24.83 -11.00 -11.16
CA SER J 71 -24.73 -12.44 -11.32
C SER J 71 -23.26 -12.82 -11.38
N PRO J 72 -22.59 -12.83 -10.22
CA PRO J 72 -21.17 -13.20 -10.21
C PRO J 72 -20.80 -14.55 -10.86
N GLU J 73 -21.70 -15.54 -10.83
CA GLU J 73 -21.44 -16.85 -11.43
C GLU J 73 -21.78 -16.95 -12.96
N ALA J 74 -22.30 -15.88 -13.55
CA ALA J 74 -22.58 -15.84 -15.00
C ALA J 74 -21.32 -16.16 -15.78
N LYS J 75 -21.48 -16.94 -16.84
CA LYS J 75 -20.36 -17.33 -17.70
C LYS J 75 -20.77 -17.19 -19.14
N ALA J 76 -19.95 -16.46 -19.90
CA ALA J 76 -20.26 -16.17 -21.30
C ALA J 76 -19.23 -16.85 -22.22
N ALA J 77 -19.63 -17.12 -23.44
CA ALA J 77 -18.72 -17.66 -24.46
C ALA J 77 -18.98 -16.92 -25.74
N ILE J 78 -17.94 -16.29 -26.29
CA ILE J 78 -18.05 -15.70 -27.61
C ILE J 78 -17.76 -16.81 -28.61
N ALA J 79 -18.83 -17.49 -28.99
CA ALA J 79 -18.82 -18.73 -29.76
C ALA J 79 -18.23 -18.53 -31.18
N ARG J 80 -18.53 -17.37 -31.77
CA ARG J 80 -18.21 -17.09 -33.16
C ARG J 80 -18.16 -15.59 -33.41
N ILE J 81 -17.13 -15.15 -34.16
CA ILE J 81 -17.10 -13.82 -34.77
C ILE J 81 -16.68 -13.98 -36.23
N ASP J 82 -17.57 -13.63 -37.15
CA ASP J 82 -17.34 -13.65 -38.61
C ASP J 82 -17.03 -12.23 -39.03
N ILE J 83 -15.92 -11.97 -39.71
CA ILE J 83 -15.55 -10.60 -40.08
C ILE J 83 -15.28 -10.47 -41.57
N VAL J 84 -15.99 -9.56 -42.22
CA VAL J 84 -15.76 -9.26 -43.61
C VAL J 84 -15.79 -7.76 -43.78
N GLY J 85 -14.60 -7.20 -44.01
CA GLY J 85 -14.36 -5.76 -44.16
C GLY J 85 -14.89 -4.94 -43.00
N THR J 86 -15.86 -4.09 -43.31
CA THR J 86 -16.56 -3.24 -42.34
C THR J 86 -17.72 -3.88 -41.56
N ALA J 87 -18.02 -5.14 -41.81
CA ALA J 87 -19.20 -5.82 -41.24
C ALA J 87 -18.78 -7.09 -40.46
N ALA J 88 -19.51 -7.43 -39.41
CA ALA J 88 -19.18 -8.59 -38.58
C ALA J 88 -20.44 -9.09 -37.97
N SER J 89 -20.42 -10.39 -37.66
CA SER J 89 -21.51 -11.03 -37.01
C SER J 89 -20.95 -11.86 -35.90
N ALA J 90 -21.59 -11.84 -34.73
CA ALA J 90 -21.07 -12.57 -33.60
C ALA J 90 -22.16 -13.33 -32.88
N ARG J 91 -21.79 -14.46 -32.29
CA ARG J 91 -22.65 -15.27 -31.43
C ARG J 91 -22.06 -15.30 -30.03
N ILE J 92 -22.89 -15.00 -29.04
CA ILE J 92 -22.54 -15.11 -27.62
C ILE J 92 -23.55 -15.95 -26.87
N ASP J 93 -23.05 -16.97 -26.19
CA ASP J 93 -23.84 -17.79 -25.28
C ASP J 93 -23.51 -17.45 -23.83
N THR J 94 -24.54 -17.33 -22.96
CA THR J 94 -24.35 -16.96 -21.56
C THR J 94 -25.21 -17.87 -20.67
N ASP J 95 -24.57 -18.50 -19.69
CA ASP J 95 -25.18 -19.30 -18.63
C ASP J 95 -25.30 -18.48 -17.36
N ASP J 96 -26.38 -18.75 -16.61
CA ASP J 96 -26.58 -18.26 -15.26
C ASP J 96 -26.46 -16.76 -15.09
N ILE J 97 -27.20 -16.06 -15.94
CA ILE J 97 -27.28 -14.61 -15.89
C ILE J 97 -28.72 -14.27 -15.42
N SER J 98 -28.78 -13.83 -14.15
CA SER J 98 -30.05 -13.51 -13.53
C SER J 98 -31.08 -14.61 -13.68
N GLY J 99 -30.63 -15.85 -13.58
CA GLY J 99 -31.52 -17.00 -13.62
C GLY J 99 -31.82 -17.53 -15.01
N PHE J 100 -31.27 -16.86 -16.03
CA PHE J 100 -31.47 -17.23 -17.44
C PHE J 100 -30.22 -17.77 -18.18
N ARG J 101 -30.49 -18.50 -19.26
N ARG J 101 -30.49 -18.45 -19.29
CA ARG J 101 -29.50 -18.94 -20.23
CA ARG J 101 -29.47 -18.90 -20.21
C ARG J 101 -29.94 -18.32 -21.55
C ARG J 101 -29.89 -18.43 -21.60
N PHE J 102 -29.00 -17.68 -22.25
CA PHE J 102 -29.29 -17.02 -23.54
C PHE J 102 -28.30 -17.48 -24.65
N THR J 103 -28.78 -17.45 -25.89
CA THR J 103 -27.91 -17.31 -27.06
C THR J 103 -28.26 -15.97 -27.73
N ASP J 104 -27.23 -15.14 -27.96
CA ASP J 104 -27.36 -13.84 -28.58
C ASP J 104 -26.65 -13.86 -29.94
N PHE J 105 -27.23 -13.17 -30.94
CA PHE J 105 -26.57 -12.90 -32.20
C PHE J 105 -26.49 -11.39 -32.44
N PHE J 106 -25.31 -10.92 -32.84
CA PHE J 106 -25.00 -9.53 -33.04
C PHE J 106 -24.53 -9.23 -34.47
N ASN J 107 -25.06 -8.13 -35.02
CA ASN J 107 -24.58 -7.51 -36.24
C ASN J 107 -23.81 -6.27 -35.82
N LEU J 108 -22.55 -6.17 -36.27
CA LEU J 108 -21.67 -5.05 -35.94
C LEU J 108 -21.14 -4.43 -37.21
N LEU J 109 -20.88 -3.13 -37.14
CA LEU J 109 -20.25 -2.40 -38.22
C LEU J 109 -19.09 -1.62 -37.67
N LYS J 110 -18.10 -1.41 -38.52
CA LYS J 110 -16.92 -0.64 -38.17
C LYS J 110 -17.16 0.81 -38.63
N VAL J 111 -17.63 1.62 -37.70
CA VAL J 111 -18.02 2.98 -37.98
C VAL J 111 -16.92 3.90 -37.46
N GLU J 112 -16.36 4.69 -38.36
CA GLU J 112 -15.29 5.65 -38.04
C GLU J 112 -14.16 4.99 -37.23
N GLY J 113 -13.67 3.87 -37.75
CA GLY J 113 -12.56 3.15 -37.16
C GLY J 113 -12.86 2.30 -35.93
N LYS J 114 -14.13 2.28 -35.50
CA LYS J 114 -14.57 1.62 -34.27
C LYS J 114 -15.82 0.74 -34.46
N TRP J 115 -15.70 -0.51 -34.00
CA TRP J 115 -16.78 -1.48 -34.08
C TRP J 115 -17.91 -1.18 -33.12
N THR J 116 -19.12 -1.25 -33.65
CA THR J 116 -20.35 -0.90 -32.93
C THR J 116 -21.47 -1.88 -33.26
N VAL J 117 -22.26 -2.22 -32.23
CA VAL J 117 -23.38 -3.12 -32.42
C VAL J 117 -24.57 -2.34 -32.96
N VAL J 118 -25.13 -2.81 -34.06
CA VAL J 118 -26.38 -2.19 -34.58
C VAL J 118 -27.62 -3.05 -34.36
N SER J 119 -27.46 -4.35 -34.07
CA SER J 119 -28.60 -5.24 -33.81
C SER J 119 -28.17 -6.36 -32.91
N LYS J 120 -28.89 -6.58 -31.82
CA LYS J 120 -28.83 -7.81 -31.05
C LYS J 120 -30.16 -8.53 -31.16
N ILE J 121 -30.10 -9.84 -31.37
CA ILE J 121 -31.25 -10.73 -31.13
C ILE J 121 -30.85 -11.82 -30.16
N TYR J 122 -31.83 -12.50 -29.60
CA TYR J 122 -31.58 -13.53 -28.61
C TYR J 122 -32.66 -14.59 -28.63
N HIS J 123 -32.26 -15.77 -28.18
CA HIS J 123 -33.15 -16.84 -27.78
C HIS J 123 -32.93 -17.11 -26.28
N THR J 124 -34.02 -17.22 -25.55
CA THR J 124 -34.00 -17.57 -24.11
C THR J 124 -34.21 -19.08 -24.01
N HIS J 125 -33.23 -19.78 -23.44
CA HIS J 125 -33.31 -21.21 -23.28
C HIS J 125 -34.24 -21.51 -22.11
N PRO J 126 -34.92 -22.65 -22.15
CA PRO J 126 -35.78 -23.06 -21.04
C PRO J 126 -34.97 -23.34 -19.77
N SER J 127 -35.61 -23.20 -18.61
CA SER J 127 -34.94 -23.41 -17.30
C SER J 127 -34.74 -24.89 -16.96
N ASN K 4 -25.92 -33.64 -18.08
CA ASN K 4 -26.12 -32.81 -19.30
C ASN K 4 -25.22 -31.57 -19.22
N THR K 5 -24.84 -31.04 -20.39
N THR K 5 -24.75 -31.08 -20.37
CA THR K 5 -23.81 -30.01 -20.48
CA THR K 5 -23.83 -29.95 -20.39
C THR K 5 -24.28 -28.86 -21.39
C THR K 5 -24.33 -28.85 -21.31
N THR K 6 -23.88 -27.64 -21.06
CA THR K 6 -24.31 -26.47 -21.85
C THR K 6 -23.26 -26.16 -22.91
N TYR K 7 -23.64 -25.35 -23.90
N TYR K 7 -23.64 -25.31 -23.85
CA TYR K 7 -22.70 -24.87 -24.92
CA TYR K 7 -22.75 -24.83 -24.89
C TYR K 7 -21.51 -24.19 -24.24
C TYR K 7 -21.53 -24.13 -24.29
N VAL K 8 -21.79 -23.31 -23.28
CA VAL K 8 -20.74 -22.52 -22.60
C VAL K 8 -19.75 -23.46 -21.94
N GLN K 9 -20.28 -24.47 -21.27
CA GLN K 9 -19.46 -25.47 -20.61
C GLN K 9 -18.54 -26.18 -21.59
N GLU K 10 -19.09 -26.61 -22.74
CA GLU K 10 -18.27 -27.32 -23.71
C GLU K 10 -17.26 -26.41 -24.37
N TYR K 11 -17.70 -25.19 -24.67
CA TYR K 11 -16.85 -24.15 -25.26
C TYR K 11 -15.61 -23.94 -24.43
N HIS K 12 -15.79 -23.80 -23.12
CA HIS K 12 -14.62 -23.54 -22.29
C HIS K 12 -13.68 -24.74 -22.18
N ALA K 13 -14.25 -25.94 -22.17
CA ALA K 13 -13.44 -27.19 -22.23
C ALA K 13 -12.60 -27.25 -23.53
N ILE K 14 -13.22 -26.92 -24.67
CA ILE K 14 -12.55 -26.94 -25.95
C ILE K 14 -11.48 -25.85 -26.02
N VAL K 15 -11.77 -24.66 -25.50
CA VAL K 15 -10.78 -23.60 -25.45
C VAL K 15 -9.54 -23.99 -24.65
N GLU K 16 -9.73 -24.72 -23.56
CA GLU K 16 -8.61 -25.24 -22.75
C GLU K 16 -7.70 -26.09 -23.63
N VAL K 17 -8.30 -26.91 -24.48
CA VAL K 17 -7.56 -27.76 -25.40
C VAL K 17 -6.81 -26.93 -26.46
N LEU K 18 -7.52 -26.05 -27.12
CA LEU K 18 -6.97 -25.22 -28.19
C LEU K 18 -5.89 -24.23 -27.69
N SER K 19 -6.04 -23.79 -26.44
CA SER K 19 -5.03 -22.95 -25.79
C SER K 19 -3.67 -23.66 -25.71
N LYS K 20 -3.67 -24.95 -25.40
CA LYS K 20 -2.42 -25.72 -25.42
C LYS K 20 -1.74 -25.69 -26.81
N TYR K 21 -2.54 -25.83 -27.87
CA TYR K 21 -2.05 -25.68 -29.24
C TYR K 21 -1.48 -24.27 -29.48
N ASN K 22 -2.21 -23.23 -29.09
CA ASN K 22 -1.73 -21.86 -29.32
C ASN K 22 -0.45 -21.58 -28.50
N GLU K 23 -0.42 -22.08 -27.27
CA GLU K 23 0.70 -21.84 -26.34
C GLU K 23 1.93 -22.64 -26.80
N GLY K 24 1.72 -23.91 -27.12
CA GLY K 24 2.77 -24.73 -27.77
C GLY K 24 3.39 -24.09 -29.00
N GLY K 25 2.54 -23.56 -29.89
CA GLY K 25 3.00 -22.89 -31.10
C GLY K 25 3.82 -21.65 -30.78
N LYS K 26 3.29 -20.81 -29.90
CA LYS K 26 3.95 -19.56 -29.51
C LYS K 26 5.29 -19.77 -28.79
N LYS K 27 5.37 -20.80 -27.95
CA LYS K 27 6.60 -21.13 -27.27
C LYS K 27 7.53 -22.01 -28.11
N ALA K 28 7.09 -22.38 -29.31
CA ALA K 28 7.74 -23.38 -30.15
C ALA K 28 8.11 -24.60 -29.33
N ASP K 29 7.11 -25.19 -28.66
CA ASP K 29 7.35 -26.35 -27.79
C ASP K 29 6.27 -27.38 -27.95
N SER K 30 6.57 -28.47 -28.67
CA SER K 30 5.51 -29.42 -29.02
C SER K 30 4.97 -30.18 -27.82
N THR K 31 5.76 -30.27 -26.74
CA THR K 31 5.32 -30.95 -25.51
C THR K 31 4.08 -30.29 -24.91
N ILE K 32 3.95 -28.98 -25.09
CA ILE K 32 2.81 -28.21 -24.57
C ILE K 32 1.54 -28.54 -25.38
N MSE K 33 1.66 -28.61 -26.70
CA MSE K 33 0.49 -28.85 -27.56
C MSE K 33 0.12 -30.31 -27.75
O MSE K 33 -1.02 -30.62 -28.09
CB MSE K 33 0.68 -28.17 -28.92
CG MSE K 33 1.90 -28.58 -29.71
SE MSE K 33 1.64 -28.26 -31.62
CE MSE K 33 1.83 -26.32 -31.67
N ARG K 34 1.08 -31.20 -27.52
CA ARG K 34 0.88 -32.62 -27.74
C ARG K 34 -0.43 -33.18 -27.13
N PRO K 35 -0.76 -32.86 -25.87
CA PRO K 35 -1.99 -33.38 -25.23
C PRO K 35 -3.33 -33.01 -25.90
N ALA K 36 -3.32 -32.02 -26.78
CA ALA K 36 -4.51 -31.51 -27.48
C ALA K 36 -4.96 -32.46 -28.59
N PHE K 37 -4.04 -33.33 -29.05
CA PHE K 37 -4.24 -34.13 -30.26
C PHE K 37 -4.34 -35.61 -29.93
N SER K 38 -5.32 -36.26 -30.56
CA SER K 38 -5.37 -37.71 -30.62
C SER K 38 -4.12 -38.26 -31.30
N SER K 39 -3.71 -39.45 -30.86
CA SER K 39 -2.58 -40.12 -31.48
C SER K 39 -2.83 -40.39 -33.01
N GLN K 40 -4.11 -40.47 -33.39
CA GLN K 40 -4.51 -40.72 -34.77
C GLN K 40 -4.76 -39.43 -35.57
N ALA K 41 -4.53 -38.26 -34.96
CA ALA K 41 -4.66 -36.99 -35.66
C ALA K 41 -3.75 -36.83 -36.89
N THR K 42 -4.24 -36.02 -37.83
CA THR K 42 -3.51 -35.68 -39.05
C THR K 42 -3.42 -34.17 -39.19
N ILE K 43 -2.44 -33.75 -39.97
CA ILE K 43 -2.27 -32.35 -40.36
C ILE K 43 -2.07 -32.31 -41.86
N PHE K 44 -2.81 -31.42 -42.52
CA PHE K 44 -2.69 -31.23 -43.94
C PHE K 44 -2.84 -29.78 -44.34
N GLY K 45 -2.10 -29.46 -45.37
CA GLY K 45 -2.15 -28.15 -46.01
C GLY K 45 -1.76 -28.33 -47.47
N VAL K 46 -1.60 -27.24 -48.19
CA VAL K 46 -1.27 -27.32 -49.60
C VAL K 46 0.04 -26.58 -49.78
N ASP K 47 1.02 -27.20 -50.47
CA ASP K 47 2.35 -26.59 -50.63
C ASP K 47 2.37 -25.59 -51.80
N VAL K 48 3.55 -25.03 -52.08
CA VAL K 48 3.67 -23.98 -53.11
C VAL K 48 3.29 -24.49 -54.51
N ASP K 49 3.46 -25.79 -54.76
CA ASP K 49 3.03 -26.43 -56.01
C ASP K 49 1.55 -26.89 -56.02
N ASN K 50 0.75 -26.37 -55.08
CA ASN K 50 -0.67 -26.72 -54.96
C ASN K 50 -0.89 -28.20 -54.62
N LYS K 51 0.15 -28.85 -54.12
CA LYS K 51 0.10 -30.28 -53.82
C LYS K 51 -0.21 -30.50 -52.34
N LEU K 52 -1.00 -31.52 -52.06
CA LEU K 52 -1.28 -31.89 -50.69
C LEU K 52 -0.01 -32.18 -49.91
N THR K 53 0.07 -31.64 -48.69
CA THR K 53 1.25 -31.86 -47.86
C THR K 53 0.87 -32.02 -46.38
N GLY K 54 1.46 -33.04 -45.75
CA GLY K 54 1.25 -33.33 -44.36
C GLY K 54 1.15 -34.82 -44.14
N GLY K 55 0.38 -35.22 -43.13
CA GLY K 55 0.30 -36.62 -42.73
C GLY K 55 0.04 -36.73 -41.24
N PRO K 56 0.62 -37.74 -40.59
CA PRO K 56 0.49 -37.92 -39.15
C PRO K 56 0.84 -36.65 -38.38
N ILE K 57 0.13 -36.39 -37.31
CA ILE K 57 0.33 -35.15 -36.51
C ILE K 57 1.75 -35.03 -35.89
N GLN K 58 2.48 -36.15 -35.78
CA GLN K 58 3.89 -36.10 -35.38
C GLN K 58 4.68 -35.09 -36.26
N GLY K 59 4.37 -35.04 -37.54
CA GLY K 59 5.05 -34.10 -38.43
C GLY K 59 4.87 -32.63 -38.02
N LEU K 60 3.72 -32.31 -37.44
CA LEU K 60 3.49 -30.97 -36.89
C LEU K 60 4.48 -30.71 -35.75
N PHE K 61 4.60 -31.69 -34.85
CA PHE K 61 5.45 -31.55 -33.68
C PHE K 61 6.89 -31.43 -34.08
N ASP K 62 7.30 -32.10 -35.17
CA ASP K 62 8.65 -31.96 -35.72
C ASP K 62 8.97 -30.55 -36.23
N VAL K 63 8.04 -29.94 -36.97
CA VAL K 63 8.17 -28.54 -37.45
C VAL K 63 8.21 -27.53 -36.29
N ILE K 64 7.37 -27.75 -35.28
CA ILE K 64 7.31 -26.84 -34.11
C ILE K 64 8.64 -26.87 -33.40
N ASP K 65 9.17 -28.07 -33.19
CA ASP K 65 10.41 -28.22 -32.44
C ASP K 65 11.68 -27.91 -33.26
N ASN K 66 11.68 -28.18 -34.57
CA ASN K 66 12.88 -28.03 -35.40
C ASN K 66 12.89 -26.85 -36.37
N VAL K 67 11.76 -26.19 -36.58
CA VAL K 67 11.68 -25.04 -37.48
C VAL K 67 11.30 -23.78 -36.70
N PHE K 68 10.25 -23.89 -35.89
CA PHE K 68 9.72 -22.73 -35.21
C PHE K 68 10.67 -22.23 -34.10
N HIS K 69 10.62 -20.92 -33.86
N HIS K 69 10.61 -20.92 -33.87
CA HIS K 69 11.29 -20.35 -32.72
CA HIS K 69 11.29 -20.28 -32.76
C HIS K 69 10.24 -19.64 -31.88
C HIS K 69 10.23 -19.61 -31.88
N PRO K 70 10.50 -19.48 -30.57
CA PRO K 70 9.58 -18.75 -29.72
C PRO K 70 9.21 -17.40 -30.32
N SER K 71 7.91 -17.06 -30.29
CA SER K 71 7.39 -15.87 -30.96
C SER K 71 6.55 -15.01 -30.04
N PRO K 72 7.22 -14.17 -29.22
CA PRO K 72 6.44 -13.31 -28.31
C PRO K 72 5.43 -12.36 -28.99
N GLU K 73 5.62 -12.03 -30.26
CA GLU K 73 4.66 -11.20 -30.98
C GLU K 73 3.40 -11.98 -31.46
N ALA K 74 3.40 -13.32 -31.31
CA ALA K 74 2.29 -14.17 -31.78
C ALA K 74 0.96 -13.84 -31.13
N LYS K 75 -0.08 -13.68 -31.96
CA LYS K 75 -1.41 -13.33 -31.49
C LYS K 75 -2.34 -14.29 -32.22
N ALA K 76 -3.06 -15.09 -31.43
CA ALA K 76 -4.07 -16.05 -31.93
C ALA K 76 -5.49 -15.64 -31.54
N ALA K 77 -6.45 -15.91 -32.43
CA ALA K 77 -7.87 -15.61 -32.20
C ALA K 77 -8.61 -16.92 -32.50
N ILE K 78 -9.32 -17.44 -31.51
CA ILE K 78 -10.25 -18.54 -31.77
C ILE K 78 -11.53 -17.95 -32.34
N ALA K 79 -11.58 -17.89 -33.66
CA ALA K 79 -12.61 -17.21 -34.42
C ALA K 79 -14.00 -17.80 -34.25
N ARG K 80 -14.05 -19.13 -34.12
CA ARG K 80 -15.28 -19.90 -34.12
C ARG K 80 -15.08 -21.26 -33.52
N ILE K 81 -16.00 -21.65 -32.65
CA ILE K 81 -16.17 -23.05 -32.21
C ILE K 81 -17.63 -23.44 -32.40
N ASP K 82 -17.86 -24.43 -33.29
CA ASP K 82 -19.20 -24.98 -33.54
C ASP K 82 -19.27 -26.27 -32.76
N ILE K 83 -20.27 -26.46 -31.92
CA ILE K 83 -20.34 -27.67 -31.07
C ILE K 83 -21.68 -28.37 -31.24
N VAL K 84 -21.67 -29.65 -31.61
CA VAL K 84 -22.86 -30.46 -31.73
C VAL K 84 -22.57 -31.81 -31.09
N GLY K 85 -23.13 -32.01 -29.91
CA GLY K 85 -22.87 -33.21 -29.12
C GLY K 85 -21.40 -33.49 -28.84
N THR K 86 -20.94 -34.62 -29.39
CA THR K 86 -19.59 -35.14 -29.20
C THR K 86 -18.61 -34.65 -30.28
N ALA K 87 -19.11 -33.79 -31.18
CA ALA K 87 -18.32 -33.26 -32.35
C ALA K 87 -18.24 -31.75 -32.30
N ALA K 88 -17.11 -31.25 -32.74
CA ALA K 88 -16.90 -29.83 -32.77
C ALA K 88 -15.93 -29.47 -33.88
N SER K 89 -16.13 -28.26 -34.41
CA SER K 89 -15.23 -27.67 -35.40
C SER K 89 -14.81 -26.29 -34.94
N ALA K 90 -13.53 -25.98 -35.11
CA ALA K 90 -12.98 -24.71 -34.65
C ALA K 90 -12.11 -24.05 -35.74
N ARG K 91 -12.10 -22.74 -35.75
CA ARG K 91 -11.21 -21.95 -36.61
C ARG K 91 -10.28 -21.14 -35.70
N ILE K 92 -8.97 -21.22 -35.91
CA ILE K 92 -8.01 -20.35 -35.20
C ILE K 92 -7.18 -19.57 -36.20
N ASP K 93 -7.11 -18.24 -36.03
CA ASP K 93 -6.25 -17.40 -36.87
C ASP K 93 -5.10 -16.95 -36.03
N THR K 94 -3.88 -16.99 -36.60
CA THR K 94 -2.67 -16.63 -35.86
C THR K 94 -1.79 -15.70 -36.73
N ASP K 95 -1.39 -14.57 -36.14
CA ASP K 95 -0.45 -13.63 -36.75
C ASP K 95 0.92 -13.79 -36.10
N ASP K 96 1.99 -13.61 -36.88
CA ASP K 96 3.37 -13.42 -36.35
C ASP K 96 3.83 -14.62 -35.51
N ILE K 97 3.60 -15.81 -36.04
CA ILE K 97 4.09 -17.03 -35.44
C ILE K 97 5.26 -17.52 -36.33
N SER K 98 6.48 -17.32 -35.85
CA SER K 98 7.70 -17.66 -36.61
C SER K 98 7.67 -17.14 -38.03
N GLY K 99 7.29 -15.87 -38.17
CA GLY K 99 7.23 -15.20 -39.48
C GLY K 99 6.02 -15.50 -40.33
N PHE K 100 5.07 -16.29 -39.83
CA PHE K 100 3.91 -16.71 -40.63
C PHE K 100 2.58 -16.18 -40.09
N ARG K 101 1.59 -16.19 -40.98
N ARG K 101 1.61 -16.03 -40.99
CA ARG K 101 0.22 -15.84 -40.68
CA ARG K 101 0.21 -15.86 -40.64
C ARG K 101 -0.64 -17.02 -41.18
C ARG K 101 -0.50 -17.12 -41.12
N PHE K 102 -1.37 -17.67 -40.27
CA PHE K 102 -2.16 -18.86 -40.61
C PHE K 102 -3.64 -18.67 -40.30
N THR K 103 -4.48 -19.38 -41.07
CA THR K 103 -5.80 -19.78 -40.61
C THR K 103 -5.82 -21.30 -40.53
N ASP K 104 -6.26 -21.82 -39.36
CA ASP K 104 -6.35 -23.24 -39.07
C ASP K 104 -7.82 -23.62 -38.87
N PHE K 105 -8.18 -24.79 -39.39
CA PHE K 105 -9.44 -25.46 -39.09
C PHE K 105 -9.19 -26.79 -38.41
N PHE K 106 -9.93 -27.02 -37.33
CA PHE K 106 -9.78 -28.17 -36.48
C PHE K 106 -11.11 -28.98 -36.38
N ASN K 107 -11.01 -30.31 -36.43
CA ASN K 107 -12.15 -31.19 -36.11
C ASN K 107 -11.82 -31.84 -34.78
N LEU K 108 -12.75 -31.77 -33.83
CA LEU K 108 -12.56 -32.28 -32.51
C LEU K 108 -13.67 -33.24 -32.13
N LEU K 109 -13.32 -34.22 -31.31
CA LEU K 109 -14.31 -35.17 -30.76
C LEU K 109 -14.19 -35.25 -29.24
N LYS K 110 -15.31 -35.46 -28.55
CA LYS K 110 -15.29 -35.54 -27.10
C LYS K 110 -15.13 -37.04 -26.80
N VAL K 111 -13.92 -37.43 -26.46
CA VAL K 111 -13.53 -38.84 -26.32
C VAL K 111 -13.35 -39.12 -24.84
N GLU K 112 -14.14 -40.04 -24.30
N GLU K 112 -14.14 -40.07 -24.32
CA GLU K 112 -14.04 -40.41 -22.88
CA GLU K 112 -14.17 -40.41 -22.89
C GLU K 112 -14.12 -39.17 -21.97
C GLU K 112 -14.14 -39.18 -21.99
N GLY K 113 -15.05 -38.26 -22.29
CA GLY K 113 -15.24 -37.05 -21.53
C GLY K 113 -14.31 -35.87 -21.79
N LYS K 114 -13.36 -36.02 -22.71
CA LYS K 114 -12.37 -34.99 -22.98
C LYS K 114 -12.25 -34.75 -24.50
N TRP K 115 -12.29 -33.47 -24.86
CA TRP K 115 -12.15 -33.03 -26.25
C TRP K 115 -10.74 -33.25 -26.75
N THR K 116 -10.63 -33.72 -27.98
CA THR K 116 -9.33 -34.04 -28.61
C THR K 116 -9.39 -33.67 -30.10
N VAL K 117 -8.30 -33.13 -30.65
CA VAL K 117 -8.23 -32.83 -32.08
C VAL K 117 -7.89 -34.11 -32.86
N VAL K 118 -8.66 -34.41 -33.90
CA VAL K 118 -8.35 -35.51 -34.83
C VAL K 118 -7.87 -35.00 -36.18
N SER K 119 -8.15 -33.72 -36.50
CA SER K 119 -7.66 -33.18 -37.78
C SER K 119 -7.41 -31.72 -37.67
N LYS K 120 -6.25 -31.30 -38.13
CA LYS K 120 -5.95 -29.89 -38.37
C LYS K 120 -5.65 -29.70 -39.85
N ILE K 121 -6.20 -28.65 -40.45
CA ILE K 121 -5.73 -28.17 -41.75
C ILE K 121 -5.44 -26.71 -41.64
N TYR K 122 -4.74 -26.16 -42.61
CA TYR K 122 -4.32 -24.77 -42.52
C TYR K 122 -4.14 -24.18 -43.89
N HIS K 123 -4.28 -22.86 -43.92
CA HIS K 123 -3.87 -22.01 -45.03
C HIS K 123 -2.83 -21.01 -44.56
N THR K 124 -1.72 -20.93 -45.32
CA THR K 124 -0.60 -20.02 -45.00
C THR K 124 -0.82 -18.76 -45.82
N HIS K 125 -1.01 -17.65 -45.13
CA HIS K 125 -1.25 -16.37 -45.80
C HIS K 125 0.06 -15.80 -46.31
N PRO K 126 0.00 -15.07 -47.44
CA PRO K 126 1.18 -14.49 -48.10
C PRO K 126 1.82 -13.36 -47.30
N ASN L 4 -7.93 -13.80 -57.26
CA ASN L 4 -8.31 -14.52 -58.53
C ASN L 4 -9.74 -15.11 -58.49
N THR L 5 -10.10 -15.73 -57.36
N THR L 5 -10.13 -15.66 -57.34
CA THR L 5 -11.44 -16.29 -57.18
CA THR L 5 -11.44 -16.32 -57.18
C THR L 5 -12.20 -15.57 -56.07
C THR L 5 -12.21 -15.78 -55.96
N THR L 6 -13.53 -15.65 -56.11
CA THR L 6 -14.36 -15.03 -55.07
C THR L 6 -14.86 -16.11 -54.12
N TYR L 7 -15.38 -15.64 -53.00
N TYR L 7 -15.38 -15.69 -52.96
CA TYR L 7 -16.06 -16.47 -52.05
CA TYR L 7 -16.04 -16.62 -52.05
C TYR L 7 -17.15 -17.30 -52.72
C TYR L 7 -17.14 -17.36 -52.77
N VAL L 8 -18.01 -16.65 -53.50
CA VAL L 8 -19.16 -17.35 -54.16
C VAL L 8 -18.67 -18.45 -55.12
N GLN L 9 -17.61 -18.14 -55.89
CA GLN L 9 -17.02 -19.14 -56.78
C GLN L 9 -16.48 -20.34 -56.03
N GLU L 10 -15.75 -20.11 -54.93
CA GLU L 10 -15.22 -21.25 -54.18
C GLU L 10 -16.33 -22.02 -53.47
N TYR L 11 -17.32 -21.31 -52.92
CA TYR L 11 -18.51 -21.91 -52.33
C TYR L 11 -19.19 -22.88 -53.31
N HIS L 12 -19.42 -22.44 -54.54
N HIS L 12 -19.41 -22.41 -54.55
CA HIS L 12 -20.12 -23.32 -55.47
CA HIS L 12 -20.01 -23.23 -55.63
C HIS L 12 -19.25 -24.53 -55.89
C HIS L 12 -19.23 -24.51 -55.83
N ALA L 13 -17.92 -24.35 -55.93
CA ALA L 13 -16.99 -25.46 -56.13
C ALA L 13 -17.04 -26.50 -55.00
N ILE L 14 -17.02 -26.02 -53.75
CA ILE L 14 -17.12 -26.89 -52.60
C ILE L 14 -18.48 -27.63 -52.50
N VAL L 15 -19.58 -26.94 -52.81
CA VAL L 15 -20.89 -27.56 -52.81
C VAL L 15 -20.98 -28.68 -53.85
N GLU L 16 -20.34 -28.51 -55.00
CA GLU L 16 -20.25 -29.58 -56.00
C GLU L 16 -19.58 -30.83 -55.47
N VAL L 17 -18.51 -30.65 -54.68
CA VAL L 17 -17.84 -31.78 -54.02
C VAL L 17 -18.72 -32.38 -52.94
N LEU L 18 -19.24 -31.53 -52.06
CA LEU L 18 -20.08 -31.99 -50.95
C LEU L 18 -21.40 -32.64 -51.41
N SER L 19 -21.93 -32.19 -52.54
N SER L 19 -21.93 -32.20 -52.54
CA SER L 19 -23.12 -32.79 -53.15
CA SER L 19 -23.13 -32.82 -53.13
C SER L 19 -22.94 -34.27 -53.52
C SER L 19 -22.93 -34.29 -53.48
N LYS L 20 -21.72 -34.65 -53.91
CA LYS L 20 -21.37 -36.04 -54.17
C LYS L 20 -21.44 -36.88 -52.92
N TYR L 21 -20.96 -36.32 -51.82
CA TYR L 21 -21.10 -36.95 -50.54
C TYR L 21 -22.57 -37.16 -50.16
N ASN L 22 -23.37 -36.10 -50.28
CA ASN L 22 -24.78 -36.20 -49.90
C ASN L 22 -25.50 -37.23 -50.80
N GLU L 23 -25.23 -37.17 -52.11
CA GLU L 23 -25.88 -38.11 -53.06
C GLU L 23 -25.45 -39.56 -52.80
N GLY L 24 -24.17 -39.78 -52.54
CA GLY L 24 -23.67 -41.12 -52.24
C GLY L 24 -24.29 -41.67 -50.96
N GLY L 25 -24.46 -40.82 -49.96
CA GLY L 25 -25.11 -41.23 -48.70
C GLY L 25 -26.54 -41.67 -48.93
N LYS L 26 -27.29 -40.84 -49.65
CA LYS L 26 -28.71 -41.03 -49.89
C LYS L 26 -28.96 -42.26 -50.77
N LYS L 27 -28.08 -42.51 -51.73
CA LYS L 27 -28.20 -43.67 -52.60
C LYS L 27 -27.51 -44.91 -52.03
N ALA L 28 -26.84 -44.76 -50.88
CA ALA L 28 -25.98 -45.80 -50.31
C ALA L 28 -25.03 -46.40 -51.36
N ASP L 29 -24.32 -45.52 -52.07
CA ASP L 29 -23.42 -45.93 -53.12
C ASP L 29 -22.09 -45.16 -52.94
N SER L 30 -21.09 -45.85 -52.41
CA SER L 30 -19.84 -45.20 -52.06
C SER L 30 -19.12 -44.71 -53.30
N THR L 31 -19.41 -45.31 -54.47
CA THR L 31 -18.69 -44.94 -55.67
C THR L 31 -19.00 -43.51 -56.05
N ILE L 32 -20.20 -43.02 -55.72
CA ILE L 32 -20.61 -41.62 -56.02
C ILE L 32 -19.84 -40.60 -55.16
N MSE L 33 -19.66 -40.91 -53.86
CA MSE L 33 -18.97 -40.04 -52.88
C MSE L 33 -17.44 -40.11 -52.88
O MSE L 33 -16.75 -39.16 -52.47
CB MSE L 33 -19.48 -40.29 -51.45
CG MSE L 33 -19.33 -41.66 -50.86
SE MSE L 33 -19.49 -41.67 -48.91
CE MSE L 33 -21.42 -41.25 -48.80
N ARG L 34 -16.92 -41.24 -53.31
CA ARG L 34 -15.47 -41.49 -53.25
C ARG L 34 -14.66 -40.34 -53.89
N PRO L 35 -15.09 -39.80 -55.06
CA PRO L 35 -14.34 -38.65 -55.62
C PRO L 35 -14.23 -37.39 -54.75
N ALA L 36 -15.10 -37.24 -53.73
CA ALA L 36 -15.01 -36.10 -52.79
C ALA L 36 -13.85 -36.19 -51.79
N PHE L 37 -13.29 -37.39 -51.58
CA PHE L 37 -12.31 -37.62 -50.54
C PHE L 37 -10.91 -37.88 -51.08
N SER L 38 -9.95 -37.30 -50.38
CA SER L 38 -8.56 -37.57 -50.64
C SER L 38 -8.31 -39.01 -50.23
N SER L 39 -7.38 -39.66 -50.93
CA SER L 39 -6.89 -40.99 -50.52
C SER L 39 -6.38 -40.95 -49.09
N GLN L 40 -6.00 -39.77 -48.62
CA GLN L 40 -5.46 -39.59 -47.28
C GLN L 40 -6.53 -39.27 -46.22
N ALA L 41 -7.81 -39.24 -46.60
CA ALA L 41 -8.86 -38.79 -45.68
C ALA L 41 -9.06 -39.77 -44.52
N THR L 42 -9.50 -39.24 -43.40
CA THR L 42 -9.92 -40.03 -42.25
C THR L 42 -11.37 -39.75 -41.93
N ILE L 43 -11.98 -40.69 -41.22
CA ILE L 43 -13.31 -40.50 -40.67
C ILE L 43 -13.28 -40.89 -39.23
N PHE L 44 -13.84 -40.06 -38.36
CA PHE L 44 -13.94 -40.36 -36.95
C PHE L 44 -15.23 -39.88 -36.29
N GLY L 45 -15.67 -40.67 -35.31
CA GLY L 45 -16.70 -40.30 -34.38
C GLY L 45 -16.47 -40.99 -33.04
N VAL L 46 -17.47 -40.91 -32.16
CA VAL L 46 -17.36 -41.52 -30.82
C VAL L 46 -18.40 -42.61 -30.75
N ASP L 47 -18.03 -43.78 -30.21
CA ASP L 47 -18.99 -44.87 -30.13
C ASP L 47 -19.89 -44.75 -28.87
N VAL L 48 -20.76 -45.75 -28.67
CA VAL L 48 -21.68 -45.75 -27.51
C VAL L 48 -20.96 -45.80 -26.15
N ASP L 49 -19.71 -46.26 -26.15
CA ASP L 49 -18.88 -46.27 -24.94
C ASP L 49 -18.01 -45.04 -24.79
N ASN L 50 -18.24 -44.05 -25.65
CA ASN L 50 -17.52 -42.80 -25.66
C ASN L 50 -16.09 -42.90 -26.21
N LYS L 51 -15.80 -43.99 -26.93
CA LYS L 51 -14.46 -44.21 -27.45
C LYS L 51 -14.37 -43.75 -28.89
N LEU L 52 -13.18 -43.31 -29.26
CA LEU L 52 -12.87 -42.94 -30.65
C LEU L 52 -13.05 -44.12 -31.58
N THR L 53 -13.85 -43.93 -32.61
CA THR L 53 -14.05 -44.99 -33.59
C THR L 53 -13.85 -44.43 -35.00
N GLY L 54 -13.12 -45.17 -35.82
CA GLY L 54 -12.91 -44.77 -37.21
C GLY L 54 -11.49 -45.00 -37.69
N GLY L 55 -11.05 -44.16 -38.62
CA GLY L 55 -9.72 -44.33 -39.21
C GLY L 55 -9.76 -43.99 -40.68
N PRO L 56 -9.15 -44.85 -41.51
CA PRO L 56 -9.13 -44.62 -42.96
C PRO L 56 -10.51 -44.45 -43.56
N ILE L 57 -10.62 -43.59 -44.56
CA ILE L 57 -11.91 -43.26 -45.16
C ILE L 57 -12.61 -44.48 -45.80
N GLN L 58 -11.83 -45.50 -46.20
CA GLN L 58 -12.41 -46.74 -46.69
C GLN L 58 -13.48 -47.32 -45.74
N GLY L 59 -13.31 -47.14 -44.43
CA GLY L 59 -14.32 -47.52 -43.43
C GLY L 59 -15.68 -46.86 -43.61
N LEU L 60 -15.69 -45.59 -44.00
CA LEU L 60 -16.95 -44.92 -44.41
C LEU L 60 -17.59 -45.63 -45.61
N PHE L 61 -16.77 -45.87 -46.64
CA PHE L 61 -17.23 -46.53 -47.87
C PHE L 61 -17.83 -47.91 -47.58
N ASP L 62 -17.17 -48.70 -46.74
CA ASP L 62 -17.66 -50.02 -46.25
C ASP L 62 -19.04 -49.92 -45.55
N VAL L 63 -19.18 -48.96 -44.64
CA VAL L 63 -20.46 -48.78 -43.92
C VAL L 63 -21.55 -48.39 -44.94
N ILE L 64 -21.21 -47.51 -45.89
CA ILE L 64 -22.18 -47.03 -46.88
C ILE L 64 -22.61 -48.21 -47.77
N ASP L 65 -21.64 -48.95 -48.28
CA ASP L 65 -21.93 -50.06 -49.15
C ASP L 65 -22.53 -51.31 -48.48
N ASN L 66 -22.18 -51.57 -47.22
CA ASN L 66 -22.64 -52.79 -46.59
C ASN L 66 -23.71 -52.64 -45.50
N VAL L 67 -23.85 -51.47 -44.93
CA VAL L 67 -24.72 -51.26 -43.78
C VAL L 67 -25.91 -50.36 -44.13
N PHE L 68 -25.64 -49.24 -44.81
CA PHE L 68 -26.70 -48.30 -45.23
C PHE L 68 -27.62 -48.90 -46.30
N HIS L 69 -28.82 -48.37 -46.35
CA HIS L 69 -29.80 -48.67 -47.40
C HIS L 69 -30.13 -47.36 -48.09
N PRO L 70 -30.50 -47.43 -49.38
CA PRO L 70 -30.96 -46.20 -50.04
C PRO L 70 -32.06 -45.48 -49.22
N SER L 71 -31.92 -44.16 -49.12
CA SER L 71 -32.79 -43.35 -48.27
C SER L 71 -33.37 -42.22 -49.08
N PRO L 72 -34.45 -42.52 -49.83
CA PRO L 72 -35.12 -41.50 -50.65
C PRO L 72 -35.62 -40.29 -49.86
N GLU L 73 -36.04 -40.49 -48.61
CA GLU L 73 -36.50 -39.37 -47.76
C GLU L 73 -35.36 -38.64 -46.99
N ALA L 74 -34.11 -39.01 -47.24
CA ALA L 74 -32.99 -38.31 -46.57
C ALA L 74 -32.95 -36.83 -47.02
N LYS L 75 -32.71 -35.92 -46.08
CA LYS L 75 -32.62 -34.50 -46.36
C LYS L 75 -31.37 -33.90 -45.71
N ALA L 76 -30.54 -33.26 -46.52
CA ALA L 76 -29.24 -32.73 -46.08
C ALA L 76 -29.33 -31.21 -46.10
N ALA L 77 -28.65 -30.55 -45.17
CA ALA L 77 -28.45 -29.11 -45.20
C ALA L 77 -26.96 -28.82 -45.06
N ILE L 78 -26.37 -28.12 -46.03
CA ILE L 78 -25.01 -27.59 -45.90
C ILE L 78 -25.09 -26.29 -45.07
N ALA L 79 -25.05 -26.49 -43.76
CA ALA L 79 -25.28 -25.45 -42.78
C ALA L 79 -24.28 -24.27 -42.88
N ARG L 80 -23.03 -24.59 -43.20
CA ARG L 80 -21.92 -23.62 -43.18
C ARG L 80 -20.76 -24.11 -44.02
N ILE L 81 -20.16 -23.20 -44.79
CA ILE L 81 -18.86 -23.38 -45.36
C ILE L 81 -18.04 -22.12 -45.13
N ASP L 82 -16.97 -22.28 -44.36
CA ASP L 82 -15.98 -21.23 -44.10
C ASP L 82 -14.83 -21.51 -45.06
N ILE L 83 -14.41 -20.48 -45.78
CA ILE L 83 -13.37 -20.63 -46.84
C ILE L 83 -12.31 -19.59 -46.61
N VAL L 84 -11.08 -20.02 -46.43
CA VAL L 84 -9.96 -19.09 -46.33
C VAL L 84 -8.83 -19.63 -47.22
N GLY L 85 -8.61 -19.00 -48.38
CA GLY L 85 -7.59 -19.43 -49.33
C GLY L 85 -7.81 -20.88 -49.79
N THR L 86 -6.83 -21.73 -49.49
CA THR L 86 -6.80 -23.13 -49.92
C THR L 86 -7.47 -24.09 -48.93
N ALA L 87 -7.98 -23.54 -47.82
CA ALA L 87 -8.56 -24.31 -46.70
C ALA L 87 -10.02 -23.95 -46.51
N ALA L 88 -10.85 -24.94 -46.18
CA ALA L 88 -12.25 -24.69 -45.88
C ALA L 88 -12.75 -25.68 -44.84
N SER L 89 -13.75 -25.26 -44.07
N SER L 89 -13.75 -25.25 -44.08
CA SER L 89 -14.47 -26.22 -43.28
CA SER L 89 -14.48 -26.11 -43.14
C SER L 89 -15.93 -26.13 -43.64
C SER L 89 -15.97 -26.07 -43.44
N ALA L 90 -16.62 -27.22 -43.40
CA ALA L 90 -18.03 -27.28 -43.66
C ALA L 90 -18.77 -28.08 -42.62
N ARG L 91 -20.02 -27.74 -42.43
CA ARG L 91 -20.94 -28.49 -41.58
C ARG L 91 -22.12 -28.93 -42.45
N ILE L 92 -22.43 -30.22 -42.38
CA ILE L 92 -23.62 -30.79 -43.01
C ILE L 92 -24.46 -31.53 -41.97
N ASP L 93 -25.73 -31.19 -41.96
CA ASP L 93 -26.71 -31.89 -41.16
C ASP L 93 -27.62 -32.71 -42.06
N THR L 94 -27.87 -33.96 -41.68
CA THR L 94 -28.67 -34.86 -42.48
C THR L 94 -29.72 -35.58 -41.62
N ASP L 95 -30.98 -35.56 -42.08
CA ASP L 95 -32.10 -36.18 -41.37
C ASP L 95 -32.44 -37.45 -42.17
N ASP L 96 -32.85 -38.52 -41.48
CA ASP L 96 -33.50 -39.67 -42.13
C ASP L 96 -32.63 -40.32 -43.19
N ILE L 97 -31.35 -40.53 -42.84
CA ILE L 97 -30.45 -41.31 -43.66
C ILE L 97 -30.23 -42.70 -43.01
N SER L 98 -30.79 -43.73 -43.65
N SER L 98 -30.78 -43.74 -43.64
CA SER L 98 -30.74 -45.12 -43.18
CA SER L 98 -30.68 -45.13 -43.15
C SER L 98 -31.07 -45.27 -41.69
C SER L 98 -31.06 -45.26 -41.66
N GLY L 99 -32.08 -44.52 -41.24
CA GLY L 99 -32.54 -44.55 -39.85
C GLY L 99 -31.81 -43.60 -38.90
N PHE L 100 -30.85 -42.84 -39.45
CA PHE L 100 -30.01 -41.96 -38.62
C PHE L 100 -30.22 -40.47 -38.89
N ARG L 101 -29.77 -39.64 -37.94
CA ARG L 101 -29.65 -38.20 -38.09
C ARG L 101 -28.24 -37.83 -37.64
N PHE L 102 -27.52 -37.13 -38.50
CA PHE L 102 -26.13 -36.79 -38.29
C PHE L 102 -25.88 -35.30 -38.37
N THR L 103 -24.87 -34.84 -37.64
CA THR L 103 -24.13 -33.65 -37.98
C THR L 103 -22.70 -34.06 -38.30
N ASP L 104 -22.21 -33.58 -39.44
CA ASP L 104 -20.92 -33.90 -40.00
C ASP L 104 -20.11 -32.60 -40.08
N PHE L 105 -18.86 -32.66 -39.64
CA PHE L 105 -17.91 -31.60 -39.91
C PHE L 105 -16.79 -32.09 -40.83
N PHE L 106 -16.47 -31.26 -41.84
CA PHE L 106 -15.48 -31.55 -42.90
C PHE L 106 -14.39 -30.50 -42.96
N ASN L 107 -13.15 -30.98 -43.01
CA ASN L 107 -12.03 -30.18 -43.39
C ASN L 107 -11.69 -30.51 -44.83
N LEU L 108 -11.56 -29.45 -45.65
CA LEU L 108 -11.24 -29.57 -47.06
C LEU L 108 -10.09 -28.66 -47.46
N LEU L 109 -9.37 -29.10 -48.50
CA LEU L 109 -8.22 -28.35 -49.05
C LEU L 109 -8.37 -28.29 -50.54
N LYS L 110 -7.94 -27.18 -51.13
CA LYS L 110 -7.92 -26.99 -52.56
C LYS L 110 -6.59 -27.50 -53.11
N VAL L 111 -6.61 -28.74 -53.59
CA VAL L 111 -5.40 -29.48 -54.02
C VAL L 111 -5.39 -29.50 -55.55
N GLU L 112 -4.31 -28.97 -56.13
CA GLU L 112 -4.15 -28.93 -57.57
C GLU L 112 -5.42 -28.41 -58.25
N GLY L 113 -5.94 -27.32 -57.68
CA GLY L 113 -7.09 -26.58 -58.20
C GLY L 113 -8.48 -27.15 -57.91
N LYS L 114 -8.54 -28.28 -57.19
CA LYS L 114 -9.81 -28.92 -56.88
C LYS L 114 -9.96 -29.22 -55.38
N TRP L 115 -11.13 -28.90 -54.83
CA TRP L 115 -11.40 -29.11 -53.40
C TRP L 115 -11.59 -30.60 -53.07
N THR L 116 -11.05 -31.01 -51.93
CA THR L 116 -11.04 -32.40 -51.51
C THR L 116 -11.19 -32.45 -50.02
N VAL L 117 -11.98 -33.40 -49.55
CA VAL L 117 -12.11 -33.64 -48.12
C VAL L 117 -10.93 -34.45 -47.56
N VAL L 118 -10.31 -33.94 -46.51
CA VAL L 118 -9.24 -34.70 -45.83
C VAL L 118 -9.62 -35.23 -44.46
N SER L 119 -10.70 -34.70 -43.90
CA SER L 119 -11.24 -35.21 -42.62
C SER L 119 -12.74 -35.04 -42.53
N LYS L 120 -13.43 -36.10 -42.13
CA LYS L 120 -14.81 -35.97 -41.68
C LYS L 120 -14.97 -36.49 -40.26
N ILE L 121 -15.69 -35.72 -39.45
CA ILE L 121 -16.17 -36.21 -38.17
C ILE L 121 -17.68 -36.11 -38.11
N TYR L 122 -18.29 -36.84 -37.19
CA TYR L 122 -19.73 -36.80 -37.11
C TYR L 122 -20.16 -36.97 -35.68
N HIS L 123 -21.35 -36.48 -35.40
CA HIS L 123 -22.11 -36.81 -34.22
C HIS L 123 -23.42 -37.42 -34.69
N THR L 124 -23.79 -38.53 -34.08
CA THR L 124 -25.06 -39.19 -34.36
C THR L 124 -26.10 -38.76 -33.33
N HIS L 125 -27.18 -38.16 -33.81
CA HIS L 125 -28.24 -37.72 -32.90
C HIS L 125 -29.16 -38.89 -32.51
N PRO L 126 -29.80 -38.82 -31.33
CA PRO L 126 -30.82 -39.81 -30.97
C PRO L 126 -32.05 -39.75 -31.87
C1 EDO M . 13.37 17.29 52.75
O1 EDO M . 12.92 16.60 51.58
C2 EDO M . 12.80 18.70 52.72
O2 EDO M . 13.49 19.52 53.67
C1 EDO N . 9.65 3.26 43.64
O1 EDO N . 9.44 1.85 43.90
C2 EDO N . 9.11 3.69 42.29
O2 EDO N . 8.15 4.74 42.42
C1 EDO O . 26.46 -0.49 54.93
O1 EDO O . 26.92 -0.63 56.28
C2 EDO O . 25.12 0.23 54.89
O2 EDO O . 25.35 1.63 54.80
C1 PEG P . 30.41 -2.66 46.25
O1 PEG P . 29.54 -3.52 47.01
C2 PEG P . 31.75 -3.34 45.92
O2 PEG P . 32.48 -2.62 44.91
C3 PEG P . 32.86 -1.28 45.24
C4 PEG P . 34.31 -1.01 44.82
O4 PEG P . 34.76 0.26 45.32
C1 EDO Q . 48.06 27.04 27.58
O1 EDO Q . 48.88 25.89 27.54
C2 EDO Q . 47.04 27.03 26.45
O2 EDO Q . 46.68 28.40 26.21
C1 EDO R . 40.57 19.20 30.66
O1 EDO R . 41.82 19.27 31.33
C2 EDO R . 40.80 19.66 29.23
O2 EDO R . 40.07 18.85 28.30
C1 EDO S . 41.20 21.39 42.81
O1 EDO S . 42.51 21.63 43.37
C2 EDO S . 40.14 22.14 43.60
O2 EDO S . 40.39 23.54 43.45
C1 EDO T . 14.09 28.32 33.89
O1 EDO T . 14.12 29.19 35.05
C2 EDO T . 12.85 27.42 33.90
O2 EDO T . 12.01 27.77 32.80
C1 EDO U . 20.97 20.30 11.56
O1 EDO U . 22.36 20.07 11.30
C2 EDO U . 20.84 20.79 12.99
O2 EDO U . 19.59 20.48 13.64
C1 EDO V . -8.76 -14.49 6.48
O1 EDO V . -8.50 -15.16 7.73
C2 EDO V . -9.53 -15.35 5.48
O2 EDO V . -8.65 -16.32 4.88
C1 EDO W . -31.13 6.43 9.63
O1 EDO W . -30.22 5.65 10.42
C2 EDO W . -31.14 5.82 8.24
O2 EDO W . -30.00 6.28 7.49
C1 EDO X . -9.57 13.57 7.51
O1 EDO X . -9.06 14.82 7.97
C2 EDO X . -11.09 13.61 7.58
O2 EDO X . -11.68 13.33 6.30
C1 EDO Y . -4.30 -10.65 15.99
O1 EDO Y . -3.70 -10.72 17.29
C2 EDO Y . -3.27 -10.53 14.89
O2 EDO Y . -3.73 -10.86 13.55
C1 EDO Z . -1.91 0.57 25.93
O1 EDO Z . -2.41 -0.22 27.01
C2 EDO Z . -2.78 1.80 25.74
O2 EDO Z . -2.30 2.62 24.67
C1 EDO AA . -18.30 16.57 14.47
O1 EDO AA . -18.63 16.33 15.84
C2 EDO AA . -17.86 18.02 14.26
O2 EDO AA . -16.77 18.36 15.13
C1 EDO BA . -17.29 -9.69 25.27
O1 EDO BA . -16.46 -10.22 24.23
C2 EDO BA . -18.65 -10.41 25.31
O2 EDO BA . -19.46 -10.06 24.17
C1 EDO CA . -6.04 15.36 -1.23
O1 EDO CA . -6.96 14.32 -1.58
C2 EDO CA . -5.74 16.26 -2.43
O2 EDO CA . -4.60 17.09 -2.15
C1 EDO DA . 10.15 -11.47 14.04
O1 EDO DA . 10.96 -11.94 12.92
C2 EDO DA . 9.88 -9.96 13.98
O2 EDO DA . 9.91 -9.53 12.61
C1 PEG EA . -5.47 13.57 3.91
O1 PEG EA . -4.31 12.82 4.28
C2 PEG EA . -6.32 12.77 2.98
O2 PEG EA . -6.88 11.70 3.74
C3 PEG EA . -7.62 10.84 2.87
C4 PEG EA . -7.93 9.50 3.53
O4 PEG EA . -7.96 8.53 2.49
C1 EDO FA . 18.02 -7.89 -6.24
O1 EDO FA . 18.10 -8.91 -7.24
C2 EDO FA . 17.97 -6.54 -6.91
O2 EDO FA . 17.39 -6.58 -8.23
C1 EDO GA . -8.24 11.63 -4.07
O1 EDO GA . -7.89 12.08 -2.75
C2 EDO GA . -9.68 11.11 -4.14
O2 EDO GA . -10.49 12.06 -4.86
C1 EDO HA . -43.29 -14.00 -51.28
O1 EDO HA . -44.14 -15.06 -50.89
C2 EDO HA . -42.42 -14.38 -52.46
O2 EDO HA . -41.63 -13.26 -52.85
C1 EDO IA . -40.10 -26.30 -39.47
O1 EDO IA . -41.15 -26.21 -38.51
C2 EDO IA . -39.96 -24.98 -40.21
O2 EDO IA . -39.89 -23.89 -39.28
C1 EDO JA . -32.45 -25.82 -33.98
O1 EDO JA . -33.34 -26.69 -34.65
C2 EDO JA . -33.08 -25.47 -32.64
O2 EDO JA . -32.12 -24.97 -31.68
C1 EDO KA . -35.83 -12.30 -12.23
O1 EDO KA . -36.11 -12.67 -13.58
C2 EDO KA . -34.32 -12.31 -11.99
O2 EDO KA . -33.74 -11.07 -12.43
C1 EDO LA . -43.00 -5.11 -29.61
O1 EDO LA . -42.31 -5.36 -28.37
C2 EDO LA . -42.13 -5.00 -30.87
O2 EDO LA . -41.56 -3.68 -31.05
C1 EDO MA . 2.68 -39.94 -31.14
O1 EDO MA . 3.71 -39.08 -31.68
C2 EDO MA . 1.28 -39.41 -31.49
O2 EDO MA . 1.44 -38.48 -32.56
C1 EDO NA . -23.72 -28.38 -26.97
O1 EDO NA . -23.58 -28.69 -25.59
C2 EDO NA . -23.62 -29.69 -27.73
O2 EDO NA . -24.81 -29.97 -28.51
C1 EDO OA . -18.32 -38.20 -24.44
O1 EDO OA . -17.03 -38.78 -24.59
C2 EDO OA . -18.74 -38.33 -22.97
O2 EDO OA . -18.53 -37.11 -22.25
C1 EDO PA . 3.08 -34.73 -41.18
O1 EDO PA . 3.64 -36.05 -41.02
C2 EDO PA . 4.02 -33.88 -42.02
O2 EDO PA . 3.72 -32.50 -41.82
#